data_4A4H
#
_entry.id   4A4H
#
_cell.length_a   1.000
_cell.length_b   1.000
_cell.length_c   1.000
_cell.angle_alpha   90.00
_cell.angle_beta   90.00
_cell.angle_gamma   90.00
#
_symmetry.space_group_name_H-M   'P 1'
#
loop_
_entity.id
_entity.type
_entity.pdbx_description
1 polymer 'SURVIVAL OF MOTOR NEURON-RELATED-SPLICING FACTOR 30'
2 non-polymer NG,NG-DIMETHYL-L-ARGININE
#
_entity_poly.entity_id   1
_entity_poly.type   'polypeptide(L)'
_entity_poly.pdbx_seq_one_letter_code
;ASTQPTHSWKVGDKCMAVWSEDGQCYEAEIEEIDEENGTAAITFAGYGNAEVTPLLNLKPVEEG
;
_entity_poly.pdbx_strand_id   A
#
# COMPACT_ATOMS: atom_id res chain seq x y z
N ALA A 1 16.28 5.46 4.16
CA ALA A 1 15.38 5.36 5.28
C ALA A 1 14.39 6.51 5.24
N SER A 2 13.12 6.17 5.21
CA SER A 2 12.07 7.15 5.17
C SER A 2 10.93 6.73 6.11
N THR A 3 10.16 5.76 5.70
CA THR A 3 9.10 5.27 6.50
C THR A 3 9.53 4.00 7.21
N GLN A 4 9.50 4.04 8.52
CA GLN A 4 9.87 2.92 9.33
C GLN A 4 8.65 2.00 9.37
N PRO A 5 8.75 0.79 8.80
CA PRO A 5 7.63 -0.15 8.74
C PRO A 5 7.11 -0.55 10.10
N THR A 6 5.82 -0.52 10.23
CA THR A 6 5.14 -0.97 11.43
C THR A 6 4.35 -2.24 11.08
N HIS A 7 4.40 -2.58 9.81
CA HIS A 7 3.64 -3.69 9.31
C HIS A 7 4.53 -4.40 8.28
N SER A 8 4.45 -5.70 8.23
CA SER A 8 5.22 -6.48 7.29
C SER A 8 4.38 -6.76 6.06
N TRP A 9 4.79 -6.22 4.94
CA TRP A 9 4.07 -6.39 3.68
C TRP A 9 4.89 -7.19 2.68
N LYS A 10 4.21 -7.91 1.79
CA LYS A 10 4.88 -8.63 0.73
C LYS A 10 4.23 -8.27 -0.62
N VAL A 11 4.95 -8.52 -1.70
CA VAL A 11 4.48 -8.25 -3.05
C VAL A 11 3.29 -9.17 -3.39
N GLY A 12 2.24 -8.60 -3.95
CA GLY A 12 1.08 -9.39 -4.33
C GLY A 12 0.13 -9.59 -3.19
N ASP A 13 0.15 -8.66 -2.26
CA ASP A 13 -0.76 -8.74 -1.14
C ASP A 13 -1.81 -7.71 -1.32
N LYS A 14 -2.91 -7.95 -0.72
CA LYS A 14 -4.02 -7.08 -0.76
C LYS A 14 -4.00 -6.22 0.45
N CYS A 15 -4.14 -4.98 0.22
CA CYS A 15 -4.11 -4.04 1.28
C CYS A 15 -5.09 -2.95 0.98
N MET A 16 -5.25 -2.03 1.86
CA MET A 16 -6.03 -0.90 1.58
C MET A 16 -5.14 0.27 1.70
N ALA A 17 -5.17 1.09 0.73
CA ALA A 17 -4.29 2.20 0.66
C ALA A 17 -5.08 3.45 0.66
N VAL A 18 -4.48 4.49 1.13
CA VAL A 18 -5.09 5.77 1.15
C VAL A 18 -4.84 6.44 -0.17
N TRP A 19 -5.91 6.72 -0.89
CA TRP A 19 -5.84 7.34 -2.19
C TRP A 19 -5.33 8.74 -1.99
N SER A 20 -4.26 9.08 -2.64
CA SER A 20 -3.62 10.37 -2.50
C SER A 20 -4.58 11.52 -2.92
N GLU A 21 -5.55 11.21 -3.75
CA GLU A 21 -6.45 12.21 -4.26
C GLU A 21 -7.60 12.54 -3.30
N ASP A 22 -8.18 11.51 -2.69
CA ASP A 22 -9.33 11.74 -1.76
C ASP A 22 -8.95 11.57 -0.34
N GLY A 23 -7.83 10.92 -0.10
CA GLY A 23 -7.42 10.68 1.29
C GLY A 23 -8.21 9.55 1.94
N GLN A 24 -9.08 8.90 1.18
CA GLN A 24 -9.87 7.79 1.67
C GLN A 24 -9.14 6.48 1.40
N CYS A 25 -9.56 5.42 2.06
CA CYS A 25 -8.90 4.14 1.88
C CYS A 25 -9.63 3.31 0.83
N TYR A 26 -8.87 2.67 -0.04
CA TYR A 26 -9.39 1.82 -1.10
C TYR A 26 -8.57 0.56 -1.19
N GLU A 27 -9.14 -0.49 -1.75
CA GLU A 27 -8.47 -1.78 -1.85
C GLU A 27 -7.40 -1.73 -2.95
N ALA A 28 -6.21 -2.14 -2.63
CA ALA A 28 -5.10 -2.10 -3.55
C ALA A 28 -4.18 -3.28 -3.35
N GLU A 29 -3.50 -3.66 -4.40
CA GLU A 29 -2.56 -4.75 -4.34
C GLU A 29 -1.14 -4.23 -4.53
N ILE A 30 -0.25 -4.71 -3.70
CA ILE A 30 1.16 -4.35 -3.76
C ILE A 30 1.84 -4.96 -4.97
N GLU A 31 2.42 -4.11 -5.76
CA GLU A 31 3.14 -4.49 -6.95
C GLU A 31 4.63 -4.53 -6.70
N GLU A 32 5.10 -3.62 -5.91
CA GLU A 32 6.50 -3.49 -5.62
C GLU A 32 6.66 -2.86 -4.25
N ILE A 33 7.67 -3.26 -3.53
CA ILE A 33 7.97 -2.72 -2.21
C ILE A 33 9.36 -2.14 -2.21
N ASP A 34 9.53 -1.02 -1.57
CA ASP A 34 10.82 -0.45 -1.36
C ASP A 34 11.01 -0.31 0.13
N GLU A 35 11.68 -1.28 0.71
CA GLU A 35 11.88 -1.32 2.16
C GLU A 35 12.72 -0.16 2.69
N GLU A 36 13.57 0.42 1.84
CA GLU A 36 14.45 1.49 2.23
C GLU A 36 13.64 2.73 2.55
N ASN A 37 12.70 3.03 1.68
CA ASN A 37 11.82 4.16 1.87
C ASN A 37 10.63 3.77 2.69
N GLY A 38 10.43 2.48 2.82
CA GLY A 38 9.27 1.97 3.51
C GLY A 38 8.01 2.29 2.73
N THR A 39 8.10 2.14 1.44
CA THR A 39 7.01 2.46 0.56
C THR A 39 6.70 1.26 -0.28
N ALA A 40 5.51 1.23 -0.78
CA ALA A 40 5.12 0.20 -1.68
C ALA A 40 4.27 0.76 -2.79
N ALA A 41 4.49 0.26 -3.97
CA ALA A 41 3.74 0.61 -5.11
C ALA A 41 2.56 -0.29 -5.15
N ILE A 42 1.43 0.28 -5.13
CA ILE A 42 0.21 -0.46 -5.06
C ILE A 42 -0.72 -0.08 -6.20
N THR A 43 -1.55 -0.98 -6.56
CA THR A 43 -2.52 -0.77 -7.60
C THR A 43 -3.92 -0.97 -7.03
N PHE A 44 -4.73 0.07 -7.12
CA PHE A 44 -6.07 0.05 -6.63
C PHE A 44 -6.91 -0.85 -7.49
N ALA A 45 -7.43 -1.89 -6.88
CA ALA A 45 -8.19 -2.92 -7.57
C ALA A 45 -9.48 -2.38 -8.11
N GLY A 46 -9.77 -2.68 -9.34
CA GLY A 46 -10.99 -2.23 -9.95
C GLY A 46 -10.78 -1.00 -10.78
N TYR A 47 -10.02 -0.07 -10.25
CA TYR A 47 -9.74 1.15 -10.98
C TYR A 47 -8.54 0.96 -11.89
N GLY A 48 -7.50 0.32 -11.37
CA GLY A 48 -6.31 0.12 -12.15
C GLY A 48 -5.28 1.19 -11.91
N ASN A 49 -5.57 2.10 -11.00
CA ASN A 49 -4.62 3.16 -10.66
C ASN A 49 -3.55 2.63 -9.79
N ALA A 50 -2.42 3.24 -9.84
CA ALA A 50 -1.30 2.79 -9.09
C ALA A 50 -0.54 3.98 -8.58
N GLU A 51 -0.03 3.86 -7.39
CA GLU A 51 0.73 4.91 -6.78
C GLU A 51 1.73 4.31 -5.82
N VAL A 52 2.77 5.04 -5.51
CA VAL A 52 3.74 4.60 -4.53
C VAL A 52 3.37 5.25 -3.22
N THR A 53 2.98 4.46 -2.29
CA THR A 53 2.50 4.96 -1.03
C THR A 53 3.26 4.26 0.10
N PRO A 54 3.58 4.97 1.18
CA PRO A 54 4.33 4.42 2.29
C PRO A 54 3.54 3.31 2.97
N LEU A 55 4.24 2.33 3.50
CA LEU A 55 3.65 1.18 4.21
C LEU A 55 2.73 1.65 5.35
N LEU A 56 3.01 2.84 5.88
CA LEU A 56 2.21 3.43 6.94
C LEU A 56 0.79 3.72 6.47
N ASN A 57 0.65 3.91 5.15
CA ASN A 57 -0.65 4.22 4.56
C ASN A 57 -1.36 2.97 4.16
N LEU A 58 -0.65 1.88 4.16
CA LEU A 58 -1.23 0.62 3.83
C LEU A 58 -1.84 0.00 5.06
N LYS A 59 -3.08 -0.34 4.94
CA LYS A 59 -3.82 -0.96 6.00
C LYS A 59 -4.20 -2.36 5.54
N PRO A 60 -4.36 -3.31 6.46
CA PRO A 60 -4.80 -4.65 6.09
C PRO A 60 -6.25 -4.64 5.64
N VAL A 61 -6.62 -5.60 4.80
CA VAL A 61 -7.96 -5.70 4.31
C VAL A 61 -8.83 -6.36 5.36
N GLU A 62 -9.44 -5.56 6.16
CA GLU A 62 -10.30 -6.01 7.19
C GLU A 62 -11.71 -5.90 6.69
N GLU A 63 -12.35 -7.02 6.50
CA GLU A 63 -13.68 -7.05 5.90
C GLU A 63 -14.75 -6.83 6.95
N GLY A 64 -14.69 -5.68 7.52
CA GLY A 64 -15.64 -5.27 8.50
C GLY A 64 -14.98 -4.44 9.54
C1 DA2 B . -8.68 4.45 -5.41
C2 DA2 B . -7.77 4.87 -7.71
N DA2 B . -11.41 5.20 -13.05
CA DA2 B . -11.81 5.99 -11.90
CB DA2 B . -10.59 6.64 -11.26
CG DA2 B . -10.93 7.50 -10.05
CD DA2 B . -11.30 6.65 -8.85
NE DA2 B . -10.11 6.00 -8.31
CZ DA2 B . -9.98 5.53 -7.09
NH2 DA2 B . -10.94 5.63 -6.20
NH1 DA2 B . -8.86 4.97 -6.75
C DA2 B . -12.74 7.05 -12.39
O DA2 B . -13.89 7.10 -11.93
OXT DA2 B . -12.35 7.81 -13.26
H2 DA2 B . -12.27 4.85 -13.52
H3 DA2 B . -10.83 4.37 -12.82
HC11 DA2 B . -7.68 4.06 -5.30
HC12 DA2 B . -8.85 5.23 -4.70
HC13 DA2 B . -9.40 3.65 -5.24
HC21 DA2 B . -8.09 4.27 -8.55
HC22 DA2 B . -7.50 5.85 -8.05
HC23 DA2 B . -6.92 4.41 -7.23
H DA2 B . -10.91 5.78 -13.74
HA DA2 B . -12.30 5.37 -11.17
HCB1 DA2 B . -10.08 7.25 -11.99
HCB2 DA2 B . -9.94 5.85 -10.91
HCG1 DA2 B . -11.78 8.12 -10.31
HCG2 DA2 B . -10.08 8.09 -9.79
HCD1 DA2 B . -12.02 5.91 -9.13
HCD2 DA2 B . -11.71 7.30 -8.08
HNE DA2 B . -9.35 5.89 -8.91
HNH2 DA2 B . -11.83 6.05 -6.40
HH1 DA2 B . -10.78 5.25 -5.29
N ALA A 1 17.59 -2.11 5.45
CA ALA A 1 16.87 -0.93 4.98
C ALA A 1 16.94 0.14 6.03
N SER A 2 17.14 1.38 5.61
CA SER A 2 17.25 2.51 6.51
C SER A 2 15.94 2.82 7.23
N THR A 3 14.87 2.31 6.69
CA THR A 3 13.58 2.47 7.29
C THR A 3 13.08 1.08 7.69
N GLN A 4 12.53 0.97 8.86
CA GLN A 4 11.94 -0.26 9.30
C GLN A 4 10.51 -0.26 8.86
N PRO A 5 10.01 -1.35 8.28
CA PRO A 5 8.61 -1.45 7.94
C PRO A 5 7.76 -1.31 9.20
N THR A 6 6.77 -0.50 9.13
CA THR A 6 5.87 -0.31 10.24
C THR A 6 4.84 -1.43 10.24
N HIS A 7 4.68 -2.01 9.08
CA HIS A 7 3.82 -3.13 8.88
C HIS A 7 4.56 -4.00 7.88
N SER A 8 4.55 -5.28 8.07
CA SER A 8 5.25 -6.18 7.19
C SER A 8 4.37 -6.48 5.98
N TRP A 9 4.81 -6.03 4.83
CA TRP A 9 4.11 -6.23 3.59
C TRP A 9 4.92 -7.01 2.60
N LYS A 10 4.24 -7.73 1.74
CA LYS A 10 4.85 -8.51 0.70
C LYS A 10 4.17 -8.21 -0.64
N VAL A 11 4.91 -8.41 -1.70
CA VAL A 11 4.44 -8.18 -3.06
C VAL A 11 3.31 -9.16 -3.42
N GLY A 12 2.31 -8.67 -4.15
CA GLY A 12 1.22 -9.48 -4.58
C GLY A 12 0.21 -9.71 -3.49
N ASP A 13 0.12 -8.77 -2.60
CA ASP A 13 -0.81 -8.87 -1.49
C ASP A 13 -1.79 -7.76 -1.51
N LYS A 14 -2.93 -8.02 -0.96
CA LYS A 14 -3.96 -7.05 -0.86
C LYS A 14 -3.86 -6.29 0.42
N CYS A 15 -4.07 -5.04 0.29
CA CYS A 15 -4.04 -4.12 1.37
C CYS A 15 -5.03 -3.03 1.07
N MET A 16 -5.16 -2.09 1.93
CA MET A 16 -5.97 -0.96 1.66
C MET A 16 -5.10 0.24 1.73
N ALA A 17 -5.19 1.06 0.76
CA ALA A 17 -4.33 2.20 0.67
C ALA A 17 -5.14 3.45 0.67
N VAL A 18 -4.58 4.48 1.18
CA VAL A 18 -5.20 5.76 1.18
C VAL A 18 -4.90 6.44 -0.13
N TRP A 19 -5.94 6.69 -0.88
CA TRP A 19 -5.82 7.32 -2.18
C TRP A 19 -5.29 8.71 -1.97
N SER A 20 -4.16 9.00 -2.57
CA SER A 20 -3.50 10.29 -2.41
C SER A 20 -4.37 11.44 -2.93
N GLU A 21 -5.30 11.12 -3.79
CA GLU A 21 -6.12 12.14 -4.39
C GLU A 21 -7.30 12.52 -3.52
N ASP A 22 -7.97 11.54 -2.93
CA ASP A 22 -9.19 11.85 -2.18
C ASP A 22 -9.02 11.62 -0.70
N GLY A 23 -7.97 10.91 -0.34
CA GLY A 23 -7.66 10.70 1.06
C GLY A 23 -8.43 9.56 1.70
N GLN A 24 -9.25 8.89 0.92
CA GLN A 24 -10.01 7.77 1.45
C GLN A 24 -9.26 6.48 1.20
N CYS A 25 -9.59 5.46 1.94
CA CYS A 25 -8.93 4.19 1.78
C CYS A 25 -9.67 3.30 0.80
N TYR A 26 -8.92 2.66 -0.05
CA TYR A 26 -9.45 1.78 -1.07
C TYR A 26 -8.61 0.52 -1.13
N GLU A 27 -9.17 -0.54 -1.67
CA GLU A 27 -8.46 -1.80 -1.72
C GLU A 27 -7.40 -1.74 -2.81
N ALA A 28 -6.21 -2.07 -2.47
CA ALA A 28 -5.11 -2.01 -3.39
C ALA A 28 -4.21 -3.21 -3.24
N GLU A 29 -3.55 -3.56 -4.29
CA GLU A 29 -2.64 -4.67 -4.29
C GLU A 29 -1.23 -4.18 -4.52
N ILE A 30 -0.32 -4.67 -3.71
CA ILE A 30 1.08 -4.30 -3.79
C ILE A 30 1.78 -4.92 -5.00
N GLU A 31 2.35 -4.07 -5.80
CA GLU A 31 3.07 -4.46 -6.99
C GLU A 31 4.58 -4.48 -6.74
N GLU A 32 5.04 -3.52 -5.98
CA GLU A 32 6.44 -3.35 -5.71
C GLU A 32 6.62 -2.76 -4.34
N ILE A 33 7.64 -3.17 -3.64
CA ILE A 33 7.93 -2.64 -2.32
C ILE A 33 9.32 -2.07 -2.31
N ASP A 34 9.49 -0.96 -1.66
CA ASP A 34 10.76 -0.38 -1.45
C ASP A 34 10.97 -0.29 0.04
N GLU A 35 11.58 -1.30 0.59
CA GLU A 35 11.77 -1.36 2.02
C GLU A 35 12.71 -0.27 2.52
N GLU A 36 13.57 0.22 1.63
CA GLU A 36 14.55 1.24 1.95
C GLU A 36 13.85 2.49 2.46
N ASN A 37 12.82 2.91 1.76
CA ASN A 37 12.03 4.08 2.14
C ASN A 37 10.82 3.68 2.94
N GLY A 38 10.53 2.40 2.95
CA GLY A 38 9.34 1.91 3.64
C GLY A 38 8.11 2.29 2.86
N THR A 39 8.20 2.19 1.56
CA THR A 39 7.14 2.56 0.68
C THR A 39 6.78 1.41 -0.22
N ALA A 40 5.59 1.40 -0.74
CA ALA A 40 5.18 0.37 -1.65
C ALA A 40 4.35 0.94 -2.77
N ALA A 41 4.45 0.33 -3.89
CA ALA A 41 3.69 0.69 -5.04
C ALA A 41 2.53 -0.24 -5.10
N ILE A 42 1.38 0.32 -5.07
CA ILE A 42 0.17 -0.44 -5.02
C ILE A 42 -0.74 -0.07 -6.16
N THR A 43 -1.58 -0.98 -6.52
CA THR A 43 -2.55 -0.77 -7.55
C THR A 43 -3.94 -0.98 -6.97
N PHE A 44 -4.74 0.06 -7.05
CA PHE A 44 -6.09 0.05 -6.53
C PHE A 44 -6.95 -0.88 -7.35
N ALA A 45 -7.52 -1.85 -6.66
CA ALA A 45 -8.29 -2.91 -7.28
C ALA A 45 -9.52 -2.37 -7.98
N GLY A 46 -9.71 -2.78 -9.20
CA GLY A 46 -10.86 -2.37 -9.95
C GLY A 46 -10.59 -1.13 -10.76
N TYR A 47 -10.04 -0.11 -10.11
CA TYR A 47 -9.74 1.13 -10.78
C TYR A 47 -8.56 1.00 -11.70
N GLY A 48 -7.53 0.31 -11.22
CA GLY A 48 -6.36 0.11 -12.02
C GLY A 48 -5.33 1.20 -11.83
N ASN A 49 -5.56 2.05 -10.84
CA ASN A 49 -4.61 3.11 -10.56
C ASN A 49 -3.49 2.59 -9.73
N ALA A 50 -2.33 3.14 -9.90
CA ALA A 50 -1.16 2.66 -9.20
C ALA A 50 -0.34 3.82 -8.70
N GLU A 51 0.07 3.76 -7.46
CA GLU A 51 0.83 4.82 -6.87
C GLU A 51 1.74 4.30 -5.79
N VAL A 52 2.71 5.09 -5.43
CA VAL A 52 3.64 4.75 -4.38
C VAL A 52 3.16 5.38 -3.09
N THR A 53 2.89 4.58 -2.14
CA THR A 53 2.40 5.01 -0.89
C THR A 53 3.20 4.30 0.21
N PRO A 54 3.53 5.00 1.29
CA PRO A 54 4.28 4.42 2.38
C PRO A 54 3.50 3.30 3.05
N LEU A 55 4.21 2.31 3.54
CA LEU A 55 3.64 1.15 4.22
C LEU A 55 2.71 1.58 5.36
N LEU A 56 2.98 2.75 5.93
CA LEU A 56 2.19 3.31 7.02
C LEU A 56 0.77 3.66 6.56
N ASN A 57 0.61 3.88 5.27
CA ASN A 57 -0.68 4.25 4.70
C ASN A 57 -1.44 3.03 4.26
N LEU A 58 -0.75 1.93 4.21
CA LEU A 58 -1.34 0.67 3.89
C LEU A 58 -1.96 0.04 5.12
N LYS A 59 -3.19 -0.33 5.00
CA LYS A 59 -3.89 -1.03 6.05
C LYS A 59 -4.13 -2.43 5.57
N PRO A 60 -4.35 -3.37 6.47
CA PRO A 60 -4.79 -4.70 6.10
C PRO A 60 -6.21 -4.64 5.56
N VAL A 61 -6.59 -5.61 4.77
CA VAL A 61 -7.92 -5.64 4.21
C VAL A 61 -8.94 -6.02 5.28
N GLU A 62 -9.54 -5.01 5.85
CA GLU A 62 -10.55 -5.18 6.84
C GLU A 62 -11.88 -5.56 6.19
N GLU A 63 -12.32 -6.75 6.49
CA GLU A 63 -13.55 -7.30 5.94
C GLU A 63 -14.70 -7.05 6.90
N GLY A 64 -14.37 -6.37 7.93
CA GLY A 64 -15.26 -6.05 8.97
C GLY A 64 -14.50 -6.09 10.23
C1 DA2 B . -8.70 4.51 -5.33
C2 DA2 B . -7.76 4.85 -7.60
N DA2 B . -10.53 4.81 -12.83
CA DA2 B . -11.18 5.61 -11.81
CB DA2 B . -10.18 6.54 -11.15
CG DA2 B . -10.75 7.47 -10.09
CD DA2 B . -11.19 6.69 -8.86
NE DA2 B . -10.06 6.02 -8.26
CZ DA2 B . -9.96 5.58 -7.02
NH2 DA2 B . -10.94 5.73 -6.17
NH1 DA2 B . -8.86 5.00 -6.66
C DA2 B . -12.30 6.38 -12.44
O DA2 B . -13.47 6.21 -12.03
OXT DA2 B . -12.04 7.12 -13.40
H2 DA2 B . -11.23 4.21 -13.30
H3 DA2 B . -9.74 4.24 -12.50
HC11 DA2 B . -7.72 4.10 -5.19
HC12 DA2 B . -8.86 5.31 -4.63
HC13 DA2 B . -9.44 3.73 -5.15
HC21 DA2 B . -6.99 4.24 -7.16
HC22 DA2 B . -8.12 4.39 -8.51
HC23 DA2 B . -7.35 5.83 -7.84
H DA2 B . -10.19 5.46 -13.58
HA DA2 B . -11.62 4.98 -11.07
HCB1 DA2 B . -9.67 7.13 -11.91
HCB2 DA2 B . -9.48 5.90 -10.64
HCG1 DA2 B . -11.60 7.99 -10.51
HCG2 DA2 B . -9.98 8.16 -9.79
HCD1 DA2 B . -11.92 5.96 -9.14
HCD2 DA2 B . -11.61 7.38 -8.15
HNE DA2 B . -9.26 5.89 -8.82
HNH2 DA2 B . -11.81 6.17 -6.39
HH1 DA2 B . -10.79 5.38 -5.24
N ALA A 1 16.44 0.33 5.08
CA ALA A 1 15.19 0.88 5.57
C ALA A 1 15.45 2.13 6.37
N SER A 2 15.42 3.27 5.70
CA SER A 2 15.61 4.54 6.35
C SER A 2 14.35 4.81 7.17
N THR A 3 13.24 4.45 6.60
CA THR A 3 11.99 4.44 7.27
C THR A 3 11.71 3.00 7.63
N GLN A 4 11.71 2.71 8.91
CA GLN A 4 11.49 1.37 9.40
C GLN A 4 10.02 0.99 9.21
N PRO A 5 9.75 -0.07 8.42
CA PRO A 5 8.40 -0.54 8.15
C PRO A 5 7.62 -0.82 9.42
N THR A 6 6.42 -0.36 9.45
CA THR A 6 5.57 -0.55 10.59
C THR A 6 4.72 -1.81 10.41
N HIS A 7 4.63 -2.27 9.19
CA HIS A 7 3.80 -3.41 8.87
C HIS A 7 4.57 -4.22 7.83
N SER A 8 4.53 -5.53 7.94
CA SER A 8 5.21 -6.37 6.99
C SER A 8 4.32 -6.68 5.81
N TRP A 9 4.66 -6.14 4.69
CA TRP A 9 3.92 -6.31 3.48
C TRP A 9 4.68 -7.17 2.50
N LYS A 10 3.94 -7.85 1.65
CA LYS A 10 4.53 -8.68 0.62
C LYS A 10 4.00 -8.26 -0.74
N VAL A 11 4.79 -8.44 -1.75
CA VAL A 11 4.36 -8.18 -3.11
C VAL A 11 3.22 -9.13 -3.51
N GLY A 12 2.18 -8.58 -4.10
CA GLY A 12 1.06 -9.37 -4.54
C GLY A 12 0.08 -9.62 -3.42
N ASP A 13 -0.03 -8.67 -2.52
CA ASP A 13 -0.94 -8.82 -1.40
C ASP A 13 -2.07 -7.82 -1.51
N LYS A 14 -3.10 -8.05 -0.75
CA LYS A 14 -4.20 -7.17 -0.68
C LYS A 14 -4.01 -6.29 0.51
N CYS A 15 -4.16 -5.05 0.32
CA CYS A 15 -4.05 -4.11 1.36
C CYS A 15 -5.04 -3.02 1.08
N MET A 16 -5.15 -2.10 1.95
CA MET A 16 -5.94 -0.96 1.71
C MET A 16 -5.03 0.21 1.74
N ALA A 17 -5.12 1.02 0.75
CA ALA A 17 -4.24 2.13 0.63
C ALA A 17 -5.02 3.39 0.61
N VAL A 18 -4.42 4.41 1.09
CA VAL A 18 -5.00 5.72 1.10
C VAL A 18 -4.73 6.37 -0.22
N TRP A 19 -5.77 6.67 -0.96
CA TRP A 19 -5.67 7.32 -2.24
C TRP A 19 -5.13 8.70 -2.03
N SER A 20 -4.06 9.03 -2.68
CA SER A 20 -3.41 10.32 -2.53
C SER A 20 -4.36 11.47 -2.94
N GLU A 21 -5.29 11.17 -3.82
CA GLU A 21 -6.18 12.17 -4.36
C GLU A 21 -7.32 12.53 -3.43
N ASP A 22 -7.90 11.54 -2.77
CA ASP A 22 -9.05 11.85 -1.91
C ASP A 22 -8.76 11.58 -0.46
N GLY A 23 -7.71 10.85 -0.22
CA GLY A 23 -7.31 10.58 1.15
C GLY A 23 -8.10 9.46 1.79
N GLN A 24 -8.92 8.80 1.02
CA GLN A 24 -9.70 7.68 1.56
C GLN A 24 -9.00 6.37 1.28
N CYS A 25 -9.36 5.35 2.00
CA CYS A 25 -8.77 4.06 1.82
C CYS A 25 -9.54 3.24 0.82
N TYR A 26 -8.80 2.59 -0.04
CA TYR A 26 -9.35 1.74 -1.08
C TYR A 26 -8.55 0.47 -1.13
N GLU A 27 -9.13 -0.58 -1.68
CA GLU A 27 -8.43 -1.86 -1.76
C GLU A 27 -7.38 -1.78 -2.84
N ALA A 28 -6.20 -2.20 -2.52
CA ALA A 28 -5.08 -2.15 -3.43
C ALA A 28 -4.21 -3.36 -3.30
N GLU A 29 -3.53 -3.69 -4.37
CA GLU A 29 -2.62 -4.80 -4.40
C GLU A 29 -1.21 -4.28 -4.60
N ILE A 30 -0.30 -4.77 -3.80
CA ILE A 30 1.10 -4.36 -3.84
C ILE A 30 1.84 -4.92 -5.05
N GLU A 31 2.42 -4.03 -5.80
CA GLU A 31 3.18 -4.36 -6.99
C GLU A 31 4.68 -4.40 -6.69
N GLU A 32 5.13 -3.49 -5.88
CA GLU A 32 6.51 -3.38 -5.57
C GLU A 32 6.64 -2.84 -4.16
N ILE A 33 7.68 -3.22 -3.47
CA ILE A 33 7.97 -2.73 -2.16
C ILE A 33 9.33 -2.08 -2.15
N ASP A 34 9.42 -0.90 -1.61
CA ASP A 34 10.65 -0.21 -1.46
C ASP A 34 10.89 -0.10 0.02
N GLU A 35 11.57 -1.08 0.57
CA GLU A 35 11.84 -1.13 1.99
C GLU A 35 12.76 -0.02 2.47
N GLU A 36 13.52 0.56 1.55
CA GLU A 36 14.43 1.62 1.91
C GLU A 36 13.64 2.85 2.35
N ASN A 37 12.65 3.20 1.59
CA ASN A 37 11.83 4.36 1.90
C ASN A 37 10.64 3.96 2.74
N GLY A 38 10.45 2.66 2.92
CA GLY A 38 9.31 2.16 3.66
C GLY A 38 8.03 2.45 2.91
N THR A 39 8.09 2.32 1.61
CA THR A 39 6.98 2.63 0.76
C THR A 39 6.72 1.50 -0.19
N ALA A 40 5.53 1.37 -0.67
CA ALA A 40 5.21 0.34 -1.61
C ALA A 40 4.36 0.89 -2.73
N ALA A 41 4.51 0.30 -3.87
CA ALA A 41 3.74 0.66 -5.02
C ALA A 41 2.58 -0.26 -5.08
N ILE A 42 1.42 0.29 -5.11
CA ILE A 42 0.23 -0.48 -5.08
C ILE A 42 -0.71 -0.11 -6.21
N THR A 43 -1.54 -1.02 -6.58
CA THR A 43 -2.54 -0.81 -7.59
C THR A 43 -3.91 -0.96 -6.97
N PHE A 44 -4.69 0.07 -7.03
CA PHE A 44 -6.03 0.08 -6.52
C PHE A 44 -6.89 -0.85 -7.34
N ALA A 45 -7.48 -1.80 -6.67
CA ALA A 45 -8.26 -2.85 -7.29
C ALA A 45 -9.51 -2.28 -7.91
N GLY A 46 -9.75 -2.63 -9.14
CA GLY A 46 -10.92 -2.16 -9.82
C GLY A 46 -10.59 -1.02 -10.72
N TYR A 47 -10.07 0.03 -10.11
CA TYR A 47 -9.74 1.23 -10.84
C TYR A 47 -8.56 1.00 -11.74
N GLY A 48 -7.57 0.29 -11.25
CA GLY A 48 -6.40 0.02 -12.03
C GLY A 48 -5.39 1.13 -11.94
N ASN A 49 -5.54 1.98 -10.96
CA ASN A 49 -4.57 3.05 -10.71
C ASN A 49 -3.47 2.52 -9.84
N ALA A 50 -2.33 3.12 -9.93
CA ALA A 50 -1.17 2.66 -9.19
C ALA A 50 -0.36 3.82 -8.71
N GLU A 51 0.07 3.75 -7.47
CA GLU A 51 0.85 4.80 -6.88
C GLU A 51 1.76 4.24 -5.81
N VAL A 52 2.80 4.96 -5.47
CA VAL A 52 3.70 4.58 -4.40
C VAL A 52 3.23 5.26 -3.13
N THR A 53 2.94 4.48 -2.15
CA THR A 53 2.42 4.96 -0.91
C THR A 53 3.17 4.27 0.25
N PRO A 54 3.47 5.00 1.33
CA PRO A 54 4.18 4.45 2.46
C PRO A 54 3.40 3.32 3.11
N LEU A 55 4.12 2.35 3.62
CA LEU A 55 3.55 1.18 4.30
C LEU A 55 2.62 1.57 5.43
N LEU A 56 2.85 2.76 6.00
CA LEU A 56 1.99 3.29 7.06
C LEU A 56 0.57 3.56 6.53
N ASN A 57 0.48 3.84 5.23
CA ASN A 57 -0.80 4.15 4.59
C ASN A 57 -1.48 2.91 4.17
N LEU A 58 -0.73 1.83 4.15
CA LEU A 58 -1.30 0.56 3.83
C LEU A 58 -1.87 -0.05 5.08
N LYS A 59 -3.10 -0.40 5.00
CA LYS A 59 -3.81 -1.01 6.09
C LYS A 59 -4.17 -2.42 5.66
N PRO A 60 -4.30 -3.35 6.60
CA PRO A 60 -4.72 -4.69 6.27
C PRO A 60 -6.18 -4.73 5.87
N VAL A 61 -6.52 -5.61 4.96
CA VAL A 61 -7.89 -5.75 4.54
C VAL A 61 -8.65 -6.49 5.64
N GLU A 62 -9.21 -5.72 6.54
CA GLU A 62 -9.93 -6.26 7.65
C GLU A 62 -11.29 -6.80 7.21
N GLU A 63 -11.40 -8.10 7.25
CA GLU A 63 -12.61 -8.81 6.85
C GLU A 63 -13.11 -9.66 8.03
N GLY A 64 -12.58 -9.36 9.16
CA GLY A 64 -12.89 -10.04 10.37
C GLY A 64 -12.15 -9.39 11.48
C1 DA2 B . -8.50 4.62 -5.32
C2 DA2 B . -7.58 4.99 -7.63
N DA2 B . -9.05 6.16 -13.29
CA DA2 B . -9.74 7.13 -12.44
CB DA2 B . -10.06 6.52 -11.08
CG DA2 B . -10.72 7.47 -10.08
CD DA2 B . -11.10 6.76 -8.80
NE DA2 B . -9.93 6.12 -8.22
CZ DA2 B . -9.80 5.68 -7.00
NH2 DA2 B . -10.76 5.80 -6.12
NH1 DA2 B . -8.68 5.12 -6.66
C DA2 B . -8.85 8.32 -12.29
O DA2 B . -9.26 9.42 -12.67
OXT DA2 B . -7.71 8.17 -11.82
H2 DA2 B . -8.13 5.93 -12.88
H3 DA2 B . -8.87 6.61 -14.21
HC11 DA2 B . -8.55 5.45 -4.62
HC12 DA2 B . -9.26 3.90 -5.09
HC13 DA2 B . -7.52 4.15 -5.24
HC21 DA2 B . -7.46 5.93 -8.15
HC22 DA2 B . -6.68 4.73 -7.12
HC23 DA2 B . -7.83 4.22 -8.33
H DA2 B . -9.61 5.29 -13.45
HA DA2 B . -10.65 7.43 -12.93
HCB1 DA2 B . -9.14 6.17 -10.63
HCB2 DA2 B . -10.73 5.67 -11.21
HCG1 DA2 B . -11.62 7.90 -10.51
HCG2 DA2 B . -10.02 8.25 -9.82
HCD1 DA2 B . -11.84 6.02 -9.01
HCD2 DA2 B . -11.48 7.48 -8.09
HNE DA2 B . -9.15 6.00 -8.80
HNH2 DA2 B . -11.65 6.23 -6.33
HH1 DA2 B . -10.61 5.44 -5.20
N ALA A 1 18.95 5.71 2.22
CA ALA A 1 18.80 5.52 3.66
C ALA A 1 17.88 4.35 3.89
N SER A 2 18.12 3.56 4.90
CA SER A 2 17.29 2.42 5.19
C SER A 2 16.08 2.82 6.04
N THR A 3 14.97 2.12 5.88
CA THR A 3 13.77 2.41 6.64
C THR A 3 13.14 1.08 7.10
N GLN A 4 12.58 1.07 8.28
CA GLN A 4 11.95 -0.10 8.81
C GLN A 4 10.45 -0.06 8.56
N PRO A 5 9.90 -1.12 7.94
CA PRO A 5 8.46 -1.24 7.72
C PRO A 5 7.65 -1.22 9.03
N THR A 6 6.56 -0.51 9.01
CA THR A 6 5.68 -0.43 10.16
C THR A 6 4.77 -1.68 10.24
N HIS A 7 4.59 -2.31 9.11
CA HIS A 7 3.74 -3.45 8.98
C HIS A 7 4.45 -4.41 8.02
N SER A 8 4.28 -5.69 8.20
CA SER A 8 4.88 -6.64 7.32
C SER A 8 4.02 -6.85 6.08
N TRP A 9 4.46 -6.30 4.99
CA TRP A 9 3.78 -6.40 3.72
C TRP A 9 4.59 -7.24 2.75
N LYS A 10 3.91 -7.90 1.83
CA LYS A 10 4.58 -8.66 0.80
C LYS A 10 3.98 -8.31 -0.56
N VAL A 11 4.73 -8.55 -1.60
CA VAL A 11 4.28 -8.34 -2.95
C VAL A 11 3.13 -9.30 -3.27
N GLY A 12 2.10 -8.80 -3.91
CA GLY A 12 0.98 -9.63 -4.23
C GLY A 12 0.07 -9.82 -3.06
N ASP A 13 -0.13 -8.76 -2.32
CA ASP A 13 -1.03 -8.80 -1.19
C ASP A 13 -2.06 -7.76 -1.39
N LYS A 14 -3.20 -7.97 -0.84
CA LYS A 14 -4.23 -7.02 -0.84
C LYS A 14 -4.19 -6.24 0.39
N CYS A 15 -4.24 -4.98 0.22
CA CYS A 15 -4.18 -4.06 1.29
C CYS A 15 -5.13 -2.97 0.99
N MET A 16 -5.25 -2.05 1.87
CA MET A 16 -6.03 -0.92 1.60
C MET A 16 -5.12 0.24 1.66
N ALA A 17 -5.18 1.05 0.69
CA ALA A 17 -4.30 2.16 0.61
C ALA A 17 -5.09 3.40 0.62
N VAL A 18 -4.52 4.42 1.14
CA VAL A 18 -5.14 5.69 1.19
C VAL A 18 -4.89 6.38 -0.13
N TRP A 19 -5.96 6.72 -0.81
CA TRP A 19 -5.85 7.39 -2.07
C TRP A 19 -5.34 8.78 -1.80
N SER A 20 -4.29 9.16 -2.48
CA SER A 20 -3.70 10.46 -2.31
C SER A 20 -4.67 11.59 -2.61
N GLU A 21 -5.60 11.33 -3.48
CA GLU A 21 -6.53 12.34 -3.93
C GLU A 21 -7.73 12.53 -3.02
N ASP A 22 -8.30 11.46 -2.53
CA ASP A 22 -9.52 11.58 -1.70
C ASP A 22 -9.20 11.34 -0.24
N GLY A 23 -8.04 10.77 -0.02
CA GLY A 23 -7.58 10.52 1.34
C GLY A 23 -8.35 9.41 2.04
N GLN A 24 -9.11 8.65 1.28
CA GLN A 24 -9.85 7.54 1.83
C GLN A 24 -9.13 6.25 1.50
N CYS A 25 -9.47 5.18 2.19
CA CYS A 25 -8.82 3.92 1.94
C CYS A 25 -9.58 3.12 0.89
N TYR A 26 -8.85 2.54 -0.02
CA TYR A 26 -9.37 1.74 -1.12
C TYR A 26 -8.56 0.46 -1.24
N GLU A 27 -9.13 -0.57 -1.85
CA GLU A 27 -8.44 -1.85 -1.96
C GLU A 27 -7.34 -1.75 -3.00
N ALA A 28 -6.15 -2.08 -2.62
CA ALA A 28 -5.03 -2.02 -3.51
C ALA A 28 -4.14 -3.24 -3.35
N GLU A 29 -3.51 -3.62 -4.42
CA GLU A 29 -2.62 -4.74 -4.42
C GLU A 29 -1.19 -4.26 -4.60
N ILE A 30 -0.32 -4.77 -3.76
CA ILE A 30 1.10 -4.43 -3.78
C ILE A 30 1.82 -5.06 -4.96
N GLU A 31 2.44 -4.21 -5.74
CA GLU A 31 3.17 -4.57 -6.92
C GLU A 31 4.67 -4.69 -6.62
N GLU A 32 5.16 -3.77 -5.83
CA GLU A 32 6.57 -3.67 -5.53
C GLU A 32 6.74 -3.05 -4.16
N ILE A 33 7.69 -3.51 -3.40
CA ILE A 33 7.96 -2.95 -2.08
C ILE A 33 9.34 -2.38 -2.04
N ASP A 34 9.47 -1.19 -1.55
CA ASP A 34 10.74 -0.58 -1.33
C ASP A 34 10.83 -0.18 0.11
N GLU A 35 11.34 -1.07 0.93
CA GLU A 35 11.48 -0.83 2.35
C GLU A 35 12.49 0.24 2.65
N GLU A 36 13.36 0.49 1.68
CA GLU A 36 14.38 1.52 1.80
C GLU A 36 13.74 2.87 2.08
N ASN A 37 12.65 3.17 1.41
CA ASN A 37 11.90 4.40 1.69
C ASN A 37 10.66 4.08 2.51
N GLY A 38 10.49 2.81 2.78
CA GLY A 38 9.32 2.32 3.49
C GLY A 38 8.06 2.53 2.69
N THR A 39 8.17 2.32 1.39
CA THR A 39 7.08 2.57 0.50
C THR A 39 6.81 1.36 -0.36
N ALA A 40 5.64 1.25 -0.84
CA ALA A 40 5.29 0.19 -1.72
C ALA A 40 4.47 0.74 -2.85
N ALA A 41 4.62 0.15 -3.98
CA ALA A 41 3.86 0.50 -5.12
C ALA A 41 2.67 -0.38 -5.17
N ILE A 42 1.55 0.22 -5.16
CA ILE A 42 0.32 -0.50 -5.10
C ILE A 42 -0.57 -0.09 -6.24
N THR A 43 -1.43 -0.98 -6.62
CA THR A 43 -2.39 -0.73 -7.64
C THR A 43 -3.78 -0.91 -7.06
N PHE A 44 -4.56 0.14 -7.12
CA PHE A 44 -5.91 0.13 -6.62
C PHE A 44 -6.75 -0.77 -7.47
N ALA A 45 -7.27 -1.79 -6.85
CA ALA A 45 -8.00 -2.81 -7.52
C ALA A 45 -9.34 -2.29 -7.98
N GLY A 46 -9.65 -2.54 -9.21
CA GLY A 46 -10.89 -2.07 -9.78
C GLY A 46 -10.66 -0.81 -10.59
N TYR A 47 -9.84 0.07 -10.08
CA TYR A 47 -9.53 1.30 -10.77
C TYR A 47 -8.37 1.09 -11.72
N GLY A 48 -7.36 0.41 -11.26
CA GLY A 48 -6.20 0.18 -12.08
C GLY A 48 -5.15 1.23 -11.87
N ASN A 49 -5.43 2.17 -10.98
CA ASN A 49 -4.48 3.23 -10.67
C ASN A 49 -3.38 2.69 -9.81
N ALA A 50 -2.23 3.23 -9.97
CA ALA A 50 -1.09 2.78 -9.22
C ALA A 50 -0.32 3.94 -8.69
N GLU A 51 0.17 3.82 -7.49
CA GLU A 51 0.95 4.86 -6.89
C GLU A 51 1.91 4.27 -5.89
N VAL A 52 2.95 5.00 -5.60
CA VAL A 52 3.91 4.60 -4.60
C VAL A 52 3.49 5.24 -3.31
N THR A 53 3.14 4.44 -2.37
CA THR A 53 2.64 4.93 -1.13
C THR A 53 3.40 4.27 0.02
N PRO A 54 3.70 5.01 1.07
CA PRO A 54 4.39 4.48 2.21
C PRO A 54 3.56 3.38 2.87
N LEU A 55 4.24 2.39 3.38
CA LEU A 55 3.63 1.25 4.07
C LEU A 55 2.71 1.70 5.20
N LEU A 56 2.99 2.90 5.74
CA LEU A 56 2.17 3.49 6.78
C LEU A 56 0.76 3.80 6.25
N ASN A 57 0.65 4.00 4.95
CA ASN A 57 -0.62 4.31 4.31
C ASN A 57 -1.35 3.07 3.93
N LEU A 58 -0.65 1.97 3.98
CA LEU A 58 -1.25 0.71 3.71
C LEU A 58 -1.84 0.16 4.98
N LYS A 59 -3.09 -0.16 4.89
CA LYS A 59 -3.85 -0.70 5.98
C LYS A 59 -4.23 -2.11 5.59
N PRO A 60 -4.49 -2.99 6.54
CA PRO A 60 -4.94 -4.34 6.22
C PRO A 60 -6.37 -4.31 5.67
N VAL A 61 -6.74 -5.33 4.93
CA VAL A 61 -8.08 -5.42 4.42
C VAL A 61 -8.99 -5.94 5.53
N GLU A 62 -9.34 -5.03 6.40
CA GLU A 62 -10.17 -5.30 7.52
C GLU A 62 -11.60 -4.88 7.20
N GLU A 63 -12.41 -5.84 6.86
CA GLU A 63 -13.77 -5.58 6.45
C GLU A 63 -14.71 -5.67 7.65
N GLY A 64 -14.46 -4.82 8.62
CA GLY A 64 -15.26 -4.79 9.81
C GLY A 64 -16.34 -3.75 9.72
C1 DA2 B . -8.43 4.65 -5.25
C2 DA2 B . -7.41 5.18 -7.49
N DA2 B . -8.85 6.11 -13.17
CA DA2 B . -9.58 7.10 -12.38
CB DA2 B . -9.94 6.52 -11.01
CG DA2 B . -10.64 7.48 -10.06
CD DA2 B . -10.99 6.79 -8.77
NE DA2 B . -9.81 6.19 -8.17
CZ DA2 B . -9.70 5.71 -6.97
NH2 DA2 B . -10.71 5.71 -6.14
NH1 DA2 B . -8.57 5.21 -6.58
C DA2 B . -8.71 8.31 -12.24
O DA2 B . -9.11 9.39 -12.68
OXT DA2 B . -7.60 8.18 -11.72
H2 DA2 B . -9.38 5.23 -13.31
H3 DA2 B . -7.94 5.92 -12.71
HC11 DA2 B . -8.72 5.40 -4.53
HC12 DA2 B . -9.04 3.78 -5.15
HC13 DA2 B . -7.39 4.37 -5.07
HC21 DA2 B . -7.05 6.19 -7.62
HC22 DA2 B . -6.63 4.57 -7.07
HC23 DA2 B . -7.71 4.77 -8.44
H DA2 B . -8.64 6.53 -14.10
HA DA2 B . -10.48 7.36 -12.92
HCB1 DA2 B . -9.02 6.21 -10.53
HCB2 DA2 B . -10.58 5.66 -11.14
HCG1 DA2 B . -11.55 7.87 -10.51
HCG2 DA2 B . -9.97 8.30 -9.82
HCD1 DA2 B . -11.72 6.01 -8.97
HCD2 DA2 B . -11.41 7.50 -8.08
HNE DA2 B . -8.99 6.17 -8.72
HNH2 DA2 B . -11.61 6.08 -6.37
HH1 DA2 B . -10.57 5.32 -5.23
N ALA A 1 17.93 -0.28 5.45
CA ALA A 1 16.72 0.47 5.16
C ALA A 1 16.74 1.77 5.92
N SER A 2 16.62 2.89 5.22
CA SER A 2 16.62 4.20 5.82
C SER A 2 15.39 4.34 6.76
N THR A 3 14.30 3.77 6.33
CA THR A 3 13.09 3.72 7.09
C THR A 3 12.64 2.29 7.12
N GLN A 4 12.43 1.77 8.30
CA GLN A 4 12.08 0.38 8.45
C GLN A 4 10.57 0.22 8.41
N PRO A 5 10.06 -0.85 7.78
CA PRO A 5 8.63 -1.14 7.69
C PRO A 5 7.94 -1.16 9.05
N THR A 6 6.79 -0.54 9.12
CA THR A 6 6.00 -0.53 10.32
C THR A 6 5.06 -1.75 10.32
N HIS A 7 4.89 -2.31 9.15
CA HIS A 7 4.04 -3.44 8.94
C HIS A 7 4.75 -4.33 7.94
N SER A 8 4.64 -5.61 8.10
CA SER A 8 5.28 -6.53 7.21
C SER A 8 4.38 -6.78 5.99
N TRP A 9 4.74 -6.19 4.89
CA TRP A 9 4.00 -6.34 3.65
C TRP A 9 4.80 -7.15 2.65
N LYS A 10 4.10 -7.85 1.75
CA LYS A 10 4.79 -8.58 0.71
C LYS A 10 4.18 -8.22 -0.65
N VAL A 11 4.93 -8.46 -1.70
CA VAL A 11 4.51 -8.20 -3.06
C VAL A 11 3.33 -9.12 -3.45
N GLY A 12 2.32 -8.56 -4.07
CA GLY A 12 1.18 -9.32 -4.49
C GLY A 12 0.23 -9.59 -3.37
N ASP A 13 0.10 -8.62 -2.49
CA ASP A 13 -0.81 -8.74 -1.36
C ASP A 13 -1.85 -7.69 -1.49
N LYS A 14 -2.97 -7.93 -0.93
CA LYS A 14 -4.02 -7.00 -0.90
C LYS A 14 -3.97 -6.22 0.36
N CYS A 15 -4.09 -4.96 0.20
CA CYS A 15 -4.03 -4.05 1.29
C CYS A 15 -5.01 -2.95 1.03
N MET A 16 -5.12 -2.03 1.93
CA MET A 16 -5.94 -0.90 1.71
C MET A 16 -5.07 0.29 1.75
N ALA A 17 -5.18 1.11 0.78
CA ALA A 17 -4.33 2.24 0.64
C ALA A 17 -5.14 3.49 0.60
N VAL A 18 -4.57 4.53 1.08
CA VAL A 18 -5.19 5.83 1.05
C VAL A 18 -4.91 6.47 -0.27
N TRP A 19 -5.94 6.76 -1.01
CA TRP A 19 -5.81 7.42 -2.27
C TRP A 19 -5.33 8.82 -2.00
N SER A 20 -4.22 9.17 -2.59
CA SER A 20 -3.63 10.48 -2.37
C SER A 20 -4.57 11.61 -2.79
N GLU A 21 -5.40 11.32 -3.73
CA GLU A 21 -6.27 12.32 -4.30
C GLU A 21 -7.49 12.61 -3.43
N ASP A 22 -8.10 11.59 -2.86
CA ASP A 22 -9.33 11.82 -2.09
C ASP A 22 -9.12 11.55 -0.61
N GLY A 23 -8.05 10.86 -0.29
CA GLY A 23 -7.74 10.61 1.11
C GLY A 23 -8.53 9.46 1.71
N GLN A 24 -9.31 8.80 0.90
CA GLN A 24 -10.08 7.65 1.38
C GLN A 24 -9.28 6.39 1.20
N CYS A 25 -9.65 5.36 1.91
CA CYS A 25 -8.96 4.09 1.79
C CYS A 25 -9.69 3.21 0.80
N TYR A 26 -8.93 2.60 -0.06
CA TYR A 26 -9.43 1.72 -1.09
C TYR A 26 -8.57 0.49 -1.14
N GLU A 27 -9.10 -0.59 -1.68
CA GLU A 27 -8.36 -1.84 -1.77
C GLU A 27 -7.31 -1.74 -2.87
N ALA A 28 -6.11 -2.10 -2.55
CA ALA A 28 -5.03 -2.04 -3.49
C ALA A 28 -4.12 -3.24 -3.33
N GLU A 29 -3.47 -3.61 -4.39
CA GLU A 29 -2.54 -4.70 -4.37
C GLU A 29 -1.12 -4.18 -4.56
N ILE A 30 -0.23 -4.67 -3.74
CA ILE A 30 1.18 -4.29 -3.79
C ILE A 30 1.88 -4.89 -5.01
N GLU A 31 2.49 -4.02 -5.77
CA GLU A 31 3.19 -4.38 -6.97
C GLU A 31 4.67 -4.53 -6.68
N GLU A 32 5.18 -3.61 -5.88
CA GLU A 32 6.56 -3.55 -5.57
C GLU A 32 6.70 -2.95 -4.19
N ILE A 33 7.75 -3.30 -3.49
CA ILE A 33 8.00 -2.74 -2.18
C ILE A 33 9.39 -2.13 -2.17
N ASP A 34 9.49 -0.98 -1.60
CA ASP A 34 10.74 -0.32 -1.40
C ASP A 34 10.94 -0.30 0.08
N GLU A 35 11.62 -1.32 0.58
CA GLU A 35 11.84 -1.49 2.01
C GLU A 35 12.71 -0.40 2.56
N GLU A 36 13.53 0.18 1.71
CA GLU A 36 14.49 1.18 2.10
C GLU A 36 13.79 2.43 2.62
N ASN A 37 12.77 2.85 1.92
CA ASN A 37 12.02 4.03 2.30
C ASN A 37 10.77 3.66 3.05
N GLY A 38 10.50 2.37 3.13
CA GLY A 38 9.29 1.91 3.74
C GLY A 38 8.09 2.29 2.90
N THR A 39 8.23 2.16 1.61
CA THR A 39 7.19 2.53 0.68
C THR A 39 6.85 1.37 -0.22
N ALA A 40 5.68 1.37 -0.76
CA ALA A 40 5.30 0.33 -1.69
C ALA A 40 4.46 0.89 -2.82
N ALA A 41 4.63 0.34 -3.96
CA ALA A 41 3.84 0.69 -5.11
C ALA A 41 2.66 -0.22 -5.14
N ILE A 42 1.51 0.34 -5.18
CA ILE A 42 0.29 -0.41 -5.12
C ILE A 42 -0.65 -0.05 -6.25
N THR A 43 -1.50 -0.96 -6.61
CA THR A 43 -2.50 -0.76 -7.61
C THR A 43 -3.89 -0.96 -7.02
N PHE A 44 -4.70 0.08 -7.08
CA PHE A 44 -6.05 0.06 -6.58
C PHE A 44 -6.90 -0.88 -7.38
N ALA A 45 -7.49 -1.83 -6.71
CA ALA A 45 -8.29 -2.85 -7.31
C ALA A 45 -9.56 -2.25 -7.88
N GLY A 46 -9.92 -2.69 -9.06
CA GLY A 46 -11.12 -2.20 -9.70
C GLY A 46 -10.84 -0.99 -10.56
N TYR A 47 -10.14 -0.02 -10.01
CA TYR A 47 -9.83 1.20 -10.73
C TYR A 47 -8.63 0.99 -11.62
N GLY A 48 -7.69 0.20 -11.15
CA GLY A 48 -6.50 -0.08 -11.92
C GLY A 48 -5.46 1.01 -11.81
N ASN A 49 -5.67 1.94 -10.90
CA ASN A 49 -4.72 3.02 -10.70
C ASN A 49 -3.59 2.56 -9.83
N ALA A 50 -2.46 3.16 -9.99
CA ALA A 50 -1.30 2.74 -9.24
C ALA A 50 -0.54 3.93 -8.72
N GLU A 51 -0.07 3.83 -7.51
CA GLU A 51 0.70 4.89 -6.91
C GLU A 51 1.66 4.31 -5.89
N VAL A 52 2.67 5.07 -5.54
CA VAL A 52 3.62 4.65 -4.53
C VAL A 52 3.24 5.30 -3.22
N THR A 53 3.00 4.51 -2.25
CA THR A 53 2.53 4.98 -0.99
C THR A 53 3.30 4.28 0.14
N PRO A 54 3.62 5.00 1.21
CA PRO A 54 4.34 4.45 2.34
C PRO A 54 3.55 3.33 3.00
N LEU A 55 4.26 2.36 3.51
CA LEU A 55 3.68 1.20 4.21
C LEU A 55 2.77 1.63 5.35
N LEU A 56 3.03 2.80 5.91
CA LEU A 56 2.21 3.35 6.98
C LEU A 56 0.77 3.62 6.48
N ASN A 57 0.66 3.91 5.20
CA ASN A 57 -0.62 4.22 4.59
C ASN A 57 -1.33 2.97 4.20
N LEU A 58 -0.58 1.90 4.12
CA LEU A 58 -1.17 0.64 3.80
C LEU A 58 -1.74 0.02 5.04
N LYS A 59 -2.97 -0.31 4.96
CA LYS A 59 -3.68 -0.95 6.02
C LYS A 59 -4.04 -2.33 5.57
N PRO A 60 -4.24 -3.26 6.49
CA PRO A 60 -4.72 -4.59 6.14
C PRO A 60 -6.14 -4.52 5.62
N VAL A 61 -6.51 -5.48 4.81
CA VAL A 61 -7.85 -5.54 4.31
C VAL A 61 -8.76 -6.00 5.43
N GLU A 62 -9.34 -5.04 6.05
CA GLU A 62 -10.23 -5.26 7.13
C GLU A 62 -11.61 -5.47 6.57
N GLU A 63 -12.12 -6.64 6.76
CA GLU A 63 -13.43 -6.98 6.26
C GLU A 63 -14.48 -6.81 7.35
N GLY A 64 -14.09 -6.15 8.40
CA GLY A 64 -14.97 -5.89 9.50
C GLY A 64 -15.81 -4.67 9.23
C1 DA2 B . -8.51 4.67 -5.34
C2 DA2 B . -7.64 5.03 -7.65
N DA2 B . -9.43 6.42 -13.42
CA DA2 B . -10.01 7.30 -12.43
CB DA2 B . -10.29 6.56 -11.12
CG DA2 B . -10.93 7.46 -10.06
CD DA2 B . -11.22 6.70 -8.79
NE DA2 B . -10.02 6.09 -8.25
CZ DA2 B . -9.86 5.68 -7.02
NH2 DA2 B . -10.79 5.79 -6.13
NH1 DA2 B . -8.72 5.14 -6.69
C DA2 B . -9.06 8.42 -12.17
O DA2 B . -9.42 9.60 -12.39
OXT DA2 B . -7.91 8.14 -11.80
H2 DA2 B . -10.00 5.59 -13.63
H3 DA2 B . -8.48 6.13 -13.10
HC11 DA2 B . -7.50 4.28 -5.23
HC12 DA2 B . -8.64 5.49 -4.64
HC13 DA2 B . -9.22 3.90 -5.11
HC21 DA2 B . -6.83 4.44 -7.23
HC22 DA2 B . -8.01 4.54 -8.55
HC23 DA2 B . -7.27 6.01 -7.90
H DA2 B . -9.29 6.97 -14.30
HA DA2 B . -10.94 7.69 -12.82
HCB1 DA2 B . -9.36 6.20 -10.72
HCB2 DA2 B . -10.95 5.72 -11.30
HCG1 DA2 B . -11.86 7.85 -10.46
HCG2 DA2 B . -10.25 8.25 -9.83
HCD1 DA2 B . -11.96 5.94 -8.99
HCD2 DA2 B . -11.62 7.40 -8.07
HNE DA2 B . -9.25 5.99 -8.85
HNH2 DA2 B . -11.70 6.18 -6.32
HH1 DA2 B . -10.60 5.46 -5.21
N ALA A 1 16.11 5.93 4.43
CA ALA A 1 16.76 6.84 5.35
C ALA A 1 15.75 7.32 6.37
N SER A 2 15.94 6.89 7.63
CA SER A 2 15.04 7.21 8.75
C SER A 2 13.65 6.60 8.53
N THR A 3 13.58 5.62 7.66
CA THR A 3 12.35 5.01 7.26
C THR A 3 12.37 3.49 7.43
N GLN A 4 11.81 3.03 8.51
CA GLN A 4 11.73 1.61 8.81
C GLN A 4 10.26 1.20 8.74
N PRO A 5 9.93 0.17 7.93
CA PRO A 5 8.58 -0.41 7.83
C PRO A 5 7.90 -0.62 9.18
N THR A 6 6.64 -0.28 9.23
CA THR A 6 5.84 -0.45 10.42
C THR A 6 5.02 -1.74 10.32
N HIS A 7 4.79 -2.18 9.11
CA HIS A 7 3.96 -3.32 8.85
C HIS A 7 4.68 -4.17 7.82
N SER A 8 4.72 -5.45 8.05
CA SER A 8 5.37 -6.35 7.15
C SER A 8 4.44 -6.70 5.97
N TRP A 9 4.78 -6.18 4.82
CA TRP A 9 4.02 -6.41 3.60
C TRP A 9 4.87 -7.16 2.59
N LYS A 10 4.23 -7.93 1.72
CA LYS A 10 4.95 -8.57 0.65
C LYS A 10 4.26 -8.23 -0.68
N VAL A 11 4.97 -8.44 -1.76
CA VAL A 11 4.44 -8.21 -3.09
C VAL A 11 3.28 -9.18 -3.39
N GLY A 12 2.21 -8.67 -3.97
CA GLY A 12 1.08 -9.52 -4.33
C GLY A 12 0.05 -9.65 -3.22
N ASP A 13 0.07 -8.73 -2.30
CA ASP A 13 -0.89 -8.75 -1.20
C ASP A 13 -1.87 -7.65 -1.36
N LYS A 14 -3.06 -7.84 -0.86
CA LYS A 14 -4.02 -6.82 -0.86
C LYS A 14 -3.94 -6.05 0.40
N CYS A 15 -4.10 -4.80 0.26
CA CYS A 15 -4.04 -3.90 1.33
C CYS A 15 -5.00 -2.80 1.04
N MET A 16 -5.20 -1.94 1.96
CA MET A 16 -6.00 -0.81 1.70
C MET A 16 -5.12 0.38 1.79
N ALA A 17 -5.19 1.19 0.81
CA ALA A 17 -4.33 2.32 0.70
C ALA A 17 -5.15 3.56 0.65
N VAL A 18 -4.60 4.61 1.13
CA VAL A 18 -5.24 5.88 1.11
C VAL A 18 -4.96 6.54 -0.21
N TRP A 19 -6.01 6.77 -0.97
CA TRP A 19 -5.92 7.39 -2.26
C TRP A 19 -5.41 8.80 -2.07
N SER A 20 -4.32 9.12 -2.71
CA SER A 20 -3.70 10.43 -2.61
C SER A 20 -4.61 11.56 -3.08
N GLU A 21 -5.55 11.22 -3.91
CA GLU A 21 -6.43 12.20 -4.48
C GLU A 21 -7.60 12.55 -3.56
N ASP A 22 -8.19 11.56 -2.92
CA ASP A 22 -9.38 11.84 -2.11
C ASP A 22 -9.16 11.57 -0.65
N GLY A 23 -8.10 10.84 -0.35
CA GLY A 23 -7.75 10.60 1.05
C GLY A 23 -8.57 9.48 1.69
N GLN A 24 -9.37 8.81 0.92
CA GLN A 24 -10.14 7.68 1.44
C GLN A 24 -9.33 6.41 1.25
N CYS A 25 -9.68 5.37 1.97
CA CYS A 25 -8.98 4.11 1.86
C CYS A 25 -9.68 3.25 0.81
N TYR A 26 -8.90 2.61 -0.04
CA TYR A 26 -9.40 1.74 -1.08
C TYR A 26 -8.55 0.50 -1.15
N GLU A 27 -9.09 -0.57 -1.70
CA GLU A 27 -8.38 -1.83 -1.79
C GLU A 27 -7.36 -1.76 -2.91
N ALA A 28 -6.14 -2.02 -2.58
CA ALA A 28 -5.07 -1.96 -3.52
C ALA A 28 -4.13 -3.13 -3.34
N GLU A 29 -3.49 -3.52 -4.41
CA GLU A 29 -2.54 -4.60 -4.36
C GLU A 29 -1.15 -4.08 -4.51
N ILE A 30 -0.28 -4.60 -3.70
CA ILE A 30 1.13 -4.27 -3.73
C ILE A 30 1.81 -4.89 -4.92
N GLU A 31 2.33 -4.06 -5.76
CA GLU A 31 3.03 -4.45 -6.96
C GLU A 31 4.52 -4.54 -6.69
N GLU A 32 5.00 -3.62 -5.88
CA GLU A 32 6.40 -3.52 -5.58
C GLU A 32 6.57 -2.90 -4.20
N ILE A 33 7.65 -3.25 -3.52
CA ILE A 33 7.97 -2.70 -2.22
C ILE A 33 9.39 -2.16 -2.25
N ASP A 34 9.59 -1.05 -1.59
CA ASP A 34 10.90 -0.47 -1.41
C ASP A 34 11.12 -0.39 0.06
N GLU A 35 11.83 -1.35 0.59
CA GLU A 35 12.08 -1.43 2.01
C GLU A 35 12.93 -0.27 2.54
N GLU A 36 13.74 0.32 1.67
CA GLU A 36 14.62 1.41 2.03
C GLU A 36 13.83 2.62 2.51
N ASN A 37 12.82 2.96 1.76
CA ASN A 37 11.96 4.08 2.11
C ASN A 37 10.76 3.60 2.88
N GLY A 38 10.56 2.30 2.86
CA GLY A 38 9.39 1.73 3.50
C GLY A 38 8.14 2.11 2.74
N THR A 39 8.23 2.09 1.43
CA THR A 39 7.13 2.47 0.60
C THR A 39 6.79 1.34 -0.32
N ALA A 40 5.58 1.30 -0.78
CA ALA A 40 5.18 0.29 -1.70
C ALA A 40 4.35 0.86 -2.81
N ALA A 41 4.51 0.30 -3.96
CA ALA A 41 3.74 0.68 -5.09
C ALA A 41 2.56 -0.21 -5.15
N ILE A 42 1.43 0.38 -5.10
CA ILE A 42 0.21 -0.36 -5.04
C ILE A 42 -0.71 0.03 -6.17
N THR A 43 -1.54 -0.87 -6.55
CA THR A 43 -2.50 -0.65 -7.58
C THR A 43 -3.89 -0.91 -7.04
N PHE A 44 -4.72 0.10 -7.09
CA PHE A 44 -6.07 0.06 -6.60
C PHE A 44 -6.89 -0.91 -7.43
N ALA A 45 -7.39 -1.93 -6.77
CA ALA A 45 -8.13 -2.99 -7.41
C ALA A 45 -9.41 -2.44 -8.01
N GLY A 46 -9.68 -2.82 -9.22
CA GLY A 46 -10.85 -2.37 -9.88
C GLY A 46 -10.56 -1.15 -10.73
N TYR A 47 -10.01 -0.13 -10.12
CA TYR A 47 -9.72 1.11 -10.84
C TYR A 47 -8.52 0.94 -11.74
N GLY A 48 -7.49 0.30 -11.22
CA GLY A 48 -6.30 0.09 -12.00
C GLY A 48 -5.31 1.21 -11.82
N ASN A 49 -5.61 2.14 -10.94
CA ASN A 49 -4.67 3.21 -10.66
C ASN A 49 -3.57 2.71 -9.78
N ALA A 50 -2.44 3.29 -9.89
CA ALA A 50 -1.29 2.85 -9.15
C ALA A 50 -0.54 4.02 -8.62
N GLU A 51 -0.06 3.92 -7.41
CA GLU A 51 0.70 4.96 -6.80
C GLU A 51 1.66 4.37 -5.79
N VAL A 52 2.67 5.12 -5.43
CA VAL A 52 3.61 4.68 -4.42
C VAL A 52 3.22 5.31 -3.10
N THR A 53 2.96 4.49 -2.15
CA THR A 53 2.49 4.94 -0.87
C THR A 53 3.25 4.21 0.23
N PRO A 54 3.61 4.89 1.32
CA PRO A 54 4.34 4.30 2.41
C PRO A 54 3.55 3.18 3.07
N LEU A 55 4.27 2.20 3.56
CA LEU A 55 3.70 1.03 4.25
C LEU A 55 2.82 1.45 5.42
N LEU A 56 3.10 2.62 5.98
CA LEU A 56 2.33 3.18 7.09
C LEU A 56 0.90 3.51 6.64
N ASN A 57 0.74 3.77 5.35
CA ASN A 57 -0.56 4.12 4.78
C ASN A 57 -1.30 2.91 4.39
N LEU A 58 -0.59 1.82 4.26
CA LEU A 58 -1.22 0.60 3.90
C LEU A 58 -1.82 -0.04 5.12
N LYS A 59 -3.06 -0.34 5.01
CA LYS A 59 -3.81 -0.94 6.07
C LYS A 59 -4.22 -2.32 5.62
N PRO A 60 -4.38 -3.27 6.51
CA PRO A 60 -4.81 -4.61 6.15
C PRO A 60 -6.26 -4.63 5.67
N VAL A 61 -6.57 -5.51 4.75
CA VAL A 61 -7.93 -5.59 4.25
C VAL A 61 -8.78 -6.35 5.20
N GLU A 62 -9.37 -5.63 6.11
CA GLU A 62 -10.31 -6.19 6.99
C GLU A 62 -11.66 -6.10 6.33
N GLU A 63 -12.41 -7.16 6.47
CA GLU A 63 -13.77 -7.30 5.96
C GLU A 63 -13.76 -7.46 4.45
N GLY A 64 -12.70 -8.05 3.96
CA GLY A 64 -12.56 -8.32 2.56
C GLY A 64 -11.38 -9.19 2.31
C1 DA2 B . -8.69 4.56 -5.35
C2 DA2 B . -7.78 4.96 -7.64
N DA2 B . -9.07 6.19 -13.23
CA DA2 B . -9.88 7.08 -12.41
CB DA2 B . -10.25 6.40 -11.10
CG DA2 B . -10.97 7.32 -10.11
CD DA2 B . -11.33 6.57 -8.86
NE DA2 B . -10.15 5.99 -8.27
CZ DA2 B . -10.02 5.56 -7.05
NH2 DA2 B . -11.01 5.63 -6.19
NH1 DA2 B . -8.89 5.05 -6.69
C DA2 B . -9.11 8.35 -12.15
O DA2 B . -9.58 9.43 -12.53
OXT DA2 B . -7.99 8.25 -11.62
H2 DA2 B . -8.75 6.72 -14.07
H3 DA2 B . -9.56 5.34 -13.53
HC11 DA2 B . -7.73 4.08 -5.26
HC12 DA2 B . -8.76 5.39 -4.65
HC13 DA2 B . -9.47 3.84 -5.12
HC21 DA2 B . -8.07 4.36 -8.48
HC22 DA2 B . -7.52 5.96 -7.98
HC23 DA2 B . -6.92 4.52 -7.16
H DA2 B . -8.19 5.94 -12.72
HA DA2 B . -10.78 7.30 -12.96
HCB1 DA2 B . -9.34 6.06 -10.62
HCB2 DA2 B . -10.88 5.55 -11.30
HCG1 DA2 B . -11.86 7.72 -10.57
HCG2 DA2 B . -10.30 8.12 -9.84
HCD1 DA2 B . -12.05 5.80 -9.09
HCD2 DA2 B . -11.77 7.27 -8.16
HNE DA2 B . -9.35 5.90 -8.84
HNH2 DA2 B . -11.90 6.01 -6.43
HH1 DA2 B . -10.84 5.28 -5.28
N ALA A 1 16.96 2.78 4.78
CA ALA A 1 18.23 2.91 5.48
C ALA A 1 18.09 2.41 6.91
N SER A 2 17.23 3.04 7.66
CA SER A 2 16.91 2.64 9.02
C SER A 2 15.41 2.52 9.11
N THR A 3 14.83 2.18 7.98
CA THR A 3 13.44 2.12 7.79
C THR A 3 12.92 0.77 8.28
N GLN A 4 12.32 0.77 9.43
CA GLN A 4 11.78 -0.42 9.99
C GLN A 4 10.27 -0.41 9.76
N PRO A 5 9.78 -1.26 8.84
CA PRO A 5 8.36 -1.33 8.48
C PRO A 5 7.44 -1.45 9.68
N THR A 6 6.37 -0.68 9.65
CA THR A 6 5.39 -0.68 10.72
C THR A 6 4.46 -1.90 10.58
N HIS A 7 4.38 -2.42 9.37
CA HIS A 7 3.53 -3.53 9.06
C HIS A 7 4.31 -4.40 8.09
N SER A 8 4.22 -5.69 8.24
CA SER A 8 4.91 -6.59 7.36
C SER A 8 4.09 -6.82 6.09
N TRP A 9 4.52 -6.21 5.01
CA TRP A 9 3.84 -6.34 3.74
C TRP A 9 4.64 -7.20 2.78
N LYS A 10 3.95 -7.88 1.88
CA LYS A 10 4.59 -8.70 0.88
C LYS A 10 4.04 -8.36 -0.50
N VAL A 11 4.84 -8.56 -1.51
CA VAL A 11 4.44 -8.31 -2.89
C VAL A 11 3.31 -9.28 -3.28
N GLY A 12 2.28 -8.77 -3.93
CA GLY A 12 1.19 -9.60 -4.36
C GLY A 12 0.16 -9.79 -3.29
N ASP A 13 0.01 -8.80 -2.43
CA ASP A 13 -0.99 -8.89 -1.38
C ASP A 13 -1.94 -7.76 -1.51
N LYS A 14 -3.09 -7.94 -0.97
CA LYS A 14 -4.08 -6.92 -0.92
C LYS A 14 -3.95 -6.14 0.34
N CYS A 15 -4.16 -4.91 0.22
CA CYS A 15 -4.10 -4.00 1.30
C CYS A 15 -5.10 -2.92 1.02
N MET A 16 -5.24 -2.01 1.91
CA MET A 16 -6.06 -0.89 1.65
C MET A 16 -5.18 0.30 1.74
N ALA A 17 -5.25 1.14 0.78
CA ALA A 17 -4.38 2.28 0.73
C ALA A 17 -5.20 3.53 0.72
N VAL A 18 -4.64 4.55 1.27
CA VAL A 18 -5.29 5.82 1.29
C VAL A 18 -4.99 6.55 0.01
N TRP A 19 -6.01 6.77 -0.79
CA TRP A 19 -5.89 7.43 -2.05
C TRP A 19 -5.46 8.84 -1.79
N SER A 20 -4.35 9.22 -2.35
CA SER A 20 -3.78 10.52 -2.09
C SER A 20 -4.68 11.66 -2.61
N GLU A 21 -5.59 11.35 -3.53
CA GLU A 21 -6.46 12.36 -4.08
C GLU A 21 -7.69 12.62 -3.24
N ASP A 22 -8.31 11.58 -2.75
CA ASP A 22 -9.56 11.77 -2.01
C ASP A 22 -9.36 11.53 -0.52
N GLY A 23 -8.25 10.91 -0.19
CA GLY A 23 -7.91 10.70 1.21
C GLY A 23 -8.62 9.54 1.84
N GLN A 24 -9.42 8.82 1.07
CA GLN A 24 -10.14 7.69 1.59
C GLN A 24 -9.35 6.43 1.32
N CYS A 25 -9.66 5.37 2.00
CA CYS A 25 -8.98 4.12 1.80
C CYS A 25 -9.71 3.25 0.78
N TYR A 26 -8.95 2.66 -0.11
CA TYR A 26 -9.46 1.82 -1.17
C TYR A 26 -8.62 0.56 -1.25
N GLU A 27 -9.17 -0.49 -1.85
CA GLU A 27 -8.47 -1.77 -1.92
C GLU A 27 -7.39 -1.68 -2.99
N ALA A 28 -6.20 -2.06 -2.62
CA ALA A 28 -5.07 -2.01 -3.52
C ALA A 28 -4.17 -3.20 -3.31
N GLU A 29 -3.48 -3.59 -4.34
CA GLU A 29 -2.59 -4.70 -4.28
C GLU A 29 -1.16 -4.24 -4.48
N ILE A 30 -0.27 -4.75 -3.65
CA ILE A 30 1.13 -4.40 -3.71
C ILE A 30 1.82 -5.03 -4.90
N GLU A 31 2.39 -4.20 -5.72
CA GLU A 31 3.09 -4.62 -6.92
C GLU A 31 4.58 -4.66 -6.69
N GLU A 32 5.06 -3.76 -5.85
CA GLU A 32 6.45 -3.67 -5.53
C GLU A 32 6.58 -3.05 -4.14
N ILE A 33 7.63 -3.39 -3.43
CA ILE A 33 7.90 -2.84 -2.13
C ILE A 33 9.31 -2.28 -2.14
N ASP A 34 9.46 -1.10 -1.62
CA ASP A 34 10.74 -0.49 -1.50
C ASP A 34 10.99 -0.25 -0.03
N GLU A 35 11.67 -1.19 0.60
CA GLU A 35 11.96 -1.14 2.02
C GLU A 35 12.92 -0.02 2.38
N GLU A 36 13.66 0.46 1.39
CA GLU A 36 14.62 1.53 1.57
C GLU A 36 13.91 2.79 2.04
N ASN A 37 12.83 3.10 1.38
CA ASN A 37 12.03 4.27 1.71
C ASN A 37 10.85 3.86 2.59
N GLY A 38 10.60 2.57 2.63
CA GLY A 38 9.48 2.05 3.38
C GLY A 38 8.19 2.33 2.66
N THR A 39 8.23 2.25 1.37
CA THR A 39 7.11 2.57 0.55
C THR A 39 6.82 1.40 -0.34
N ALA A 40 5.61 1.29 -0.77
CA ALA A 40 5.25 0.24 -1.67
C ALA A 40 4.42 0.79 -2.80
N ALA A 41 4.56 0.18 -3.93
CA ALA A 41 3.81 0.54 -5.08
C ALA A 41 2.63 -0.35 -5.14
N ILE A 42 1.49 0.23 -5.09
CA ILE A 42 0.27 -0.49 -5.03
C ILE A 42 -0.65 -0.08 -6.15
N THR A 43 -1.46 -1.01 -6.56
CA THR A 43 -2.41 -0.79 -7.61
C THR A 43 -3.81 -1.00 -7.04
N PHE A 44 -4.62 0.03 -7.12
CA PHE A 44 -5.96 0.01 -6.63
C PHE A 44 -6.81 -0.91 -7.47
N ALA A 45 -7.45 -1.84 -6.80
CA ALA A 45 -8.26 -2.86 -7.44
C ALA A 45 -9.45 -2.22 -8.13
N GLY A 46 -9.75 -2.67 -9.33
CA GLY A 46 -10.87 -2.16 -10.06
C GLY A 46 -10.52 -0.91 -10.87
N TYR A 47 -9.84 0.01 -10.24
CA TYR A 47 -9.46 1.24 -10.91
C TYR A 47 -8.23 1.03 -11.77
N GLY A 48 -7.28 0.31 -11.23
CA GLY A 48 -6.07 0.04 -11.96
C GLY A 48 -5.04 1.11 -11.74
N ASN A 49 -5.37 2.10 -10.92
CA ASN A 49 -4.43 3.17 -10.60
C ASN A 49 -3.35 2.63 -9.75
N ALA A 50 -2.20 3.18 -9.89
CA ALA A 50 -1.06 2.72 -9.16
C ALA A 50 -0.30 3.89 -8.64
N GLU A 51 0.07 3.84 -7.40
CA GLU A 51 0.83 4.89 -6.80
C GLU A 51 1.77 4.32 -5.78
N VAL A 52 2.82 5.04 -5.50
CA VAL A 52 3.75 4.64 -4.49
C VAL A 52 3.29 5.27 -3.19
N THR A 53 3.06 4.47 -2.22
CA THR A 53 2.57 4.93 -0.97
C THR A 53 3.34 4.25 0.16
N PRO A 54 3.65 4.97 1.23
CA PRO A 54 4.38 4.42 2.36
C PRO A 54 3.59 3.29 3.01
N LEU A 55 4.31 2.32 3.52
CA LEU A 55 3.72 1.16 4.21
C LEU A 55 2.80 1.59 5.34
N LEU A 56 3.07 2.77 5.90
CA LEU A 56 2.26 3.33 6.98
C LEU A 56 0.82 3.60 6.50
N ASN A 57 0.68 3.85 5.20
CA ASN A 57 -0.61 4.18 4.59
C ASN A 57 -1.34 2.94 4.18
N LEU A 58 -0.64 1.85 4.14
CA LEU A 58 -1.26 0.60 3.80
C LEU A 58 -1.88 0.01 5.04
N LYS A 59 -3.13 -0.31 4.94
CA LYS A 59 -3.87 -0.88 6.03
C LYS A 59 -4.25 -2.29 5.63
N PRO A 60 -4.42 -3.20 6.59
CA PRO A 60 -4.82 -4.57 6.29
C PRO A 60 -6.25 -4.64 5.79
N VAL A 61 -6.53 -5.61 4.98
CA VAL A 61 -7.86 -5.81 4.46
C VAL A 61 -8.69 -6.52 5.52
N GLU A 62 -9.42 -5.76 6.27
CA GLU A 62 -10.24 -6.32 7.30
C GLU A 62 -11.56 -6.74 6.71
N GLU A 63 -11.75 -8.03 6.64
CA GLU A 63 -12.96 -8.62 6.08
C GLU A 63 -13.53 -9.60 7.09
N GLY A 64 -13.15 -9.40 8.33
CA GLY A 64 -13.59 -10.19 9.42
C GLY A 64 -12.78 -9.81 10.61
C1 DA2 B . -8.45 4.64 -5.29
C2 DA2 B . -7.45 5.10 -7.54
N DA2 B . -8.78 6.49 -13.29
CA DA2 B . -9.51 7.34 -12.37
CB DA2 B . -9.88 6.57 -11.11
CG DA2 B . -10.65 7.43 -10.10
CD DA2 B . -11.01 6.65 -8.89
NE DA2 B . -9.82 6.07 -8.28
CZ DA2 B . -9.73 5.63 -7.05
NH2 DA2 B . -10.75 5.66 -6.24
NH1 DA2 B . -8.59 5.15 -6.65
C DA2 B . -8.65 8.51 -12.02
O DA2 B . -9.05 9.66 -12.28
OXT DA2 B . -7.52 8.29 -11.54
H2 DA2 B . -9.33 5.68 -13.64
H3 DA2 B . -7.89 6.16 -12.86
HC11 DA2 B . -8.66 5.44 -4.60
HC12 DA2 B . -9.14 3.82 -5.14
HC13 DA2 B . -7.44 4.29 -5.14
HC21 DA2 B . -7.18 6.12 -7.84
HC22 DA2 B . -6.60 4.65 -7.04
HC23 DA2 B . -7.69 4.53 -8.42
H DA2 B . -8.51 7.06 -14.13
HA DA2 B . -10.42 7.68 -12.86
HCB1 DA2 B . -8.98 6.24 -10.64
HCB2 DA2 B . -10.50 5.72 -11.37
HCG1 DA2 B . -11.55 7.81 -10.56
HCG2 DA2 B . -10.02 8.24 -9.79
HCD1 DA2 B . -11.68 5.84 -9.17
HCD2 DA2 B . -11.50 7.29 -8.18
HNE DA2 B . -9.01 6.03 -8.82
HNH2 DA2 B . -11.64 6.02 -6.50
HH1 DA2 B . -10.61 5.31 -5.32
N ALA A 1 15.80 5.01 4.67
CA ALA A 1 16.44 5.52 5.86
C ALA A 1 16.53 4.41 6.89
N SER A 2 17.45 4.52 7.81
CA SER A 2 17.68 3.51 8.82
C SER A 2 16.50 3.44 9.82
N THR A 3 15.68 2.41 9.68
CA THR A 3 14.54 2.20 10.52
C THR A 3 13.93 0.86 10.11
N GLN A 4 12.87 0.48 10.73
CA GLN A 4 12.20 -0.76 10.41
C GLN A 4 10.83 -0.44 9.87
N PRO A 5 10.26 -1.29 9.01
CA PRO A 5 8.92 -1.06 8.46
C PRO A 5 7.85 -1.10 9.56
N THR A 6 6.82 -0.29 9.39
CA THR A 6 5.74 -0.22 10.35
C THR A 6 4.84 -1.46 10.23
N HIS A 7 4.79 -2.03 9.06
CA HIS A 7 4.00 -3.19 8.80
C HIS A 7 4.79 -4.08 7.85
N SER A 8 4.66 -5.37 8.01
CA SER A 8 5.33 -6.33 7.17
C SER A 8 4.45 -6.62 5.95
N TRP A 9 4.83 -6.09 4.82
CA TRP A 9 4.10 -6.27 3.59
C TRP A 9 4.84 -7.11 2.60
N LYS A 10 4.12 -7.81 1.73
CA LYS A 10 4.74 -8.58 0.68
C LYS A 10 4.11 -8.23 -0.66
N VAL A 11 4.87 -8.38 -1.71
CA VAL A 11 4.42 -8.12 -3.07
C VAL A 11 3.31 -9.09 -3.45
N GLY A 12 2.30 -8.59 -4.16
CA GLY A 12 1.20 -9.41 -4.59
C GLY A 12 0.23 -9.68 -3.47
N ASP A 13 0.05 -8.70 -2.62
CA ASP A 13 -0.86 -8.84 -1.50
C ASP A 13 -1.88 -7.78 -1.58
N LYS A 14 -3.00 -8.05 -1.02
CA LYS A 14 -4.05 -7.11 -0.93
C LYS A 14 -3.97 -6.35 0.35
N CYS A 15 -4.13 -5.10 0.23
CA CYS A 15 -4.09 -4.20 1.32
C CYS A 15 -5.07 -3.10 1.03
N MET A 16 -5.19 -2.18 1.91
CA MET A 16 -6.00 -1.04 1.67
C MET A 16 -5.12 0.14 1.75
N ALA A 17 -5.19 0.97 0.78
CA ALA A 17 -4.32 2.09 0.69
C ALA A 17 -5.10 3.35 0.69
N VAL A 18 -4.50 4.37 1.17
CA VAL A 18 -5.08 5.67 1.18
C VAL A 18 -4.80 6.32 -0.15
N TRP A 19 -5.85 6.58 -0.90
CA TRP A 19 -5.75 7.18 -2.20
C TRP A 19 -5.19 8.56 -2.05
N SER A 20 -4.08 8.82 -2.69
CA SER A 20 -3.37 10.08 -2.56
C SER A 20 -4.23 11.25 -3.07
N GLU A 21 -5.22 10.96 -3.88
CA GLU A 21 -6.03 12.01 -4.42
C GLU A 21 -7.15 12.42 -3.48
N ASP A 22 -7.83 11.46 -2.86
CA ASP A 22 -9.00 11.81 -2.04
C ASP A 22 -8.75 11.56 -0.57
N GLY A 23 -7.73 10.80 -0.27
CA GLY A 23 -7.38 10.57 1.11
C GLY A 23 -8.22 9.49 1.79
N GLN A 24 -9.06 8.83 1.03
CA GLN A 24 -9.86 7.74 1.58
C GLN A 24 -9.13 6.42 1.35
N CYS A 25 -9.51 5.39 2.06
CA CYS A 25 -8.89 4.09 1.91
C CYS A 25 -9.63 3.24 0.87
N TYR A 26 -8.88 2.58 0.01
CA TYR A 26 -9.40 1.73 -1.03
C TYR A 26 -8.58 0.46 -1.11
N GLU A 27 -9.15 -0.58 -1.66
CA GLU A 27 -8.45 -1.86 -1.74
C GLU A 27 -7.40 -1.78 -2.84
N ALA A 28 -6.20 -2.11 -2.50
CA ALA A 28 -5.11 -2.04 -3.43
C ALA A 28 -4.20 -3.23 -3.27
N GLU A 29 -3.53 -3.57 -4.32
CA GLU A 29 -2.62 -4.68 -4.33
C GLU A 29 -1.21 -4.16 -4.52
N ILE A 30 -0.30 -4.66 -3.72
CA ILE A 30 1.10 -4.28 -3.78
C ILE A 30 1.81 -4.85 -5.00
N GLU A 31 2.38 -3.96 -5.76
CA GLU A 31 3.08 -4.28 -6.97
C GLU A 31 4.58 -4.40 -6.69
N GLU A 32 5.09 -3.48 -5.89
CA GLU A 32 6.50 -3.36 -5.60
C GLU A 32 6.65 -2.83 -4.20
N ILE A 33 7.72 -3.21 -3.52
CA ILE A 33 8.01 -2.71 -2.18
C ILE A 33 9.42 -2.18 -2.12
N ASP A 34 9.58 -1.06 -1.46
CA ASP A 34 10.85 -0.47 -1.19
C ASP A 34 10.96 -0.33 0.30
N GLU A 35 11.57 -1.29 0.96
CA GLU A 35 11.67 -1.27 2.40
C GLU A 35 12.55 -0.13 2.89
N GLU A 36 13.48 0.30 2.04
CA GLU A 36 14.43 1.35 2.39
C GLU A 36 13.69 2.63 2.72
N ASN A 37 12.77 2.99 1.88
CA ASN A 37 11.99 4.18 2.08
C ASN A 37 10.71 3.86 2.82
N GLY A 38 10.41 2.59 2.90
CA GLY A 38 9.22 2.14 3.56
C GLY A 38 8.01 2.46 2.73
N THR A 39 8.12 2.25 1.45
CA THR A 39 7.07 2.56 0.53
C THR A 39 6.75 1.36 -0.32
N ALA A 40 5.57 1.35 -0.85
CA ALA A 40 5.17 0.32 -1.74
C ALA A 40 4.34 0.88 -2.84
N ALA A 41 4.49 0.35 -4.00
CA ALA A 41 3.69 0.73 -5.12
C ALA A 41 2.53 -0.18 -5.15
N ILE A 42 1.38 0.37 -5.14
CA ILE A 42 0.18 -0.40 -5.09
C ILE A 42 -0.75 -0.03 -6.21
N THR A 43 -1.59 -0.95 -6.59
CA THR A 43 -2.58 -0.72 -7.60
C THR A 43 -3.97 -0.96 -7.02
N PHE A 44 -4.78 0.07 -7.07
CA PHE A 44 -6.13 0.05 -6.55
C PHE A 44 -7.00 -0.90 -7.35
N ALA A 45 -7.53 -1.88 -6.66
CA ALA A 45 -8.32 -2.93 -7.25
C ALA A 45 -9.64 -2.38 -7.76
N GLY A 46 -9.88 -2.60 -9.02
CA GLY A 46 -11.12 -2.19 -9.62
C GLY A 46 -10.93 -0.97 -10.48
N TYR A 47 -10.03 -0.09 -10.09
CA TYR A 47 -9.79 1.12 -10.86
C TYR A 47 -8.60 0.96 -11.79
N GLY A 48 -7.57 0.30 -11.31
CA GLY A 48 -6.39 0.11 -12.12
C GLY A 48 -5.35 1.20 -11.91
N ASN A 49 -5.62 2.08 -10.96
CA ASN A 49 -4.69 3.15 -10.66
C ASN A 49 -3.61 2.66 -9.77
N ALA A 50 -2.46 3.25 -9.87
CA ALA A 50 -1.31 2.82 -9.12
C ALA A 50 -0.55 4.00 -8.62
N GLU A 51 -0.09 3.92 -7.41
CA GLU A 51 0.67 4.97 -6.80
C GLU A 51 1.69 4.37 -5.85
N VAL A 52 2.69 5.15 -5.52
CA VAL A 52 3.68 4.75 -4.55
C VAL A 52 3.28 5.39 -3.23
N THR A 53 2.95 4.58 -2.30
CA THR A 53 2.47 5.05 -1.05
C THR A 53 3.24 4.36 0.08
N PRO A 54 3.56 5.07 1.14
CA PRO A 54 4.30 4.50 2.26
C PRO A 54 3.51 3.38 2.91
N LEU A 55 4.22 2.39 3.41
CA LEU A 55 3.65 1.23 4.11
C LEU A 55 2.72 1.65 5.25
N LEU A 56 2.97 2.83 5.80
CA LEU A 56 2.16 3.39 6.88
C LEU A 56 0.74 3.71 6.39
N ASN A 57 0.60 3.92 5.09
CA ASN A 57 -0.69 4.25 4.49
C ASN A 57 -1.39 3.02 4.04
N LEU A 58 -0.67 1.93 4.08
CA LEU A 58 -1.22 0.65 3.77
C LEU A 58 -1.79 0.02 5.01
N LYS A 59 -3.01 -0.38 4.91
CA LYS A 59 -3.72 -1.03 5.96
C LYS A 59 -4.00 -2.43 5.51
N PRO A 60 -4.20 -3.37 6.44
CA PRO A 60 -4.64 -4.71 6.10
C PRO A 60 -6.04 -4.65 5.50
N VAL A 61 -6.44 -5.66 4.79
CA VAL A 61 -7.78 -5.69 4.25
C VAL A 61 -8.80 -5.88 5.37
N GLU A 62 -9.21 -4.75 5.90
CA GLU A 62 -10.14 -4.69 6.97
C GLU A 62 -11.53 -4.88 6.41
N GLU A 63 -12.14 -5.97 6.78
CA GLU A 63 -13.49 -6.28 6.34
C GLU A 63 -14.41 -6.18 7.54
N GLY A 64 -13.87 -5.64 8.58
CA GLY A 64 -14.54 -5.43 9.80
C GLY A 64 -13.59 -4.71 10.68
C1 DA2 B . -8.73 4.38 -5.37
C2 DA2 B . -7.87 4.78 -7.69
N DA2 B . -11.85 5.17 -12.80
CA DA2 B . -12.09 5.90 -11.57
CB DA2 B . -10.84 6.66 -11.14
CG DA2 B . -11.07 7.53 -9.91
CD DA2 B . -11.37 6.71 -8.67
NE DA2 B . -10.19 6.01 -8.20
CZ DA2 B . -10.04 5.52 -6.98
NH2 DA2 B . -10.96 5.66 -6.06
NH1 DA2 B . -8.93 4.91 -6.69
C DA2 B . -13.24 6.84 -11.80
O DA2 B . -14.27 6.73 -11.11
OXT DA2 B . -13.16 7.63 -12.74
H2 DA2 B . -11.00 4.57 -12.80
H3 DA2 B . -11.76 5.88 -13.54
HC11 DA2 B . -9.42 3.56 -5.20
HC12 DA2 B . -7.71 4.02 -5.26
HC13 DA2 B . -8.91 5.15 -4.64
HC21 DA2 B . -7.00 4.33 -7.24
HC22 DA2 B . -8.22 4.15 -8.50
HC23 DA2 B . -7.62 5.75 -8.06
H DA2 B . -12.68 4.58 -13.05
HA DA2 B . -12.38 5.21 -10.79
HCB1 DA2 B . -10.51 7.29 -11.95
HCB2 DA2 B . -10.08 5.93 -10.90
HCG1 DA2 B . -11.89 8.19 -10.11
HCG2 DA2 B . -10.16 8.10 -9.72
HCD1 DA2 B . -12.15 5.99 -8.89
HCD2 DA2 B . -11.69 7.39 -7.89
HNE DA2 B . -9.45 5.88 -8.83
HNH2 DA2 B . -11.84 6.13 -6.23
HH1 DA2 B . -10.79 5.29 -5.16
N ALA A 1 20.04 2.30 4.29
CA ALA A 1 20.09 2.36 5.75
C ALA A 1 19.68 1.04 6.38
N SER A 2 18.96 0.20 5.60
CA SER A 2 18.49 -1.10 6.09
C SER A 2 17.54 -0.94 7.29
N THR A 3 16.28 -0.72 7.00
CA THR A 3 15.29 -0.49 8.00
C THR A 3 14.15 -1.48 7.86
N GLN A 4 13.74 -2.04 8.96
CA GLN A 4 12.65 -2.98 8.99
C GLN A 4 11.34 -2.19 8.80
N PRO A 5 10.51 -2.61 7.83
CA PRO A 5 9.19 -1.99 7.55
C PRO A 5 8.30 -1.78 8.79
N THR A 6 7.43 -0.80 8.71
CA THR A 6 6.51 -0.48 9.80
C THR A 6 5.39 -1.55 9.88
N HIS A 7 5.12 -2.17 8.75
CA HIS A 7 4.14 -3.22 8.67
C HIS A 7 4.71 -4.27 7.73
N SER A 8 4.48 -5.52 8.01
CA SER A 8 4.99 -6.58 7.19
C SER A 8 4.12 -6.76 5.94
N TRP A 9 4.62 -6.30 4.82
CA TRP A 9 3.94 -6.40 3.55
C TRP A 9 4.70 -7.28 2.57
N LYS A 10 3.99 -7.91 1.66
CA LYS A 10 4.62 -8.73 0.63
C LYS A 10 4.11 -8.28 -0.73
N VAL A 11 4.92 -8.48 -1.74
CA VAL A 11 4.53 -8.19 -3.10
C VAL A 11 3.37 -9.12 -3.50
N GLY A 12 2.32 -8.55 -4.06
CA GLY A 12 1.18 -9.33 -4.49
C GLY A 12 0.20 -9.56 -3.37
N ASP A 13 0.09 -8.61 -2.48
CA ASP A 13 -0.83 -8.73 -1.34
C ASP A 13 -1.91 -7.71 -1.50
N LYS A 14 -3.00 -7.94 -0.85
CA LYS A 14 -4.07 -7.04 -0.80
C LYS A 14 -4.03 -6.24 0.46
N CYS A 15 -4.18 -4.99 0.29
CA CYS A 15 -4.13 -4.07 1.37
C CYS A 15 -5.12 -2.98 1.09
N MET A 16 -5.22 -2.05 1.98
CA MET A 16 -6.01 -0.91 1.72
C MET A 16 -5.10 0.26 1.76
N ALA A 17 -5.18 1.07 0.78
CA ALA A 17 -4.30 2.17 0.66
C ALA A 17 -5.10 3.43 0.65
N VAL A 18 -4.51 4.46 1.13
CA VAL A 18 -5.12 5.74 1.13
C VAL A 18 -4.85 6.41 -0.19
N TRP A 19 -5.91 6.66 -0.91
CA TRP A 19 -5.86 7.31 -2.20
C TRP A 19 -5.35 8.71 -1.99
N SER A 20 -4.26 9.05 -2.63
CA SER A 20 -3.63 10.36 -2.46
C SER A 20 -4.53 11.49 -2.97
N GLU A 21 -5.49 11.14 -3.80
CA GLU A 21 -6.34 12.14 -4.38
C GLU A 21 -7.50 12.54 -3.47
N ASP A 22 -8.12 11.58 -2.82
CA ASP A 22 -9.26 11.94 -1.94
C ASP A 22 -8.96 11.67 -0.48
N GLY A 23 -7.96 10.89 -0.24
CA GLY A 23 -7.59 10.61 1.14
C GLY A 23 -8.34 9.44 1.74
N GLN A 24 -9.22 8.83 0.98
CA GLN A 24 -9.98 7.67 1.48
C GLN A 24 -9.18 6.41 1.26
N CYS A 25 -9.51 5.39 2.00
CA CYS A 25 -8.85 4.13 1.85
C CYS A 25 -9.62 3.23 0.88
N TYR A 26 -8.89 2.59 0.00
CA TYR A 26 -9.43 1.72 -1.01
C TYR A 26 -8.59 0.47 -1.10
N GLU A 27 -9.13 -0.59 -1.63
CA GLU A 27 -8.42 -1.85 -1.71
C GLU A 27 -7.37 -1.75 -2.80
N ALA A 28 -6.17 -2.08 -2.46
CA ALA A 28 -5.07 -2.01 -3.39
C ALA A 28 -4.18 -3.22 -3.25
N GLU A 29 -3.57 -3.59 -4.32
CA GLU A 29 -2.66 -4.70 -4.34
C GLU A 29 -1.24 -4.21 -4.56
N ILE A 30 -0.34 -4.69 -3.76
CA ILE A 30 1.07 -4.32 -3.81
C ILE A 30 1.77 -4.90 -5.02
N GLU A 31 2.36 -4.04 -5.80
CA GLU A 31 3.08 -4.38 -7.00
C GLU A 31 4.57 -4.50 -6.73
N GLU A 32 5.08 -3.61 -5.91
CA GLU A 32 6.47 -3.54 -5.58
C GLU A 32 6.61 -2.93 -4.20
N ILE A 33 7.67 -3.28 -3.50
CA ILE A 33 7.95 -2.75 -2.19
C ILE A 33 9.34 -2.16 -2.20
N ASP A 34 9.51 -1.05 -1.55
CA ASP A 34 10.79 -0.42 -1.39
C ASP A 34 10.99 -0.27 0.11
N GLU A 35 11.60 -1.26 0.74
CA GLU A 35 11.76 -1.30 2.18
C GLU A 35 12.67 -0.19 2.71
N GLU A 36 13.52 0.30 1.84
CA GLU A 36 14.47 1.33 2.20
C GLU A 36 13.76 2.66 2.43
N ASN A 37 12.74 2.90 1.67
CA ASN A 37 11.93 4.08 1.88
C ASN A 37 10.69 3.76 2.67
N GLY A 38 10.45 2.47 2.85
CA GLY A 38 9.29 1.99 3.56
C GLY A 38 8.04 2.30 2.77
N THR A 39 8.13 2.15 1.48
CA THR A 39 7.06 2.50 0.62
C THR A 39 6.75 1.35 -0.31
N ALA A 40 5.56 1.31 -0.81
CA ALA A 40 5.18 0.30 -1.72
C ALA A 40 4.37 0.87 -2.85
N ALA A 41 4.51 0.28 -3.99
CA ALA A 41 3.75 0.67 -5.13
C ALA A 41 2.58 -0.22 -5.19
N ILE A 42 1.43 0.34 -5.17
CA ILE A 42 0.22 -0.41 -5.12
C ILE A 42 -0.71 -0.05 -6.26
N THR A 43 -1.56 -0.95 -6.61
CA THR A 43 -2.56 -0.74 -7.61
C THR A 43 -3.92 -0.92 -6.98
N PHE A 44 -4.73 0.10 -7.04
CA PHE A 44 -6.06 0.07 -6.50
C PHE A 44 -6.89 -0.89 -7.31
N ALA A 45 -7.37 -1.90 -6.62
CA ALA A 45 -8.07 -3.00 -7.23
C ALA A 45 -9.38 -2.56 -7.80
N GLY A 46 -9.49 -2.70 -9.09
CA GLY A 46 -10.69 -2.33 -9.77
C GLY A 46 -10.48 -1.12 -10.62
N TYR A 47 -9.83 -0.13 -10.05
CA TYR A 47 -9.57 1.11 -10.77
C TYR A 47 -8.37 0.99 -11.66
N GLY A 48 -7.38 0.26 -11.20
CA GLY A 48 -6.19 0.09 -11.98
C GLY A 48 -5.21 1.21 -11.77
N ASN A 49 -5.54 2.14 -10.89
CA ASN A 49 -4.62 3.23 -10.57
C ASN A 49 -3.51 2.71 -9.75
N ALA A 50 -2.37 3.28 -9.90
CA ALA A 50 -1.20 2.80 -9.22
C ALA A 50 -0.37 3.95 -8.73
N GLU A 51 -0.02 3.91 -7.47
CA GLU A 51 0.73 4.98 -6.87
C GLU A 51 1.67 4.41 -5.82
N VAL A 52 2.73 5.12 -5.54
CA VAL A 52 3.66 4.71 -4.51
C VAL A 52 3.23 5.35 -3.22
N THR A 53 2.96 4.55 -2.25
CA THR A 53 2.48 5.01 -1.01
C THR A 53 3.23 4.28 0.11
N PRO A 54 3.57 4.99 1.19
CA PRO A 54 4.30 4.41 2.29
C PRO A 54 3.49 3.30 2.97
N LEU A 55 4.20 2.33 3.49
CA LEU A 55 3.60 1.17 4.18
C LEU A 55 2.69 1.60 5.33
N LEU A 56 2.97 2.78 5.88
CA LEU A 56 2.17 3.36 6.96
C LEU A 56 0.75 3.70 6.47
N ASN A 57 0.62 3.93 5.17
CA ASN A 57 -0.65 4.26 4.55
C ASN A 57 -1.36 3.03 4.12
N LEU A 58 -0.65 1.95 4.12
CA LEU A 58 -1.20 0.68 3.82
C LEU A 58 -1.78 0.07 5.06
N LYS A 59 -3.00 -0.30 4.95
CA LYS A 59 -3.70 -0.94 5.99
C LYS A 59 -3.99 -2.34 5.55
N PRO A 60 -4.16 -3.28 6.46
CA PRO A 60 -4.60 -4.62 6.12
C PRO A 60 -6.03 -4.54 5.59
N VAL A 61 -6.47 -5.53 4.89
CA VAL A 61 -7.81 -5.50 4.36
C VAL A 61 -8.84 -5.59 5.49
N GLU A 62 -9.26 -4.43 5.91
CA GLU A 62 -10.21 -4.27 6.96
C GLU A 62 -11.60 -4.34 6.37
N GLU A 63 -12.25 -5.48 6.55
CA GLU A 63 -13.59 -5.68 6.00
C GLU A 63 -14.64 -5.38 7.06
N GLY A 64 -14.19 -4.85 8.14
CA GLY A 64 -15.05 -4.53 9.22
C GLY A 64 -14.65 -3.21 9.76
C1 DA2 B . -8.66 4.51 -5.24
C2 DA2 B . -7.74 4.98 -7.52
N DA2 B . -9.08 6.06 -13.02
CA DA2 B . -9.91 6.99 -12.28
CB DA2 B . -10.29 6.38 -10.93
CG DA2 B . -11.01 7.30 -9.96
CD DA2 B . -11.34 6.55 -8.70
NE DA2 B . -10.14 5.97 -8.13
CZ DA2 B . -10.00 5.52 -6.92
NH2 DA2 B . -10.99 5.54 -6.06
NH1 DA2 B . -8.85 5.03 -6.57
C DA2 B . -9.13 8.26 -12.06
O DA2 B . -9.57 9.34 -12.52
OXT DA2 B . -8.05 8.20 -11.48
H2 DA2 B . -8.20 5.88 -12.49
H3 DA2 B . -8.80 6.48 -13.92
HC11 DA2 B . -9.33 3.68 -5.08
HC12 DA2 B . -7.64 4.17 -5.12
HC13 DA2 B . -8.86 5.28 -4.52
HC21 DA2 B . -6.89 4.49 -7.07
HC22 DA2 B . -8.04 4.47 -8.41
HC23 DA2 B . -7.46 6.00 -7.77
H DA2 B . -9.55 5.16 -13.21
HA DA2 B . -10.81 7.21 -12.84
HCB1 DA2 B . -9.38 6.04 -10.46
HCB2 DA2 B . -10.93 5.53 -11.10
HCG1 DA2 B . -11.91 7.69 -10.39
HCG2 DA2 B . -10.34 8.10 -9.67
HCD1 DA2 B . -12.04 5.76 -8.93
HCD2 DA2 B . -11.77 7.24 -7.97
HNE DA2 B . -9.35 5.93 -8.70
HNH2 DA2 B . -11.90 5.91 -6.28
HH1 DA2 B . -10.82 5.18 -5.15
N ALA A 1 16.42 0.17 5.82
CA ALA A 1 17.38 0.73 6.79
C ALA A 1 17.00 2.17 7.16
N SER A 2 16.75 3.00 6.16
CA SER A 2 16.40 4.39 6.36
C SER A 2 15.00 4.49 6.97
N THR A 3 14.13 3.62 6.55
CA THR A 3 12.82 3.55 7.06
C THR A 3 12.57 2.12 7.44
N GLN A 4 12.23 1.89 8.66
CA GLN A 4 11.94 0.58 9.12
C GLN A 4 10.45 0.40 9.03
N PRO A 5 9.98 -0.64 8.30
CA PRO A 5 8.55 -0.89 8.06
C PRO A 5 7.73 -0.82 9.32
N THR A 6 6.63 -0.14 9.23
CA THR A 6 5.73 -0.02 10.34
C THR A 6 4.76 -1.22 10.33
N HIS A 7 4.62 -1.80 9.16
CA HIS A 7 3.80 -2.95 8.95
C HIS A 7 4.56 -3.81 7.95
N SER A 8 4.59 -5.10 8.17
CA SER A 8 5.29 -6.00 7.30
C SER A 8 4.39 -6.37 6.11
N TRP A 9 4.77 -5.92 4.93
CA TRP A 9 4.01 -6.14 3.71
C TRP A 9 4.73 -7.06 2.72
N LYS A 10 3.97 -7.76 1.90
CA LYS A 10 4.52 -8.59 0.84
C LYS A 10 3.96 -8.16 -0.53
N VAL A 11 4.74 -8.35 -1.57
CA VAL A 11 4.31 -8.07 -2.94
C VAL A 11 3.16 -9.02 -3.31
N GLY A 12 2.15 -8.50 -3.99
CA GLY A 12 1.04 -9.31 -4.43
C GLY A 12 0.03 -9.54 -3.35
N ASP A 13 -0.04 -8.64 -2.41
CA ASP A 13 -0.98 -8.79 -1.32
C ASP A 13 -2.12 -7.83 -1.50
N LYS A 14 -3.17 -8.06 -0.78
CA LYS A 14 -4.27 -7.20 -0.74
C LYS A 14 -4.07 -6.30 0.43
N CYS A 15 -4.22 -5.07 0.20
CA CYS A 15 -4.11 -4.11 1.23
C CYS A 15 -5.10 -3.05 0.95
N MET A 16 -5.23 -2.13 1.84
CA MET A 16 -6.03 -1.01 1.58
C MET A 16 -5.13 0.15 1.64
N ALA A 17 -5.21 0.96 0.67
CA ALA A 17 -4.33 2.05 0.57
C ALA A 17 -5.11 3.30 0.60
N VAL A 18 -4.51 4.29 1.14
CA VAL A 18 -5.09 5.58 1.19
C VAL A 18 -4.79 6.28 -0.10
N TRP A 19 -5.83 6.57 -0.85
CA TRP A 19 -5.71 7.21 -2.13
C TRP A 19 -5.14 8.58 -1.92
N SER A 20 -4.02 8.86 -2.54
CA SER A 20 -3.31 10.10 -2.37
C SER A 20 -4.16 11.30 -2.84
N GLU A 21 -5.15 11.02 -3.67
CA GLU A 21 -5.98 12.08 -4.19
C GLU A 21 -7.08 12.48 -3.21
N ASP A 22 -7.73 11.51 -2.58
CA ASP A 22 -8.88 11.86 -1.74
C ASP A 22 -8.64 11.55 -0.28
N GLY A 23 -7.65 10.74 -0.02
CA GLY A 23 -7.33 10.43 1.37
C GLY A 23 -8.18 9.32 1.95
N GLN A 24 -9.01 8.72 1.12
CA GLN A 24 -9.83 7.59 1.56
C GLN A 24 -9.10 6.30 1.32
N CYS A 25 -9.53 5.26 1.96
CA CYS A 25 -8.93 3.97 1.81
C CYS A 25 -9.67 3.14 0.77
N TYR A 26 -8.92 2.50 -0.08
CA TYR A 26 -9.44 1.66 -1.14
C TYR A 26 -8.62 0.38 -1.23
N GLU A 27 -9.19 -0.67 -1.80
CA GLU A 27 -8.48 -1.95 -1.89
C GLU A 27 -7.41 -1.84 -2.97
N ALA A 28 -6.24 -2.27 -2.65
CA ALA A 28 -5.12 -2.21 -3.55
C ALA A 28 -4.24 -3.41 -3.41
N GLU A 29 -3.51 -3.71 -4.44
CA GLU A 29 -2.57 -4.80 -4.43
C GLU A 29 -1.16 -4.25 -4.57
N ILE A 30 -0.27 -4.73 -3.73
CA ILE A 30 1.12 -4.32 -3.73
C ILE A 30 1.87 -4.86 -4.94
N GLU A 31 2.45 -3.95 -5.67
CA GLU A 31 3.19 -4.20 -6.87
C GLU A 31 4.68 -4.26 -6.55
N GLU A 32 5.12 -3.34 -5.74
CA GLU A 32 6.52 -3.17 -5.42
C GLU A 32 6.67 -2.75 -3.98
N ILE A 33 7.71 -3.20 -3.34
CA ILE A 33 8.03 -2.77 -2.00
C ILE A 33 9.41 -2.18 -2.00
N ASP A 34 9.53 -0.99 -1.53
CA ASP A 34 10.80 -0.34 -1.38
C ASP A 34 11.04 -0.24 0.08
N GLU A 35 11.74 -1.20 0.58
CA GLU A 35 11.98 -1.35 2.01
C GLU A 35 12.82 -0.22 2.58
N GLU A 36 13.61 0.41 1.76
CA GLU A 36 14.49 1.45 2.23
C GLU A 36 13.68 2.68 2.60
N ASN A 37 12.75 3.01 1.75
CA ASN A 37 11.91 4.18 1.97
C ASN A 37 10.66 3.80 2.71
N GLY A 38 10.45 2.50 2.89
CA GLY A 38 9.27 2.02 3.54
C GLY A 38 8.03 2.34 2.73
N THR A 39 8.15 2.23 1.44
CA THR A 39 7.08 2.56 0.56
C THR A 39 6.72 1.37 -0.29
N ALA A 40 5.53 1.34 -0.76
CA ALA A 40 5.13 0.29 -1.63
C ALA A 40 4.30 0.85 -2.75
N ALA A 41 4.53 0.35 -3.91
CA ALA A 41 3.74 0.72 -5.05
C ALA A 41 2.59 -0.20 -5.09
N ILE A 42 1.43 0.33 -5.18
CA ILE A 42 0.23 -0.46 -5.14
C ILE A 42 -0.67 -0.11 -6.29
N THR A 43 -1.53 -1.01 -6.63
CA THR A 43 -2.52 -0.78 -7.64
C THR A 43 -3.90 -0.97 -7.05
N PHE A 44 -4.69 0.06 -7.12
CA PHE A 44 -6.05 0.05 -6.61
C PHE A 44 -6.88 -0.87 -7.46
N ALA A 45 -7.43 -1.86 -6.82
CA ALA A 45 -8.20 -2.88 -7.47
C ALA A 45 -9.46 -2.29 -8.06
N GLY A 46 -9.82 -2.76 -9.22
CA GLY A 46 -11.00 -2.28 -9.87
C GLY A 46 -10.72 -1.10 -10.74
N TYR A 47 -10.11 -0.07 -10.17
CA TYR A 47 -9.80 1.15 -10.91
C TYR A 47 -8.62 0.94 -11.83
N GLY A 48 -7.61 0.27 -11.33
CA GLY A 48 -6.42 0.07 -12.11
C GLY A 48 -5.48 1.25 -12.02
N ASN A 49 -5.67 2.07 -10.99
CA ASN A 49 -4.76 3.16 -10.72
C ASN A 49 -3.65 2.66 -9.86
N ALA A 50 -2.54 3.31 -9.90
CA ALA A 50 -1.39 2.88 -9.17
C ALA A 50 -0.65 4.06 -8.64
N GLU A 51 -0.11 3.91 -7.46
CA GLU A 51 0.66 4.96 -6.84
C GLU A 51 1.68 4.33 -5.90
N VAL A 52 2.68 5.08 -5.53
CA VAL A 52 3.64 4.64 -4.56
C VAL A 52 3.28 5.29 -3.26
N THR A 53 2.88 4.51 -2.33
CA THR A 53 2.39 4.99 -1.09
C THR A 53 3.18 4.32 0.04
N PRO A 54 3.50 5.05 1.09
CA PRO A 54 4.24 4.51 2.20
C PRO A 54 3.48 3.39 2.91
N LEU A 55 4.22 2.45 3.47
CA LEU A 55 3.65 1.32 4.22
C LEU A 55 2.75 1.81 5.36
N LEU A 56 3.03 3.04 5.83
CA LEU A 56 2.23 3.66 6.87
C LEU A 56 0.80 3.93 6.37
N ASN A 57 0.64 4.03 5.06
CA ASN A 57 -0.66 4.30 4.45
C ASN A 57 -1.34 3.04 4.06
N LEU A 58 -0.61 1.97 4.03
CA LEU A 58 -1.19 0.70 3.72
C LEU A 58 -1.79 0.11 4.96
N LYS A 59 -3.01 -0.25 4.85
CA LYS A 59 -3.77 -0.81 5.92
C LYS A 59 -4.11 -2.23 5.54
N PRO A 60 -4.27 -3.13 6.50
CA PRO A 60 -4.68 -4.48 6.19
C PRO A 60 -6.14 -4.51 5.80
N VAL A 61 -6.50 -5.42 4.93
CA VAL A 61 -7.86 -5.55 4.53
C VAL A 61 -8.62 -6.20 5.66
N GLU A 62 -9.35 -5.41 6.37
CA GLU A 62 -10.09 -5.84 7.51
C GLU A 62 -11.34 -6.58 7.09
N GLU A 63 -11.23 -7.88 7.05
CA GLU A 63 -12.33 -8.76 6.71
C GLU A 63 -12.44 -9.83 7.78
N GLY A 64 -11.76 -9.59 8.86
CA GLY A 64 -11.67 -10.50 9.94
C GLY A 64 -10.49 -10.15 10.77
C1 DA2 B . -8.62 4.57 -5.33
C2 DA2 B . -7.69 4.93 -7.60
N DA2 B . -9.88 5.43 -13.09
CA DA2 B . -10.71 5.96 -12.01
CB DA2 B . -9.88 6.84 -11.08
CG DA2 B . -10.66 7.62 -10.03
CD DA2 B . -11.13 6.73 -8.90
NE DA2 B . -9.99 6.07 -8.28
CZ DA2 B . -9.90 5.63 -7.03
NH2 DA2 B . -10.87 5.76 -6.18
NH1 DA2 B . -8.78 5.07 -6.66
C DA2 B . -11.82 6.76 -12.64
O DA2 B . -13.00 6.42 -12.43
OXT DA2 B . -11.52 7.72 -13.37
H2 DA2 B . -9.01 4.95 -12.78
H3 DA2 B . -9.62 6.21 -13.72
HC11 DA2 B . -7.58 4.38 -5.14
HC12 DA2 B . -8.98 5.30 -4.62
HC13 DA2 B . -9.18 3.66 -5.21
HC21 DA2 B . -6.89 4.35 -7.16
HC22 DA2 B . -8.03 4.44 -8.50
HC23 DA2 B . -7.31 5.91 -7.86
H DA2 B . -10.44 4.78 -13.67
HA DA2 B . -11.15 5.16 -11.45
HCB1 DA2 B . -9.27 7.52 -11.66
HCB2 DA2 B . -9.28 6.14 -10.52
HCG1 DA2 B . -11.51 8.09 -10.50
HCG2 DA2 B . -9.99 8.36 -9.61
HCD1 DA2 B . -11.80 5.98 -9.29
HCD2 DA2 B . -11.64 7.34 -8.17
HNE DA2 B . -9.18 5.94 -8.81
HNH2 DA2 B . -11.76 6.18 -6.40
HH1 DA2 B . -10.74 5.41 -5.26
N ALA A 1 16.54 3.41 6.19
CA ALA A 1 15.09 3.50 6.31
C ALA A 1 14.73 4.59 7.29
N SER A 2 13.75 5.39 6.94
CA SER A 2 13.32 6.51 7.77
C SER A 2 12.44 6.02 8.91
N THR A 3 11.89 4.86 8.76
CA THR A 3 11.12 4.25 9.78
C THR A 3 11.14 2.75 9.54
N GLN A 4 10.78 2.02 10.52
CA GLN A 4 10.73 0.60 10.46
C GLN A 4 9.30 0.17 10.27
N PRO A 5 9.04 -0.77 9.35
CA PRO A 5 7.69 -1.21 9.07
C PRO A 5 7.04 -1.83 10.29
N THR A 6 5.84 -1.46 10.53
CA THR A 6 5.09 -1.94 11.65
C THR A 6 4.22 -3.11 11.18
N HIS A 7 4.23 -3.31 9.89
CA HIS A 7 3.45 -4.33 9.28
C HIS A 7 4.30 -4.94 8.18
N SER A 8 4.35 -6.24 8.12
CA SER A 8 5.11 -6.88 7.10
C SER A 8 4.25 -7.07 5.85
N TRP A 9 4.52 -6.28 4.86
CA TRP A 9 3.83 -6.34 3.61
C TRP A 9 4.67 -7.10 2.61
N LYS A 10 4.03 -7.75 1.66
CA LYS A 10 4.77 -8.44 0.62
C LYS A 10 4.15 -8.13 -0.74
N VAL A 11 4.92 -8.38 -1.77
CA VAL A 11 4.49 -8.19 -3.14
C VAL A 11 3.37 -9.16 -3.48
N GLY A 12 2.31 -8.66 -4.08
CA GLY A 12 1.21 -9.48 -4.47
C GLY A 12 0.25 -9.71 -3.34
N ASP A 13 0.02 -8.69 -2.54
CA ASP A 13 -0.91 -8.81 -1.43
C ASP A 13 -1.95 -7.75 -1.57
N LYS A 14 -3.10 -8.01 -1.04
CA LYS A 14 -4.15 -7.06 -0.98
C LYS A 14 -4.10 -6.30 0.29
N CYS A 15 -4.23 -5.04 0.17
CA CYS A 15 -4.19 -4.15 1.28
C CYS A 15 -5.14 -3.04 0.98
N MET A 16 -5.26 -2.12 1.87
CA MET A 16 -6.02 -0.97 1.60
C MET A 16 -5.11 0.18 1.68
N ALA A 17 -5.15 0.99 0.71
CA ALA A 17 -4.24 2.07 0.63
C ALA A 17 -5.01 3.33 0.66
N VAL A 18 -4.41 4.32 1.20
CA VAL A 18 -5.00 5.61 1.25
C VAL A 18 -4.71 6.29 -0.05
N TRP A 19 -5.75 6.53 -0.80
CA TRP A 19 -5.66 7.14 -2.10
C TRP A 19 -5.12 8.54 -1.92
N SER A 20 -4.03 8.82 -2.58
CA SER A 20 -3.35 10.08 -2.44
C SER A 20 -4.23 11.25 -2.95
N GLU A 21 -5.23 10.95 -3.75
CA GLU A 21 -6.08 11.98 -4.28
C GLU A 21 -7.20 12.36 -3.33
N ASP A 22 -7.84 11.38 -2.71
CA ASP A 22 -8.99 11.72 -1.86
C ASP A 22 -8.69 11.50 -0.40
N GLY A 23 -7.64 10.77 -0.12
CA GLY A 23 -7.24 10.55 1.25
C GLY A 23 -8.05 9.47 1.95
N GLN A 24 -8.86 8.76 1.18
CA GLN A 24 -9.65 7.66 1.74
C GLN A 24 -8.99 6.33 1.40
N CYS A 25 -9.35 5.29 2.10
CA CYS A 25 -8.74 3.99 1.86
C CYS A 25 -9.54 3.17 0.85
N TYR A 26 -8.83 2.55 -0.05
CA TYR A 26 -9.37 1.71 -1.09
C TYR A 26 -8.55 0.46 -1.20
N GLU A 27 -9.11 -0.59 -1.76
CA GLU A 27 -8.40 -1.86 -1.86
C GLU A 27 -7.35 -1.76 -2.94
N ALA A 28 -6.16 -2.08 -2.60
CA ALA A 28 -5.06 -2.02 -3.52
C ALA A 28 -4.17 -3.22 -3.36
N GLU A 29 -3.54 -3.60 -4.43
CA GLU A 29 -2.65 -4.71 -4.42
C GLU A 29 -1.22 -4.21 -4.59
N ILE A 30 -0.34 -4.71 -3.76
CA ILE A 30 1.06 -4.35 -3.78
C ILE A 30 1.77 -4.96 -4.97
N GLU A 31 2.37 -4.12 -5.75
CA GLU A 31 3.08 -4.49 -6.95
C GLU A 31 4.57 -4.62 -6.65
N GLU A 32 5.08 -3.70 -5.84
CA GLU A 32 6.48 -3.65 -5.51
C GLU A 32 6.63 -2.94 -4.17
N ILE A 33 7.68 -3.25 -3.44
CA ILE A 33 7.93 -2.66 -2.14
C ILE A 33 9.35 -2.13 -2.08
N ASP A 34 9.51 -0.98 -1.51
CA ASP A 34 10.80 -0.38 -1.23
C ASP A 34 10.84 -0.13 0.27
N GLU A 35 11.35 -1.10 1.02
CA GLU A 35 11.41 -1.02 2.47
C GLU A 35 12.37 0.06 2.96
N GLU A 36 13.27 0.46 2.09
CA GLU A 36 14.24 1.48 2.38
C GLU A 36 13.54 2.80 2.63
N ASN A 37 12.62 3.13 1.77
CA ASN A 37 11.82 4.33 1.94
C ASN A 37 10.58 4.02 2.73
N GLY A 38 10.28 2.75 2.82
CA GLY A 38 9.11 2.28 3.49
C GLY A 38 7.91 2.53 2.64
N THR A 39 8.06 2.35 1.37
CA THR A 39 7.02 2.62 0.46
C THR A 39 6.71 1.40 -0.36
N ALA A 40 5.53 1.33 -0.85
CA ALA A 40 5.13 0.27 -1.69
C ALA A 40 4.31 0.79 -2.83
N ALA A 41 4.54 0.24 -3.97
CA ALA A 41 3.80 0.59 -5.13
C ALA A 41 2.62 -0.31 -5.18
N ILE A 42 1.48 0.27 -5.20
CA ILE A 42 0.26 -0.47 -5.14
C ILE A 42 -0.66 -0.08 -6.28
N THR A 43 -1.51 -0.97 -6.64
CA THR A 43 -2.49 -0.74 -7.65
C THR A 43 -3.88 -0.94 -7.07
N PHE A 44 -4.68 0.09 -7.13
CA PHE A 44 -6.03 0.07 -6.62
C PHE A 44 -6.89 -0.85 -7.45
N ALA A 45 -7.42 -1.84 -6.78
CA ALA A 45 -8.19 -2.86 -7.41
C ALA A 45 -9.53 -2.31 -7.79
N GLY A 46 -9.91 -2.55 -9.02
CA GLY A 46 -11.14 -2.05 -9.51
C GLY A 46 -10.92 -0.86 -10.40
N TYR A 47 -10.01 -0.01 -10.01
CA TYR A 47 -9.73 1.19 -10.78
C TYR A 47 -8.56 0.99 -11.71
N GLY A 48 -7.54 0.30 -11.23
CA GLY A 48 -6.36 0.05 -12.03
C GLY A 48 -5.30 1.09 -11.81
N ASN A 49 -5.62 2.07 -10.98
CA ASN A 49 -4.70 3.15 -10.68
C ASN A 49 -3.58 2.66 -9.82
N ALA A 50 -2.47 3.28 -9.91
CA ALA A 50 -1.31 2.85 -9.19
C ALA A 50 -0.55 4.01 -8.64
N GLU A 51 -0.05 3.87 -7.45
CA GLU A 51 0.71 4.90 -6.82
C GLU A 51 1.69 4.27 -5.87
N VAL A 52 2.72 5.00 -5.55
CA VAL A 52 3.68 4.56 -4.59
C VAL A 52 3.32 5.23 -3.28
N THR A 53 2.93 4.44 -2.35
CA THR A 53 2.43 4.92 -1.11
C THR A 53 3.23 4.30 0.02
N PRO A 54 3.53 5.05 1.07
CA PRO A 54 4.27 4.53 2.19
C PRO A 54 3.50 3.42 2.89
N LEU A 55 4.21 2.45 3.42
CA LEU A 55 3.62 1.30 4.14
C LEU A 55 2.73 1.78 5.28
N LEU A 56 3.02 2.97 5.79
CA LEU A 56 2.23 3.59 6.85
C LEU A 56 0.81 3.88 6.38
N ASN A 57 0.63 4.00 5.07
CA ASN A 57 -0.67 4.27 4.48
C ASN A 57 -1.36 3.01 4.08
N LEU A 58 -0.64 1.93 4.13
CA LEU A 58 -1.21 0.65 3.85
C LEU A 58 -1.85 0.09 5.08
N LYS A 59 -3.06 -0.28 4.92
CA LYS A 59 -3.87 -0.85 5.95
C LYS A 59 -4.16 -2.27 5.58
N PRO A 60 -4.35 -3.14 6.56
CA PRO A 60 -4.84 -4.48 6.30
C PRO A 60 -6.24 -4.38 5.72
N VAL A 61 -6.65 -5.35 4.94
CA VAL A 61 -7.98 -5.31 4.37
C VAL A 61 -9.01 -5.58 5.46
N GLU A 62 -9.57 -4.51 6.00
CA GLU A 62 -10.50 -4.59 7.09
C GLU A 62 -11.90 -5.03 6.67
N GLU A 63 -12.00 -6.29 6.38
CA GLU A 63 -13.26 -6.95 6.08
C GLU A 63 -13.42 -8.11 7.06
N GLY A 64 -12.61 -8.05 8.06
CA GLY A 64 -12.54 -9.00 9.09
C GLY A 64 -11.22 -8.83 9.73
C1 DA2 B . -8.59 4.53 -5.26
C2 DA2 B . -7.77 4.94 -7.59
N DA2 B . -10.25 6.76 -13.36
CA DA2 B . -10.35 7.59 -12.17
CB DA2 B . -10.54 6.72 -10.94
CG DA2 B . -11.13 7.50 -9.78
CD DA2 B . -11.39 6.63 -8.59
NE DA2 B . -10.17 6.02 -8.11
CZ DA2 B . -9.97 5.57 -6.89
NH2 DA2 B . -10.90 5.65 -5.98
NH1 DA2 B . -8.83 5.03 -6.60
C DA2 B . -9.11 8.41 -12.07
O DA2 B . -9.19 9.65 -12.06
OXT DA2 B . -8.02 7.84 -12.06
H2 DA2 B . -10.16 7.36 -14.21
H3 DA2 B . -11.06 6.12 -13.48
HC11 DA2 B . -8.78 5.31 -4.55
HC12 DA2 B . -9.23 3.69 -5.06
HC13 DA2 B . -7.56 4.22 -5.17
HC21 DA2 B . -8.12 4.34 -8.42
HC22 DA2 B . -7.52 5.92 -7.95
HC23 DA2 B . -6.90 4.48 -7.16
H DA2 B . -9.39 6.19 -13.30
HA DA2 B . -11.21 8.24 -12.29
HCB1 DA2 B . -9.59 6.33 -10.63
HCB2 DA2 B . -11.21 5.91 -11.18
HCG1 DA2 B . -12.05 7.98 -10.08
HCG2 DA2 B . -10.41 8.25 -9.48
HCD1 DA2 B . -12.09 5.85 -8.87
HCD2 DA2 B . -11.81 7.23 -7.79
HNE DA2 B . -9.42 5.91 -8.74
HNH2 DA2 B . -11.80 6.05 -6.15
HH1 DA2 B . -10.70 5.31 -5.06
N ALA A 1 16.96 1.61 7.31
CA ALA A 1 17.83 2.47 8.11
C ALA A 1 17.05 3.49 8.93
N SER A 2 16.54 4.52 8.28
CA SER A 2 15.85 5.59 8.99
C SER A 2 14.35 5.32 9.08
N THR A 3 13.77 4.95 7.97
CA THR A 3 12.36 4.71 7.88
C THR A 3 12.12 3.21 7.79
N GLN A 4 11.72 2.65 8.88
CA GLN A 4 11.51 1.23 8.98
C GLN A 4 10.05 0.90 8.73
N PRO A 5 9.77 -0.25 8.10
CA PRO A 5 8.40 -0.71 7.87
C PRO A 5 7.67 -0.93 9.19
N THR A 6 6.48 -0.45 9.26
CA THR A 6 5.67 -0.57 10.45
C THR A 6 4.83 -1.84 10.38
N HIS A 7 4.71 -2.37 9.19
CA HIS A 7 3.92 -3.54 8.93
C HIS A 7 4.69 -4.35 7.90
N SER A 8 4.72 -5.64 8.05
CA SER A 8 5.41 -6.49 7.12
C SER A 8 4.49 -6.84 5.94
N TRP A 9 4.75 -6.22 4.83
CA TRP A 9 3.98 -6.40 3.63
C TRP A 9 4.74 -7.22 2.62
N LYS A 10 4.04 -7.94 1.77
CA LYS A 10 4.70 -8.68 0.71
C LYS A 10 4.07 -8.32 -0.64
N VAL A 11 4.82 -8.55 -1.69
CA VAL A 11 4.38 -8.31 -3.06
C VAL A 11 3.20 -9.22 -3.43
N GLY A 12 2.22 -8.67 -4.10
CA GLY A 12 1.09 -9.44 -4.52
C GLY A 12 0.15 -9.67 -3.38
N ASP A 13 -0.01 -8.67 -2.56
CA ASP A 13 -0.89 -8.76 -1.42
C ASP A 13 -1.92 -7.69 -1.53
N LYS A 14 -3.04 -7.92 -0.95
CA LYS A 14 -4.09 -6.98 -0.91
C LYS A 14 -4.02 -6.20 0.33
N CYS A 15 -4.19 -4.96 0.19
CA CYS A 15 -4.13 -4.04 1.26
C CYS A 15 -5.08 -2.93 0.98
N MET A 16 -5.22 -2.03 1.88
CA MET A 16 -5.99 -0.88 1.61
C MET A 16 -5.04 0.28 1.68
N ALA A 17 -5.09 1.09 0.69
CA ALA A 17 -4.17 2.18 0.58
C ALA A 17 -4.91 3.46 0.57
N VAL A 18 -4.28 4.48 1.03
CA VAL A 18 -4.85 5.78 1.04
C VAL A 18 -4.61 6.44 -0.30
N TRP A 19 -5.68 6.67 -1.01
CA TRP A 19 -5.65 7.28 -2.31
C TRP A 19 -5.18 8.68 -2.13
N SER A 20 -4.15 9.06 -2.83
CA SER A 20 -3.59 10.38 -2.72
C SER A 20 -4.62 11.47 -3.05
N GLU A 21 -5.51 11.13 -3.95
CA GLU A 21 -6.45 12.11 -4.46
C GLU A 21 -7.62 12.38 -3.52
N ASP A 22 -8.16 11.34 -2.92
CA ASP A 22 -9.34 11.52 -2.06
C ASP A 22 -8.95 11.41 -0.61
N GLY A 23 -7.78 10.86 -0.37
CA GLY A 23 -7.28 10.71 0.99
C GLY A 23 -7.98 9.61 1.77
N GLN A 24 -8.80 8.85 1.09
CA GLN A 24 -9.54 7.78 1.72
C GLN A 24 -8.85 6.47 1.40
N CYS A 25 -9.16 5.43 2.12
CA CYS A 25 -8.54 4.15 1.88
C CYS A 25 -9.36 3.29 0.93
N TYR A 26 -8.68 2.69 -0.01
CA TYR A 26 -9.27 1.84 -1.02
C TYR A 26 -8.44 0.58 -1.16
N GLU A 27 -9.04 -0.46 -1.67
CA GLU A 27 -8.37 -1.74 -1.78
C GLU A 27 -7.37 -1.71 -2.91
N ALA A 28 -6.16 -2.05 -2.61
CA ALA A 28 -5.10 -2.01 -3.55
C ALA A 28 -4.19 -3.20 -3.39
N GLU A 29 -3.52 -3.57 -4.42
CA GLU A 29 -2.60 -4.66 -4.38
C GLU A 29 -1.18 -4.17 -4.55
N ILE A 30 -0.30 -4.66 -3.71
CA ILE A 30 1.11 -4.31 -3.74
C ILE A 30 1.80 -4.93 -4.93
N GLU A 31 2.40 -4.07 -5.71
CA GLU A 31 3.11 -4.45 -6.90
C GLU A 31 4.59 -4.56 -6.62
N GLU A 32 5.09 -3.63 -5.84
CA GLU A 32 6.49 -3.54 -5.55
C GLU A 32 6.66 -2.93 -4.18
N ILE A 33 7.67 -3.33 -3.47
CA ILE A 33 7.95 -2.79 -2.15
C ILE A 33 9.34 -2.20 -2.13
N ASP A 34 9.48 -1.04 -1.55
CA ASP A 34 10.75 -0.41 -1.36
C ASP A 34 10.96 -0.23 0.13
N GLU A 35 11.60 -1.17 0.75
CA GLU A 35 11.83 -1.14 2.18
C GLU A 35 12.74 0.00 2.61
N GLU A 36 13.51 0.53 1.68
CA GLU A 36 14.44 1.62 1.95
C GLU A 36 13.67 2.86 2.37
N ASN A 37 12.64 3.17 1.63
CA ASN A 37 11.80 4.31 1.96
C ASN A 37 10.64 3.89 2.82
N GLY A 38 10.41 2.60 2.86
CA GLY A 38 9.28 2.07 3.58
C GLY A 38 8.01 2.35 2.82
N THR A 39 8.10 2.27 1.52
CA THR A 39 7.02 2.58 0.66
C THR A 39 6.74 1.42 -0.26
N ALA A 40 5.55 1.33 -0.73
CA ALA A 40 5.20 0.30 -1.66
C ALA A 40 4.37 0.88 -2.77
N ALA A 41 4.51 0.29 -3.92
CA ALA A 41 3.73 0.67 -5.05
C ALA A 41 2.58 -0.24 -5.11
N ILE A 42 1.44 0.33 -5.13
CA ILE A 42 0.23 -0.42 -5.10
C ILE A 42 -0.67 -0.04 -6.25
N THR A 43 -1.51 -0.94 -6.62
CA THR A 43 -2.47 -0.72 -7.66
C THR A 43 -3.86 -0.95 -7.10
N PHE A 44 -4.69 0.08 -7.15
CA PHE A 44 -6.03 0.05 -6.62
C PHE A 44 -6.89 -0.89 -7.43
N ALA A 45 -7.38 -1.90 -6.75
CA ALA A 45 -8.13 -2.97 -7.35
C ALA A 45 -9.44 -2.46 -7.90
N GLY A 46 -9.71 -2.79 -9.12
CA GLY A 46 -10.93 -2.41 -9.75
C GLY A 46 -10.75 -1.17 -10.59
N TYR A 47 -10.06 -0.19 -10.06
CA TYR A 47 -9.84 1.04 -10.78
C TYR A 47 -8.68 0.91 -11.74
N GLY A 48 -7.61 0.30 -11.28
CA GLY A 48 -6.46 0.13 -12.11
C GLY A 48 -5.45 1.25 -11.94
N ASN A 49 -5.65 2.09 -10.93
CA ASN A 49 -4.72 3.19 -10.66
C ASN A 49 -3.60 2.70 -9.81
N ALA A 50 -2.51 3.37 -9.85
CA ALA A 50 -1.34 2.94 -9.11
C ALA A 50 -0.60 4.12 -8.55
N GLU A 51 -0.11 3.99 -7.34
CA GLU A 51 0.64 5.03 -6.70
C GLU A 51 1.63 4.42 -5.71
N VAL A 52 2.65 5.17 -5.38
CA VAL A 52 3.63 4.76 -4.40
C VAL A 52 3.23 5.36 -3.07
N THR A 53 2.91 4.53 -2.14
CA THR A 53 2.40 4.94 -0.87
C THR A 53 3.19 4.25 0.24
N PRO A 54 3.47 4.95 1.34
CA PRO A 54 4.21 4.38 2.46
C PRO A 54 3.44 3.25 3.10
N LEU A 55 4.17 2.26 3.58
CA LEU A 55 3.61 1.07 4.24
C LEU A 55 2.70 1.44 5.41
N LEU A 56 2.94 2.61 5.98
CA LEU A 56 2.13 3.12 7.09
C LEU A 56 0.70 3.41 6.63
N ASN A 57 0.54 3.71 5.35
CA ASN A 57 -0.75 4.06 4.78
C ASN A 57 -1.47 2.85 4.31
N LEU A 58 -0.75 1.76 4.24
CA LEU A 58 -1.33 0.52 3.87
C LEU A 58 -1.97 -0.09 5.08
N LYS A 59 -3.20 -0.41 4.96
CA LYS A 59 -3.98 -0.99 6.00
C LYS A 59 -4.33 -2.39 5.57
N PRO A 60 -4.47 -3.33 6.49
CA PRO A 60 -4.86 -4.67 6.14
C PRO A 60 -6.31 -4.72 5.69
N VAL A 61 -6.60 -5.62 4.76
CA VAL A 61 -7.95 -5.86 4.35
C VAL A 61 -8.56 -6.64 5.49
N GLU A 62 -9.28 -5.96 6.32
CA GLU A 62 -9.77 -6.54 7.53
C GLU A 62 -10.90 -7.51 7.34
N GLU A 63 -10.55 -8.76 7.39
CA GLU A 63 -11.50 -9.85 7.38
C GLU A 63 -11.29 -10.64 8.67
N GLY A 64 -10.54 -10.02 9.53
CA GLY A 64 -10.15 -10.56 10.79
C GLY A 64 -9.05 -9.71 11.31
C1 DA2 B . -8.63 4.50 -5.24
C2 DA2 B . -7.83 4.82 -7.59
N DA2 B . -10.26 6.40 -13.43
CA DA2 B . -10.54 7.24 -12.27
CB DA2 B . -10.67 6.39 -11.02
CG DA2 B . -11.25 7.19 -9.88
CD DA2 B . -11.48 6.37 -8.66
NE DA2 B . -10.24 5.81 -8.16
CZ DA2 B . -10.04 5.42 -6.93
NH2 DA2 B . -10.99 5.52 -6.02
NH1 DA2 B . -8.89 4.93 -6.60
C DA2 B . -9.43 8.23 -12.11
O DA2 B . -9.70 9.43 -12.15
OXT DA2 B . -8.26 7.81 -12.00
H2 DA2 B . -9.34 5.94 -13.32
H3 DA2 B . -10.20 7.01 -14.28
HC11 DA2 B . -7.60 4.23 -5.13
HC12 DA2 B . -8.88 5.29 -4.56
HC13 DA2 B . -9.25 3.64 -5.02
HC21 DA2 B . -7.01 4.25 -7.18
HC22 DA2 B . -8.20 4.33 -8.48
HC23 DA2 B . -7.48 5.81 -7.86
H DA2 B . -11.00 5.69 -13.60
HA DA2 B . -11.47 7.75 -12.45
HCB1 DA2 B . -9.69 6.05 -10.72
HCB2 DA2 B . -11.31 5.55 -11.21
HCG1 DA2 B . -12.19 7.62 -10.20
HCG2 DA2 B . -10.56 7.98 -9.62
HCD1 DA2 B . -12.15 5.56 -8.89
HCD2 DA2 B . -11.91 6.99 -7.90
HNE DA2 B . -9.49 5.72 -8.77
HNH2 DA2 B . -11.90 5.89 -6.21
HH1 DA2 B . -10.76 5.22 -5.10
N ALA A 1 19.00 5.71 8.81
CA ALA A 1 18.63 4.75 9.85
C ALA A 1 17.98 3.55 9.21
N SER A 2 18.23 2.37 9.75
CA SER A 2 17.65 1.14 9.25
C SER A 2 16.13 1.18 9.37
N THR A 3 15.47 1.09 8.26
CA THR A 3 14.05 1.14 8.18
C THR A 3 13.46 -0.22 8.54
N GLN A 4 12.59 -0.24 9.50
CA GLN A 4 11.85 -1.44 9.80
C GLN A 4 10.40 -1.13 9.54
N PRO A 5 9.73 -1.91 8.69
CA PRO A 5 8.32 -1.73 8.36
C PRO A 5 7.43 -1.64 9.60
N THR A 6 6.49 -0.71 9.57
CA THR A 6 5.51 -0.57 10.63
C THR A 6 4.50 -1.72 10.52
N HIS A 7 4.35 -2.18 9.31
CA HIS A 7 3.54 -3.29 8.99
C HIS A 7 4.32 -4.04 7.95
N SER A 8 4.47 -5.31 8.15
CA SER A 8 5.21 -6.14 7.25
C SER A 8 4.39 -6.47 6.00
N TRP A 9 4.79 -5.92 4.90
CA TRP A 9 4.11 -6.14 3.66
C TRP A 9 4.96 -6.89 2.67
N LYS A 10 4.33 -7.64 1.82
CA LYS A 10 4.99 -8.39 0.78
C LYS A 10 4.31 -8.13 -0.55
N VAL A 11 5.02 -8.34 -1.62
CA VAL A 11 4.51 -8.17 -2.97
C VAL A 11 3.37 -9.16 -3.27
N GLY A 12 2.36 -8.70 -3.99
CA GLY A 12 1.26 -9.55 -4.38
C GLY A 12 0.27 -9.73 -3.26
N ASP A 13 0.14 -8.72 -2.44
CA ASP A 13 -0.79 -8.77 -1.33
C ASP A 13 -1.77 -7.66 -1.41
N LYS A 14 -2.95 -7.91 -0.90
CA LYS A 14 -3.95 -6.94 -0.86
C LYS A 14 -3.88 -6.18 0.42
N CYS A 15 -4.07 -4.92 0.29
CA CYS A 15 -4.04 -4.02 1.36
C CYS A 15 -5.02 -2.92 1.06
N MET A 16 -5.19 -2.02 1.96
CA MET A 16 -5.99 -0.89 1.69
C MET A 16 -5.11 0.31 1.77
N ALA A 17 -5.18 1.13 0.78
CA ALA A 17 -4.33 2.26 0.68
C ALA A 17 -5.16 3.50 0.66
N VAL A 18 -4.59 4.56 1.11
CA VAL A 18 -5.24 5.84 1.11
C VAL A 18 -4.95 6.51 -0.20
N TRP A 19 -5.99 6.77 -0.97
CA TRP A 19 -5.85 7.41 -2.25
C TRP A 19 -5.37 8.81 -2.01
N SER A 20 -4.30 9.18 -2.64
CA SER A 20 -3.73 10.48 -2.48
C SER A 20 -4.69 11.60 -2.89
N GLU A 21 -5.53 11.29 -3.83
CA GLU A 21 -6.40 12.29 -4.40
C GLU A 21 -7.62 12.59 -3.56
N ASP A 22 -8.26 11.57 -3.01
CA ASP A 22 -9.48 11.83 -2.23
C ASP A 22 -9.22 11.59 -0.76
N GLY A 23 -8.13 10.94 -0.48
CA GLY A 23 -7.75 10.72 0.90
C GLY A 23 -8.48 9.57 1.56
N GLN A 24 -9.30 8.87 0.82
CA GLN A 24 -10.04 7.75 1.38
C GLN A 24 -9.28 6.47 1.16
N CYS A 25 -9.62 5.45 1.91
CA CYS A 25 -8.97 4.17 1.78
C CYS A 25 -9.70 3.31 0.75
N TYR A 26 -8.92 2.66 -0.09
CA TYR A 26 -9.42 1.80 -1.13
C TYR A 26 -8.56 0.55 -1.17
N GLU A 27 -9.11 -0.51 -1.72
CA GLU A 27 -8.40 -1.77 -1.78
C GLU A 27 -7.34 -1.68 -2.87
N ALA A 28 -6.15 -2.04 -2.53
CA ALA A 28 -5.05 -1.98 -3.45
C ALA A 28 -4.11 -3.16 -3.27
N GLU A 29 -3.48 -3.56 -4.33
CA GLU A 29 -2.55 -4.65 -4.28
C GLU A 29 -1.13 -4.14 -4.49
N ILE A 30 -0.24 -4.61 -3.67
CA ILE A 30 1.15 -4.26 -3.73
C ILE A 30 1.84 -4.92 -4.91
N GLU A 31 2.37 -4.09 -5.77
CA GLU A 31 3.07 -4.52 -6.96
C GLU A 31 4.57 -4.58 -6.71
N GLU A 32 5.05 -3.61 -5.97
CA GLU A 32 6.46 -3.48 -5.69
C GLU A 32 6.61 -2.81 -4.36
N ILE A 33 7.66 -3.15 -3.63
CA ILE A 33 7.95 -2.52 -2.37
C ILE A 33 9.34 -1.92 -2.42
N ASP A 34 9.51 -0.80 -1.80
CA ASP A 34 10.83 -0.23 -1.62
C ASP A 34 11.05 -0.21 -0.15
N GLU A 35 11.64 -1.26 0.34
CA GLU A 35 11.84 -1.49 1.75
C GLU A 35 12.78 -0.49 2.40
N GLU A 36 13.60 0.14 1.57
CA GLU A 36 14.55 1.14 2.00
C GLU A 36 13.80 2.34 2.55
N ASN A 37 12.81 2.77 1.80
CA ASN A 37 12.01 3.92 2.19
C ASN A 37 10.80 3.49 2.97
N GLY A 38 10.53 2.20 2.94
CA GLY A 38 9.36 1.68 3.57
C GLY A 38 8.12 2.11 2.81
N THR A 39 8.21 2.07 1.51
CA THR A 39 7.12 2.46 0.67
C THR A 39 6.77 1.33 -0.26
N ALA A 40 5.58 1.31 -0.73
CA ALA A 40 5.17 0.29 -1.65
C ALA A 40 4.33 0.88 -2.76
N ALA A 41 4.46 0.31 -3.91
CA ALA A 41 3.70 0.67 -5.04
C ALA A 41 2.53 -0.24 -5.11
N ILE A 42 1.40 0.33 -5.10
CA ILE A 42 0.19 -0.40 -5.04
C ILE A 42 -0.74 -0.04 -6.19
N THR A 43 -1.55 -0.96 -6.56
CA THR A 43 -2.52 -0.77 -7.60
C THR A 43 -3.91 -0.94 -7.00
N PHE A 44 -4.73 0.07 -7.14
CA PHE A 44 -6.06 0.06 -6.61
C PHE A 44 -6.94 -0.87 -7.40
N ALA A 45 -7.54 -1.79 -6.71
CA ALA A 45 -8.37 -2.83 -7.28
C ALA A 45 -9.59 -2.23 -7.95
N GLY A 46 -9.88 -2.70 -9.13
CA GLY A 46 -11.02 -2.24 -9.86
C GLY A 46 -10.71 -1.04 -10.73
N TYR A 47 -10.04 -0.07 -10.15
CA TYR A 47 -9.71 1.15 -10.86
C TYR A 47 -8.52 0.94 -11.78
N GLY A 48 -7.51 0.26 -11.28
CA GLY A 48 -6.34 0.02 -12.07
C GLY A 48 -5.31 1.13 -11.93
N ASN A 49 -5.52 2.00 -10.96
CA ASN A 49 -4.58 3.06 -10.68
C ASN A 49 -3.46 2.55 -9.86
N ALA A 50 -2.34 3.19 -9.92
CA ALA A 50 -1.19 2.77 -9.19
C ALA A 50 -0.45 3.95 -8.64
N GLU A 51 0.00 3.86 -7.42
CA GLU A 51 0.75 4.92 -6.79
C GLU A 51 1.71 4.35 -5.76
N VAL A 52 2.68 5.14 -5.37
CA VAL A 52 3.63 4.77 -4.36
C VAL A 52 3.17 5.35 -3.04
N THR A 53 2.96 4.52 -2.08
CA THR A 53 2.48 4.94 -0.79
C THR A 53 3.28 4.21 0.30
N PRO A 54 3.60 4.89 1.39
CA PRO A 54 4.34 4.30 2.49
C PRO A 54 3.57 3.17 3.13
N LEU A 55 4.30 2.19 3.61
CA LEU A 55 3.72 1.01 4.29
C LEU A 55 2.82 1.42 5.45
N LEU A 56 3.10 2.60 6.03
CA LEU A 56 2.31 3.16 7.13
C LEU A 56 0.88 3.45 6.67
N ASN A 57 0.71 3.72 5.39
CA ASN A 57 -0.59 4.04 4.84
C ASN A 57 -1.35 2.81 4.54
N LEU A 58 -0.65 1.76 4.27
CA LEU A 58 -1.26 0.51 3.92
C LEU A 58 -1.87 -0.14 5.14
N LYS A 59 -3.13 -0.48 5.02
CA LYS A 59 -3.89 -1.15 6.05
C LYS A 59 -4.20 -2.54 5.55
N PRO A 60 -4.42 -3.51 6.44
CA PRO A 60 -4.83 -4.84 6.02
C PRO A 60 -6.28 -4.85 5.53
N VAL A 61 -6.59 -5.75 4.65
CA VAL A 61 -7.95 -5.88 4.17
C VAL A 61 -8.66 -6.76 5.17
N GLU A 62 -9.31 -6.14 6.11
CA GLU A 62 -9.94 -6.85 7.18
C GLU A 62 -11.26 -7.43 6.70
N GLU A 63 -11.27 -8.74 6.54
CA GLU A 63 -12.45 -9.46 6.11
C GLU A 63 -12.76 -10.55 7.10
N GLY A 64 -12.12 -10.48 8.22
CA GLY A 64 -12.29 -11.43 9.24
C GLY A 64 -12.03 -10.80 10.54
C1 DA2 B . -8.58 4.59 -5.34
C2 DA2 B . -7.55 5.07 -7.56
N DA2 B . -8.76 5.83 -13.21
CA DA2 B . -9.56 6.84 -12.50
CB DA2 B . -9.95 6.31 -11.12
CG DA2 B . -10.67 7.32 -10.22
CD DA2 B . -11.05 6.69 -8.92
NE DA2 B . -9.89 6.09 -8.29
CZ DA2 B . -9.83 5.63 -7.08
NH2 DA2 B . -10.85 5.67 -6.28
NH1 DA2 B . -8.70 5.12 -6.67
C DA2 B . -8.75 8.09 -12.37
O DA2 B . -9.18 9.14 -12.87
OXT DA2 B . -7.64 8.04 -11.82
H2 DA2 B . -9.27 4.95 -13.34
H3 DA2 B . -7.89 5.63 -12.67
HC11 DA2 B . -7.53 4.43 -5.09
HC12 DA2 B . -9.00 5.29 -4.63
HC13 DA2 B . -9.10 3.65 -5.28
HC21 DA2 B . -6.74 4.55 -7.07
HC22 DA2 B . -7.81 4.55 -8.46
HC23 DA2 B . -7.23 6.07 -7.80
H DA2 B . -8.47 6.19 -14.14
HA DA2 B . -10.44 7.03 -13.07
HCB1 DA2 B . -9.06 6.00 -10.60
HCB2 DA2 B . -10.60 5.46 -11.24
HCG1 DA2 B . -11.55 7.69 -10.71
HCG2 DA2 B . -9.99 8.14 -10.00
HCD1 DA2 B . -11.79 5.93 -9.10
HCD2 DA2 B . -11.46 7.46 -8.27
HNE DA2 B . -9.06 6.04 -8.81
HNH2 DA2 B . -11.74 6.04 -6.52
HH1 DA2 B . -10.74 5.28 -5.36
N ALA A 1 16.54 -3.53 5.40
CA ALA A 1 15.70 -2.33 5.36
C ALA A 1 16.28 -1.24 6.23
N SER A 2 16.43 -0.06 5.68
CA SER A 2 16.88 1.07 6.43
C SER A 2 15.71 1.60 7.25
N THR A 3 14.56 1.71 6.61
CA THR A 3 13.35 2.08 7.24
C THR A 3 12.72 0.81 7.76
N GLN A 4 12.52 0.72 9.04
CA GLN A 4 11.95 -0.44 9.64
C GLN A 4 10.46 -0.48 9.31
N PRO A 5 10.00 -1.52 8.59
CA PRO A 5 8.60 -1.65 8.24
C PRO A 5 7.72 -1.66 9.47
N THR A 6 6.67 -0.92 9.41
CA THR A 6 5.73 -0.86 10.50
C THR A 6 4.74 -2.02 10.37
N HIS A 7 4.62 -2.51 9.16
CA HIS A 7 3.75 -3.61 8.85
C HIS A 7 4.49 -4.46 7.84
N SER A 8 4.46 -5.74 8.01
CA SER A 8 5.13 -6.66 7.12
C SER A 8 4.26 -6.92 5.89
N TRP A 9 4.67 -6.32 4.78
CA TRP A 9 3.96 -6.45 3.53
C TRP A 9 4.77 -7.25 2.52
N LYS A 10 4.07 -7.91 1.62
CA LYS A 10 4.72 -8.64 0.55
C LYS A 10 4.10 -8.22 -0.80
N VAL A 11 4.84 -8.44 -1.86
CA VAL A 11 4.38 -8.17 -3.22
C VAL A 11 3.20 -9.07 -3.57
N GLY A 12 2.15 -8.50 -4.12
CA GLY A 12 1.02 -9.27 -4.54
C GLY A 12 0.04 -9.51 -3.42
N ASP A 13 -0.05 -8.58 -2.50
CA ASP A 13 -0.96 -8.75 -1.38
C ASP A 13 -2.03 -7.68 -1.44
N LYS A 14 -3.07 -7.91 -0.70
CA LYS A 14 -4.18 -7.00 -0.63
C LYS A 14 -3.97 -6.10 0.54
N CYS A 15 -4.12 -4.86 0.34
CA CYS A 15 -4.00 -3.92 1.39
C CYS A 15 -4.94 -2.80 1.11
N MET A 16 -5.08 -1.91 2.03
CA MET A 16 -5.87 -0.76 1.79
C MET A 16 -4.98 0.42 1.88
N ALA A 17 -5.07 1.23 0.90
CA ALA A 17 -4.21 2.36 0.73
C ALA A 17 -5.03 3.60 0.64
N VAL A 18 -4.43 4.68 0.99
CA VAL A 18 -5.08 5.96 0.94
C VAL A 18 -4.89 6.54 -0.43
N TRP A 19 -5.99 6.83 -1.09
CA TRP A 19 -5.94 7.45 -2.37
C TRP A 19 -5.48 8.86 -2.19
N SER A 20 -4.42 9.23 -2.80
CA SER A 20 -3.87 10.56 -2.67
C SER A 20 -4.84 11.66 -3.14
N GLU A 21 -5.71 11.28 -4.01
CA GLU A 21 -6.65 12.22 -4.59
C GLU A 21 -7.82 12.54 -3.66
N ASP A 22 -8.37 11.53 -3.00
CA ASP A 22 -9.56 11.76 -2.18
C ASP A 22 -9.27 11.54 -0.70
N GLY A 23 -8.16 10.90 -0.42
CA GLY A 23 -7.74 10.70 0.95
C GLY A 23 -8.42 9.55 1.64
N GLN A 24 -9.28 8.85 0.94
CA GLN A 24 -9.99 7.72 1.54
C GLN A 24 -9.21 6.44 1.33
N CYS A 25 -9.55 5.42 2.06
CA CYS A 25 -8.89 4.15 1.93
C CYS A 25 -9.59 3.28 0.91
N TYR A 26 -8.82 2.64 0.06
CA TYR A 26 -9.34 1.76 -0.98
C TYR A 26 -8.51 0.50 -1.04
N GLU A 27 -9.08 -0.55 -1.59
CA GLU A 27 -8.40 -1.83 -1.68
C GLU A 27 -7.37 -1.76 -2.79
N ALA A 28 -6.18 -2.17 -2.50
CA ALA A 28 -5.09 -2.11 -3.45
C ALA A 28 -4.20 -3.31 -3.30
N GLU A 29 -3.52 -3.64 -4.36
CA GLU A 29 -2.58 -4.73 -4.35
C GLU A 29 -1.18 -4.19 -4.54
N ILE A 30 -0.27 -4.65 -3.70
CA ILE A 30 1.12 -4.25 -3.75
C ILE A 30 1.81 -4.82 -4.98
N GLU A 31 2.38 -3.93 -5.73
CA GLU A 31 3.10 -4.24 -6.95
C GLU A 31 4.59 -4.27 -6.67
N GLU A 32 5.04 -3.34 -5.88
CA GLU A 32 6.44 -3.15 -5.64
C GLU A 32 6.62 -2.75 -4.20
N ILE A 33 7.68 -3.21 -3.59
CA ILE A 33 8.01 -2.81 -2.22
C ILE A 33 9.42 -2.27 -2.18
N ASP A 34 9.58 -1.12 -1.60
CA ASP A 34 10.86 -0.54 -1.37
C ASP A 34 11.04 -0.37 0.12
N GLU A 35 11.64 -1.35 0.74
CA GLU A 35 11.88 -1.36 2.18
C GLU A 35 12.85 -0.26 2.62
N GLU A 36 13.63 0.24 1.68
CA GLU A 36 14.58 1.30 1.95
C GLU A 36 13.83 2.56 2.41
N ASN A 37 12.79 2.91 1.72
CA ASN A 37 12.00 4.08 2.10
C ASN A 37 10.76 3.65 2.86
N GLY A 38 10.52 2.35 2.88
CA GLY A 38 9.35 1.83 3.53
C GLY A 38 8.12 2.16 2.72
N THR A 39 8.21 2.05 1.43
CA THR A 39 7.13 2.39 0.56
C THR A 39 6.76 1.22 -0.28
N ALA A 40 5.58 1.22 -0.76
CA ALA A 40 5.14 0.21 -1.66
C ALA A 40 4.31 0.83 -2.74
N ALA A 41 4.50 0.35 -3.92
CA ALA A 41 3.71 0.76 -5.03
C ALA A 41 2.55 -0.14 -5.10
N ILE A 42 1.39 0.42 -5.08
CA ILE A 42 0.19 -0.36 -5.03
C ILE A 42 -0.72 0.00 -6.17
N THR A 43 -1.56 -0.91 -6.51
CA THR A 43 -2.54 -0.70 -7.52
C THR A 43 -3.92 -0.93 -6.94
N PHE A 44 -4.72 0.09 -6.99
CA PHE A 44 -6.07 0.07 -6.50
C PHE A 44 -6.91 -0.89 -7.32
N ALA A 45 -7.53 -1.81 -6.63
CA ALA A 45 -8.31 -2.88 -7.22
C ALA A 45 -9.48 -2.36 -8.02
N GLY A 46 -9.59 -2.83 -9.23
CA GLY A 46 -10.69 -2.45 -10.08
C GLY A 46 -10.36 -1.23 -10.90
N TYR A 47 -9.89 -0.21 -10.24
CA TYR A 47 -9.55 1.03 -10.88
C TYR A 47 -8.31 0.85 -11.74
N GLY A 48 -7.34 0.13 -11.22
CA GLY A 48 -6.13 -0.12 -11.97
C GLY A 48 -5.13 1.00 -11.79
N ASN A 49 -5.48 1.93 -10.93
CA ASN A 49 -4.60 3.05 -10.65
C ASN A 49 -3.50 2.63 -9.76
N ALA A 50 -2.39 3.25 -9.88
CA ALA A 50 -1.24 2.86 -9.12
C ALA A 50 -0.49 4.06 -8.62
N GLU A 51 -0.04 3.97 -7.39
CA GLU A 51 0.71 5.04 -6.78
C GLU A 51 1.65 4.45 -5.74
N VAL A 52 2.63 5.20 -5.34
CA VAL A 52 3.57 4.76 -4.36
C VAL A 52 3.19 5.35 -3.03
N THR A 53 2.92 4.51 -2.10
CA THR A 53 2.47 4.93 -0.82
C THR A 53 3.28 4.19 0.25
N PRO A 54 3.63 4.88 1.34
CA PRO A 54 4.38 4.27 2.41
C PRO A 54 3.60 3.13 3.07
N LEU A 55 4.33 2.15 3.56
CA LEU A 55 3.77 0.97 4.25
C LEU A 55 2.88 1.39 5.42
N LEU A 56 3.15 2.57 5.96
CA LEU A 56 2.39 3.14 7.06
C LEU A 56 0.96 3.49 6.61
N ASN A 57 0.80 3.72 5.33
CA ASN A 57 -0.50 4.07 4.79
C ASN A 57 -1.25 2.85 4.39
N LEU A 58 -0.52 1.76 4.25
CA LEU A 58 -1.12 0.52 3.90
C LEU A 58 -1.67 -0.13 5.12
N LYS A 59 -2.91 -0.44 5.05
CA LYS A 59 -3.63 -1.07 6.11
C LYS A 59 -4.07 -2.43 5.65
N PRO A 60 -4.28 -3.38 6.54
CA PRO A 60 -4.77 -4.68 6.16
C PRO A 60 -6.24 -4.60 5.80
N VAL A 61 -6.63 -5.39 4.84
CA VAL A 61 -7.98 -5.41 4.39
C VAL A 61 -8.82 -6.17 5.37
N GLU A 62 -9.61 -5.46 6.15
CA GLU A 62 -10.55 -6.10 7.05
C GLU A 62 -11.62 -6.81 6.23
N GLU A 63 -11.40 -8.07 6.00
CA GLU A 63 -12.30 -8.93 5.25
C GLU A 63 -13.01 -9.89 6.19
N GLY A 64 -12.57 -9.84 7.41
CA GLY A 64 -13.08 -10.66 8.43
C GLY A 64 -13.56 -9.81 9.56
C1 DA2 B . -8.61 4.52 -5.29
C2 DA2 B . -7.72 4.92 -7.60
N DA2 B . -9.34 5.74 -13.25
CA DA2 B . -10.08 6.70 -12.43
CB DA2 B . -10.39 6.10 -11.07
CG DA2 B . -11.10 7.05 -10.12
CD DA2 B . -11.39 6.36 -8.81
NE DA2 B . -10.15 5.83 -8.24
CZ DA2 B . -9.99 5.43 -7.01
NH2 DA2 B . -10.97 5.47 -6.15
NH1 DA2 B . -8.82 4.98 -6.64
C DA2 B . -9.23 7.93 -12.30
O DA2 B . -9.65 9.03 -12.71
OXT DA2 B . -8.11 7.80 -11.84
H2 DA2 B . -9.14 6.16 -14.17
H3 DA2 B . -9.86 4.86 -13.39
HC11 DA2 B . -9.42 3.86 -5.01
HC12 DA2 B . -7.67 4.00 -5.22
HC13 DA2 B . -8.61 5.37 -4.64
HC21 DA2 B . -6.92 4.32 -7.20
HC22 DA2 B . -8.06 4.51 -8.53
HC23 DA2 B . -7.34 5.92 -7.77
H DA2 B . -8.42 5.54 -12.80
HA DA2 B . -11.00 6.94 -12.94
HCB1 DA2 B . -9.45 5.82 -10.61
HCB2 DA2 B . -11.00 5.23 -11.20
HCG1 DA2 B . -12.03 7.37 -10.57
HCG2 DA2 B . -10.46 7.88 -9.91
HCD1 DA2 B . -12.06 5.55 -8.98
HCD2 DA2 B . -11.81 7.07 -8.13
HNE DA2 B . -9.37 5.80 -8.81
HNH2 DA2 B . -11.89 5.80 -6.37
HH1 DA2 B . -10.79 5.16 -5.22
N ALA A 1 17.17 -4.43 5.02
CA ALA A 1 16.24 -3.35 5.26
C ALA A 1 16.75 -2.43 6.35
N SER A 2 17.21 -1.26 5.96
CA SER A 2 17.65 -0.26 6.91
C SER A 2 16.40 0.37 7.52
N THR A 3 15.40 0.51 6.69
CA THR A 3 14.14 1.01 7.06
C THR A 3 13.26 -0.19 7.31
N GLN A 4 12.96 -0.43 8.53
CA GLN A 4 12.21 -1.58 8.91
C GLN A 4 10.71 -1.32 8.84
N PRO A 5 10.00 -2.10 7.98
CA PRO A 5 8.55 -2.01 7.80
C PRO A 5 7.78 -2.02 9.12
N THR A 6 6.84 -1.13 9.22
CA THR A 6 6.01 -1.01 10.40
C THR A 6 4.94 -2.12 10.37
N HIS A 7 4.72 -2.63 9.19
CA HIS A 7 3.78 -3.68 8.96
C HIS A 7 4.45 -4.59 7.93
N SER A 8 4.38 -5.87 8.14
CA SER A 8 4.97 -6.80 7.24
C SER A 8 4.07 -6.98 6.02
N TRP A 9 4.47 -6.40 4.92
CA TRP A 9 3.78 -6.48 3.67
C TRP A 9 4.60 -7.25 2.69
N LYS A 10 3.95 -7.92 1.76
CA LYS A 10 4.65 -8.61 0.73
C LYS A 10 4.00 -8.29 -0.61
N VAL A 11 4.75 -8.51 -1.66
CA VAL A 11 4.28 -8.28 -3.02
C VAL A 11 3.14 -9.23 -3.36
N GLY A 12 2.09 -8.69 -3.95
CA GLY A 12 0.96 -9.50 -4.33
C GLY A 12 0.00 -9.67 -3.20
N ASP A 13 -0.09 -8.67 -2.35
CA ASP A 13 -1.00 -8.72 -1.24
C ASP A 13 -2.00 -7.62 -1.38
N LYS A 14 -3.15 -7.85 -0.83
CA LYS A 14 -4.18 -6.91 -0.79
C LYS A 14 -4.10 -6.12 0.45
N CYS A 15 -4.21 -4.88 0.28
CA CYS A 15 -4.14 -3.96 1.36
C CYS A 15 -5.12 -2.86 1.07
N MET A 16 -5.28 -1.99 1.99
CA MET A 16 -6.07 -0.86 1.75
C MET A 16 -5.18 0.32 1.82
N ALA A 17 -5.25 1.13 0.85
CA ALA A 17 -4.40 2.26 0.76
C ALA A 17 -5.20 3.50 0.72
N VAL A 18 -4.65 4.53 1.23
CA VAL A 18 -5.27 5.81 1.21
C VAL A 18 -4.95 6.46 -0.11
N TRP A 19 -5.98 6.70 -0.88
CA TRP A 19 -5.84 7.30 -2.18
C TRP A 19 -5.28 8.69 -2.00
N SER A 20 -4.15 8.95 -2.57
CA SER A 20 -3.45 10.21 -2.40
C SER A 20 -4.27 11.39 -2.96
N GLU A 21 -5.24 11.08 -3.82
CA GLU A 21 -6.08 12.10 -4.42
C GLU A 21 -7.26 12.49 -3.54
N ASP A 22 -7.92 11.50 -2.94
CA ASP A 22 -9.15 11.82 -2.19
C ASP A 22 -9.01 11.54 -0.71
N GLY A 23 -8.00 10.79 -0.35
CA GLY A 23 -7.75 10.55 1.06
C GLY A 23 -8.52 9.38 1.63
N GLN A 24 -9.41 8.80 0.86
CA GLN A 24 -10.17 7.66 1.34
C GLN A 24 -9.36 6.40 1.18
N CYS A 25 -9.69 5.39 1.92
CA CYS A 25 -9.00 4.12 1.80
C CYS A 25 -9.71 3.24 0.78
N TYR A 26 -8.93 2.61 -0.06
CA TYR A 26 -9.43 1.75 -1.11
C TYR A 26 -8.59 0.50 -1.19
N GLU A 27 -9.14 -0.55 -1.76
CA GLU A 27 -8.44 -1.82 -1.85
C GLU A 27 -7.37 -1.74 -2.93
N ALA A 28 -6.18 -2.01 -2.55
CA ALA A 28 -5.07 -1.94 -3.45
C ALA A 28 -4.17 -3.13 -3.28
N GLU A 29 -3.53 -3.51 -4.34
CA GLU A 29 -2.64 -4.62 -4.33
C GLU A 29 -1.22 -4.15 -4.54
N ILE A 30 -0.34 -4.65 -3.71
CA ILE A 30 1.09 -4.29 -3.75
C ILE A 30 1.78 -4.90 -4.96
N GLU A 31 2.38 -4.05 -5.72
CA GLU A 31 3.11 -4.40 -6.91
C GLU A 31 4.58 -4.51 -6.63
N GLU A 32 5.08 -3.59 -5.86
CA GLU A 32 6.48 -3.52 -5.57
C GLU A 32 6.68 -2.88 -4.22
N ILE A 33 7.63 -3.36 -3.49
CA ILE A 33 7.95 -2.80 -2.20
C ILE A 33 9.31 -2.18 -2.28
N ASP A 34 9.45 -1.03 -1.70
CA ASP A 34 10.70 -0.35 -1.60
C ASP A 34 10.99 -0.15 -0.14
N GLU A 35 11.71 -1.10 0.42
CA GLU A 35 12.07 -1.07 1.84
C GLU A 35 13.00 0.09 2.17
N GLU A 36 13.65 0.66 1.17
CA GLU A 36 14.56 1.75 1.39
C GLU A 36 13.79 2.96 1.92
N ASN A 37 12.68 3.26 1.30
CA ASN A 37 11.85 4.37 1.72
C ASN A 37 10.77 3.88 2.65
N GLY A 38 10.56 2.59 2.65
CA GLY A 38 9.48 2.01 3.43
C GLY A 38 8.17 2.29 2.75
N THR A 39 8.19 2.23 1.44
CA THR A 39 7.05 2.55 0.64
C THR A 39 6.75 1.40 -0.28
N ALA A 40 5.54 1.31 -0.71
CA ALA A 40 5.19 0.28 -1.63
C ALA A 40 4.34 0.85 -2.73
N ALA A 41 4.53 0.32 -3.89
CA ALA A 41 3.76 0.69 -5.02
C ALA A 41 2.59 -0.21 -5.07
N ILE A 42 1.45 0.36 -5.04
CA ILE A 42 0.24 -0.37 -4.99
C ILE A 42 -0.66 0.02 -6.12
N THR A 43 -1.47 -0.88 -6.53
CA THR A 43 -2.42 -0.66 -7.56
C THR A 43 -3.81 -0.88 -7.01
N PHE A 44 -4.62 0.15 -7.10
CA PHE A 44 -5.96 0.11 -6.62
C PHE A 44 -6.78 -0.84 -7.46
N ALA A 45 -7.27 -1.86 -6.83
CA ALA A 45 -7.94 -2.94 -7.47
C ALA A 45 -9.30 -2.51 -7.99
N GLY A 46 -9.51 -2.74 -9.25
CA GLY A 46 -10.74 -2.39 -9.88
C GLY A 46 -10.60 -1.17 -10.74
N TYR A 47 -9.81 -0.23 -10.26
CA TYR A 47 -9.59 1.00 -11.00
C TYR A 47 -8.41 0.85 -11.93
N GLY A 48 -7.36 0.25 -11.43
CA GLY A 48 -6.17 0.08 -12.21
C GLY A 48 -5.17 1.20 -11.97
N ASN A 49 -5.47 2.08 -11.04
CA ASN A 49 -4.56 3.18 -10.72
C ASN A 49 -3.47 2.69 -9.82
N ALA A 50 -2.37 3.37 -9.81
CA ALA A 50 -1.24 2.95 -9.03
C ALA A 50 -0.53 4.15 -8.46
N GLU A 51 -0.03 4.00 -7.27
CA GLU A 51 0.72 5.04 -6.61
C GLU A 51 1.69 4.40 -5.65
N VAL A 52 2.69 5.13 -5.24
CA VAL A 52 3.63 4.65 -4.27
C VAL A 52 3.30 5.29 -2.94
N THR A 53 2.93 4.48 -2.02
CA THR A 53 2.46 4.93 -0.74
C THR A 53 3.22 4.19 0.36
N PRO A 54 3.57 4.88 1.45
CA PRO A 54 4.31 4.28 2.54
C PRO A 54 3.55 3.14 3.18
N LEU A 55 4.28 2.15 3.64
CA LEU A 55 3.72 0.96 4.29
C LEU A 55 2.83 1.34 5.48
N LEU A 56 3.12 2.49 6.07
CA LEU A 56 2.36 3.02 7.18
C LEU A 56 0.92 3.37 6.75
N ASN A 57 0.75 3.64 5.47
CA ASN A 57 -0.55 4.02 4.92
C ASN A 57 -1.31 2.82 4.49
N LEU A 58 -0.61 1.74 4.35
CA LEU A 58 -1.23 0.53 3.97
C LEU A 58 -1.84 -0.10 5.18
N LYS A 59 -3.10 -0.40 5.08
CA LYS A 59 -3.83 -1.02 6.13
C LYS A 59 -4.24 -2.39 5.66
N PRO A 60 -4.33 -3.35 6.55
CA PRO A 60 -4.79 -4.69 6.19
C PRO A 60 -6.25 -4.67 5.80
N VAL A 61 -6.63 -5.58 4.93
CA VAL A 61 -7.98 -5.66 4.49
C VAL A 61 -8.77 -6.45 5.52
N GLU A 62 -9.19 -5.77 6.54
CA GLU A 62 -9.94 -6.39 7.58
C GLU A 62 -11.41 -6.27 7.24
N GLU A 63 -11.82 -7.13 6.31
CA GLU A 63 -13.16 -7.22 5.78
C GLU A 63 -13.64 -5.94 5.07
N GLY A 64 -12.70 -5.12 4.66
CA GLY A 64 -13.04 -3.92 3.94
C GLY A 64 -13.37 -2.80 4.88
C1 DA2 B . -8.61 4.44 -5.40
C2 DA2 B . -7.65 4.93 -7.65
N DA2 B . -8.96 5.86 -13.19
CA DA2 B . -9.85 6.77 -12.51
CB DA2 B . -10.27 6.20 -11.16
CG DA2 B . -10.90 7.19 -10.19
CD DA2 B . -11.22 6.52 -8.89
NE DA2 B . -10.04 5.94 -8.30
CZ DA2 B . -9.92 5.47 -7.09
NH2 DA2 B . -10.93 5.48 -6.25
NH1 DA2 B . -8.78 4.98 -6.73
C DA2 B . -9.12 8.08 -12.33
O DA2 B . -9.58 9.11 -12.84
OXT DA2 B . -8.07 8.06 -11.69
H2 DA2 B . -8.11 5.71 -12.61
H3 DA2 B . -8.62 6.29 -14.08
HC11 DA2 B . -9.30 3.63 -5.25
HC12 DA2 B . -7.60 4.10 -5.26
HC13 DA2 B . -8.83 5.22 -4.68
HC21 DA2 B . -7.34 5.95 -7.87
HC22 DA2 B . -6.84 4.39 -7.22
HC23 DA2 B . -7.97 4.46 -8.58
H DA2 B . -9.39 4.94 -13.40
HA DA2 B . -10.74 6.93 -13.12
HCB1 DA2 B . -9.39 5.78 -10.69
HCB2 DA2 B . -10.98 5.40 -11.32
HCG1 DA2 B . -11.81 7.61 -10.61
HCG2 DA2 B . -10.19 7.98 -9.97
HCD1 DA2 B . -11.95 5.74 -9.06
HCD2 DA2 B . -11.64 7.26 -8.20
HNE DA2 B . -9.23 5.91 -8.86
HNH2 DA2 B . -11.83 5.85 -6.48
HH1 DA2 B . -10.77 5.09 -5.35
N ALA A 1 16.70 0.87 6.11
CA ALA A 1 17.80 1.58 6.78
C ALA A 1 17.49 3.08 6.88
N SER A 2 16.97 3.65 5.80
CA SER A 2 16.56 5.04 5.81
C SER A 2 15.26 5.14 6.59
N THR A 3 14.41 4.17 6.38
CA THR A 3 13.19 4.04 7.09
C THR A 3 13.03 2.56 7.41
N GLN A 4 12.40 2.25 8.50
CA GLN A 4 12.15 0.89 8.89
C GLN A 4 10.66 0.61 8.66
N PRO A 5 10.31 -0.52 8.04
CA PRO A 5 8.91 -0.89 7.80
C PRO A 5 8.10 -0.99 9.09
N THR A 6 6.93 -0.40 9.06
CA THR A 6 6.04 -0.38 10.20
C THR A 6 5.12 -1.62 10.18
N HIS A 7 5.01 -2.23 9.02
CA HIS A 7 4.16 -3.37 8.82
C HIS A 7 4.91 -4.31 7.90
N SER A 8 4.70 -5.60 8.04
CA SER A 8 5.34 -6.56 7.18
C SER A 8 4.48 -6.80 5.93
N TRP A 9 4.91 -6.24 4.82
CA TRP A 9 4.20 -6.38 3.57
C TRP A 9 4.98 -7.24 2.57
N LYS A 10 4.25 -7.91 1.69
CA LYS A 10 4.83 -8.71 0.62
C LYS A 10 4.22 -8.28 -0.71
N VAL A 11 4.97 -8.46 -1.80
CA VAL A 11 4.46 -8.17 -3.13
C VAL A 11 3.29 -9.12 -3.45
N GLY A 12 2.22 -8.57 -3.96
CA GLY A 12 1.07 -9.35 -4.29
C GLY A 12 0.19 -9.58 -3.11
N ASP A 13 0.05 -8.57 -2.29
CA ASP A 13 -0.81 -8.65 -1.13
C ASP A 13 -1.90 -7.66 -1.29
N LYS A 14 -2.95 -7.84 -0.55
CA LYS A 14 -4.02 -6.95 -0.53
C LYS A 14 -3.92 -6.05 0.64
N CYS A 15 -4.07 -4.83 0.36
CA CYS A 15 -3.97 -3.84 1.36
C CYS A 15 -4.96 -2.76 1.07
N MET A 16 -5.14 -1.90 2.00
CA MET A 16 -5.94 -0.77 1.78
C MET A 16 -5.03 0.40 1.81
N ALA A 17 -5.12 1.22 0.84
CA ALA A 17 -4.26 2.34 0.70
C ALA A 17 -5.08 3.58 0.67
N VAL A 18 -4.52 4.64 1.15
CA VAL A 18 -5.18 5.91 1.15
C VAL A 18 -4.93 6.57 -0.18
N TRP A 19 -5.99 6.80 -0.90
CA TRP A 19 -5.92 7.42 -2.18
C TRP A 19 -5.48 8.85 -1.98
N SER A 20 -4.41 9.23 -2.60
CA SER A 20 -3.85 10.56 -2.47
C SER A 20 -4.82 11.65 -2.91
N GLU A 21 -5.69 11.29 -3.78
CA GLU A 21 -6.59 12.24 -4.38
C GLU A 21 -7.79 12.53 -3.52
N ASP A 22 -8.37 11.53 -2.91
CA ASP A 22 -9.57 11.78 -2.09
C ASP A 22 -9.29 11.58 -0.62
N GLY A 23 -8.19 10.93 -0.33
CA GLY A 23 -7.78 10.73 1.06
C GLY A 23 -8.54 9.61 1.76
N GLN A 24 -9.29 8.85 1.00
CA GLN A 24 -10.02 7.72 1.57
C GLN A 24 -9.24 6.44 1.32
N CYS A 25 -9.52 5.41 2.08
CA CYS A 25 -8.83 4.16 1.91
C CYS A 25 -9.57 3.27 0.93
N TYR A 26 -8.82 2.64 0.05
CA TYR A 26 -9.35 1.75 -0.98
C TYR A 26 -8.50 0.52 -1.07
N GLU A 27 -9.06 -0.54 -1.61
CA GLU A 27 -8.38 -1.82 -1.72
C GLU A 27 -7.38 -1.77 -2.86
N ALA A 28 -6.17 -2.09 -2.54
CA ALA A 28 -5.11 -2.06 -3.49
C ALA A 28 -4.21 -3.25 -3.30
N GLU A 29 -3.54 -3.61 -4.35
CA GLU A 29 -2.63 -4.71 -4.35
C GLU A 29 -1.21 -4.21 -4.56
N ILE A 30 -0.32 -4.69 -3.74
CA ILE A 30 1.09 -4.32 -3.79
C ILE A 30 1.80 -4.90 -5.01
N GLU A 31 2.37 -4.01 -5.77
CA GLU A 31 3.10 -4.36 -6.97
C GLU A 31 4.59 -4.42 -6.69
N GLU A 32 5.06 -3.49 -5.91
CA GLU A 32 6.47 -3.35 -5.64
C GLU A 32 6.65 -2.80 -4.23
N ILE A 33 7.70 -3.22 -3.56
CA ILE A 33 8.02 -2.72 -2.24
C ILE A 33 9.42 -2.15 -2.23
N ASP A 34 9.59 -1.04 -1.59
CA ASP A 34 10.87 -0.46 -1.41
C ASP A 34 11.12 -0.43 0.07
N GLU A 35 11.79 -1.43 0.56
CA GLU A 35 12.03 -1.60 1.98
C GLU A 35 12.91 -0.52 2.58
N GLU A 36 13.69 0.14 1.74
CA GLU A 36 14.58 1.18 2.19
C GLU A 36 13.80 2.39 2.67
N ASN A 37 12.83 2.78 1.89
CA ASN A 37 12.00 3.92 2.22
C ASN A 37 10.79 3.49 2.97
N GLY A 38 10.56 2.17 3.02
CA GLY A 38 9.37 1.66 3.64
C GLY A 38 8.14 2.10 2.88
N THR A 39 8.23 2.05 1.58
CA THR A 39 7.18 2.47 0.71
C THR A 39 6.84 1.35 -0.25
N ALA A 40 5.64 1.34 -0.77
CA ALA A 40 5.25 0.33 -1.71
C ALA A 40 4.42 0.91 -2.82
N ALA A 41 4.54 0.32 -3.96
CA ALA A 41 3.75 0.70 -5.10
C ALA A 41 2.58 -0.21 -5.15
N ILE A 42 1.43 0.35 -5.15
CA ILE A 42 0.23 -0.41 -5.10
C ILE A 42 -0.69 -0.03 -6.23
N THR A 43 -1.53 -0.94 -6.58
CA THR A 43 -2.51 -0.73 -7.61
C THR A 43 -3.89 -0.96 -7.02
N PHE A 44 -4.70 0.06 -7.09
CA PHE A 44 -6.04 0.02 -6.59
C PHE A 44 -6.88 -0.90 -7.45
N ALA A 45 -7.43 -1.90 -6.81
CA ALA A 45 -8.18 -2.95 -7.47
C ALA A 45 -9.42 -2.39 -8.15
N GLY A 46 -9.65 -2.83 -9.37
CA GLY A 46 -10.82 -2.40 -10.10
C GLY A 46 -10.57 -1.14 -10.90
N TYR A 47 -9.96 -0.16 -10.27
CA TYR A 47 -9.69 1.12 -10.92
C TYR A 47 -8.51 1.00 -11.86
N GLY A 48 -7.49 0.26 -11.43
CA GLY A 48 -6.31 0.11 -12.24
C GLY A 48 -5.32 1.23 -12.02
N ASN A 49 -5.61 2.05 -11.03
CA ASN A 49 -4.73 3.15 -10.67
C ASN A 49 -3.63 2.65 -9.82
N ALA A 50 -2.50 3.24 -9.91
CA ALA A 50 -1.36 2.78 -9.16
C ALA A 50 -0.53 3.93 -8.70
N GLU A 51 -0.06 3.85 -7.48
CA GLU A 51 0.72 4.90 -6.91
C GLU A 51 1.66 4.31 -5.86
N VAL A 52 2.69 5.05 -5.54
CA VAL A 52 3.63 4.68 -4.51
C VAL A 52 3.17 5.32 -3.23
N THR A 53 2.93 4.52 -2.25
CA THR A 53 2.45 4.96 -1.00
C THR A 53 3.23 4.25 0.11
N PRO A 54 3.54 4.97 1.19
CA PRO A 54 4.28 4.40 2.29
C PRO A 54 3.51 3.27 2.97
N LEU A 55 4.23 2.31 3.50
CA LEU A 55 3.67 1.15 4.20
C LEU A 55 2.76 1.59 5.35
N LEU A 56 3.03 2.78 5.88
CA LEU A 56 2.23 3.36 6.96
C LEU A 56 0.80 3.62 6.49
N ASN A 57 0.66 3.84 5.19
CA ASN A 57 -0.64 4.11 4.62
C ASN A 57 -1.36 2.86 4.34
N LEU A 58 -0.61 1.82 4.14
CA LEU A 58 -1.19 0.55 3.83
C LEU A 58 -1.72 -0.10 5.07
N LYS A 59 -2.96 -0.47 5.02
CA LYS A 59 -3.63 -1.19 6.07
C LYS A 59 -3.97 -2.57 5.52
N PRO A 60 -4.03 -3.60 6.35
CA PRO A 60 -4.38 -4.93 5.87
C PRO A 60 -5.86 -5.01 5.50
N VAL A 61 -6.20 -5.81 4.51
CA VAL A 61 -7.58 -5.97 4.16
C VAL A 61 -8.21 -6.95 5.13
N GLU A 62 -8.90 -6.43 6.09
CA GLU A 62 -9.57 -7.26 7.04
C GLU A 62 -10.90 -7.65 6.47
N GLU A 63 -11.10 -8.92 6.31
CA GLU A 63 -12.33 -9.42 5.74
C GLU A 63 -13.21 -9.98 6.83
N GLY A 64 -12.77 -9.83 8.01
CA GLY A 64 -13.42 -10.32 9.16
C GLY A 64 -12.50 -10.19 10.31
C1 DA2 B . -8.57 4.49 -5.19
C2 DA2 B . -7.70 5.04 -7.46
N DA2 B . -9.34 5.71 -13.10
CA DA2 B . -10.13 6.65 -12.31
CB DA2 B . -10.38 6.10 -10.90
CG DA2 B . -11.14 7.06 -9.96
CD DA2 B . -11.40 6.39 -8.65
NE DA2 B . -10.16 5.88 -8.07
CZ DA2 B . -9.99 5.42 -6.87
NH2 DA2 B . -10.98 5.36 -6.01
NH1 DA2 B . -8.80 5.01 -6.52
C DA2 B . -9.37 7.93 -12.23
O DA2 B . -9.88 8.97 -12.67
OXT DA2 B . -8.22 7.91 -11.78
H2 DA2 B . -8.42 5.56 -12.64
H3 DA2 B . -9.16 6.13 -14.03
HC11 DA2 B . -7.53 4.29 -5.04
HC12 DA2 B . -8.91 5.20 -4.46
HC13 DA2 B . -9.13 3.57 -5.07
HC21 DA2 B . -8.01 4.60 -8.40
HC22 DA2 B . -7.39 6.06 -7.63
HC23 DA2 B . -6.87 4.48 -7.07
H DA2 B . -9.81 4.79 -13.23
HA DA2 B . -11.07 6.82 -12.82
HCB1 DA2 B . -9.44 5.87 -10.45
HCB2 DA2 B . -10.96 5.19 -10.98
HCG1 DA2 B . -12.07 7.36 -10.40
HCG2 DA2 B . -10.50 7.91 -9.75
HCD1 DA2 B . -12.07 5.55 -8.80
HCD2 DA2 B . -11.84 7.09 -7.96
HNE DA2 B . -9.37 5.91 -8.65
HNH2 DA2 B . -11.90 5.68 -6.22
HH1 DA2 B . -10.79 4.99 -5.11
N ALA A 1 17.43 -2.90 7.19
CA ALA A 1 18.12 -2.88 8.47
C ALA A 1 18.15 -1.48 9.07
N SER A 2 18.60 -0.48 8.28
CA SER A 2 18.67 0.88 8.76
C SER A 2 17.24 1.43 8.88
N THR A 3 16.42 0.93 8.02
CA THR A 3 15.05 1.24 8.03
C THR A 3 14.32 -0.07 8.23
N GLN A 4 13.36 -0.08 9.09
CA GLN A 4 12.57 -1.23 9.35
C GLN A 4 11.13 -0.95 8.95
N PRO A 5 10.49 -1.84 8.20
CA PRO A 5 9.10 -1.67 7.82
C PRO A 5 8.18 -1.74 9.03
N THR A 6 7.23 -0.84 9.09
CA THR A 6 6.33 -0.74 10.22
C THR A 6 5.29 -1.88 10.20
N HIS A 7 5.07 -2.43 9.03
CA HIS A 7 4.13 -3.49 8.83
C HIS A 7 4.78 -4.44 7.83
N SER A 8 4.63 -5.72 8.02
CA SER A 8 5.20 -6.67 7.11
C SER A 8 4.30 -6.83 5.89
N TRP A 9 4.71 -6.26 4.81
CA TRP A 9 4.00 -6.36 3.56
C TRP A 9 4.79 -7.15 2.58
N LYS A 10 4.11 -7.79 1.68
CA LYS A 10 4.75 -8.52 0.63
C LYS A 10 4.08 -8.22 -0.71
N VAL A 11 4.85 -8.38 -1.76
CA VAL A 11 4.38 -8.17 -3.12
C VAL A 11 3.27 -9.16 -3.47
N GLY A 12 2.28 -8.71 -4.20
CA GLY A 12 1.20 -9.56 -4.62
C GLY A 12 0.17 -9.77 -3.55
N ASP A 13 0.05 -8.80 -2.67
CA ASP A 13 -0.91 -8.86 -1.59
C ASP A 13 -1.82 -7.68 -1.60
N LYS A 14 -2.99 -7.88 -1.05
CA LYS A 14 -3.98 -6.89 -0.94
C LYS A 14 -3.85 -6.15 0.34
N CYS A 15 -4.05 -4.91 0.23
CA CYS A 15 -3.99 -4.03 1.33
C CYS A 15 -4.98 -2.94 1.07
N MET A 16 -5.14 -2.09 2.00
CA MET A 16 -5.97 -0.96 1.83
C MET A 16 -5.06 0.20 1.81
N ALA A 17 -5.20 1.02 0.84
CA ALA A 17 -4.32 2.12 0.67
C ALA A 17 -5.10 3.38 0.65
N VAL A 18 -4.50 4.41 1.14
CA VAL A 18 -5.11 5.70 1.14
C VAL A 18 -4.84 6.36 -0.18
N TRP A 19 -5.90 6.59 -0.92
CA TRP A 19 -5.84 7.20 -2.22
C TRP A 19 -5.33 8.60 -2.06
N SER A 20 -4.24 8.90 -2.70
CA SER A 20 -3.59 10.19 -2.58
C SER A 20 -4.49 11.32 -3.09
N GLU A 21 -5.46 10.99 -3.91
CA GLU A 21 -6.32 11.99 -4.48
C GLU A 21 -7.48 12.37 -3.55
N ASP A 22 -8.10 11.39 -2.92
CA ASP A 22 -9.28 11.70 -2.09
C ASP A 22 -8.97 11.54 -0.62
N GLY A 23 -7.88 10.86 -0.32
CA GLY A 23 -7.47 10.71 1.05
C GLY A 23 -8.23 9.63 1.78
N GLN A 24 -9.02 8.86 1.05
CA GLN A 24 -9.74 7.76 1.67
C GLN A 24 -9.05 6.45 1.35
N CYS A 25 -9.34 5.42 2.09
CA CYS A 25 -8.73 4.14 1.87
C CYS A 25 -9.54 3.28 0.89
N TYR A 26 -8.85 2.63 -0.01
CA TYR A 26 -9.40 1.76 -1.02
C TYR A 26 -8.56 0.50 -1.11
N GLU A 27 -9.12 -0.56 -1.64
CA GLU A 27 -8.41 -1.82 -1.72
C GLU A 27 -7.38 -1.74 -2.84
N ALA A 28 -6.16 -2.07 -2.54
CA ALA A 28 -5.10 -2.00 -3.49
C ALA A 28 -4.16 -3.16 -3.32
N GLU A 29 -3.52 -3.55 -4.38
CA GLU A 29 -2.59 -4.65 -4.37
C GLU A 29 -1.18 -4.14 -4.57
N ILE A 30 -0.29 -4.64 -3.75
CA ILE A 30 1.12 -4.28 -3.79
C ILE A 30 1.83 -4.91 -4.98
N GLU A 31 2.44 -4.06 -5.76
CA GLU A 31 3.17 -4.44 -6.94
C GLU A 31 4.67 -4.47 -6.65
N GLU A 32 5.13 -3.54 -5.86
CA GLU A 32 6.53 -3.41 -5.57
C GLU A 32 6.72 -2.78 -4.20
N ILE A 33 7.74 -3.22 -3.48
CA ILE A 33 8.03 -2.68 -2.17
C ILE A 33 9.45 -2.16 -2.12
N ASP A 34 9.65 -1.05 -1.47
CA ASP A 34 10.94 -0.53 -1.19
C ASP A 34 11.03 -0.33 0.30
N GLU A 35 11.55 -1.32 0.99
CA GLU A 35 11.64 -1.30 2.44
C GLU A 35 12.57 -0.22 2.98
N GLU A 36 13.51 0.23 2.15
CA GLU A 36 14.47 1.22 2.56
C GLU A 36 13.74 2.56 2.79
N ASN A 37 12.86 2.91 1.90
CA ASN A 37 12.08 4.12 2.03
C ASN A 37 10.77 3.83 2.72
N GLY A 38 10.49 2.56 2.89
CA GLY A 38 9.29 2.10 3.53
C GLY A 38 8.07 2.40 2.68
N THR A 39 8.20 2.24 1.39
CA THR A 39 7.13 2.57 0.52
C THR A 39 6.78 1.40 -0.36
N ALA A 40 5.57 1.37 -0.83
CA ALA A 40 5.15 0.34 -1.72
C ALA A 40 4.32 0.90 -2.83
N ALA A 41 4.45 0.32 -3.96
CA ALA A 41 3.68 0.67 -5.09
C ALA A 41 2.51 -0.23 -5.14
N ILE A 42 1.37 0.34 -5.11
CA ILE A 42 0.16 -0.40 -5.05
C ILE A 42 -0.77 -0.02 -6.18
N THR A 43 -1.60 -0.93 -6.56
CA THR A 43 -2.58 -0.71 -7.58
C THR A 43 -3.98 -0.93 -7.01
N PHE A 44 -4.78 0.11 -7.08
CA PHE A 44 -6.14 0.10 -6.58
C PHE A 44 -7.01 -0.83 -7.39
N ALA A 45 -7.62 -1.74 -6.69
CA ALA A 45 -8.41 -2.80 -7.27
C ALA A 45 -9.68 -2.27 -7.92
N GLY A 46 -9.90 -2.67 -9.15
CA GLY A 46 -11.08 -2.27 -9.87
C GLY A 46 -10.84 -1.07 -10.75
N TYR A 47 -10.08 -0.12 -10.22
CA TYR A 47 -9.79 1.09 -10.95
C TYR A 47 -8.57 0.90 -11.83
N GLY A 48 -7.59 0.20 -11.30
CA GLY A 48 -6.37 -0.04 -12.03
C GLY A 48 -5.39 1.09 -11.87
N ASN A 49 -5.65 1.98 -10.93
CA ASN A 49 -4.74 3.09 -10.65
C ASN A 49 -3.63 2.62 -9.79
N ALA A 50 -2.52 3.27 -9.86
CA ALA A 50 -1.37 2.85 -9.12
C ALA A 50 -0.59 4.02 -8.61
N GLU A 51 -0.13 3.92 -7.40
CA GLU A 51 0.63 4.97 -6.80
C GLU A 51 1.64 4.37 -5.82
N VAL A 52 2.65 5.12 -5.50
CA VAL A 52 3.64 4.72 -4.52
C VAL A 52 3.26 5.37 -3.21
N THR A 53 2.92 4.58 -2.26
CA THR A 53 2.45 5.05 -0.99
C THR A 53 3.23 4.33 0.12
N PRO A 54 3.58 5.04 1.20
CA PRO A 54 4.33 4.45 2.29
C PRO A 54 3.56 3.33 2.96
N LEU A 55 4.29 2.35 3.48
CA LEU A 55 3.72 1.19 4.18
C LEU A 55 2.83 1.62 5.33
N LEU A 56 3.11 2.80 5.88
CA LEU A 56 2.32 3.36 6.98
C LEU A 56 0.89 3.69 6.52
N ASN A 57 0.73 3.89 5.21
CA ASN A 57 -0.57 4.22 4.65
C ASN A 57 -1.30 3.00 4.23
N LEU A 58 -0.58 1.91 4.18
CA LEU A 58 -1.18 0.66 3.85
C LEU A 58 -1.75 0.04 5.09
N LYS A 59 -2.98 -0.29 5.02
CA LYS A 59 -3.70 -0.88 6.10
C LYS A 59 -4.08 -2.27 5.67
N PRO A 60 -4.25 -3.21 6.59
CA PRO A 60 -4.67 -4.56 6.22
C PRO A 60 -6.13 -4.61 5.82
N VAL A 61 -6.46 -5.58 5.00
CA VAL A 61 -7.81 -5.76 4.54
C VAL A 61 -8.62 -6.50 5.62
N GLU A 62 -9.03 -5.76 6.60
CA GLU A 62 -9.78 -6.29 7.69
C GLU A 62 -11.28 -6.06 7.46
N GLU A 63 -11.93 -7.09 7.01
CA GLU A 63 -13.36 -7.07 6.72
C GLU A 63 -14.08 -8.16 7.51
N GLY A 64 -13.37 -8.73 8.41
CA GLY A 64 -13.86 -9.79 9.21
C GLY A 64 -13.03 -9.85 10.43
C1 DA2 B . -8.80 4.42 -5.35
C2 DA2 B . -7.91 4.87 -7.65
N DA2 B . -11.50 5.41 -12.99
CA DA2 B . -11.92 5.88 -11.71
CB DA2 B . -10.85 6.77 -11.09
CG DA2 B . -11.28 7.50 -9.84
CD DA2 B . -11.54 6.56 -8.69
NE DA2 B . -10.31 5.94 -8.22
CZ DA2 B . -10.14 5.47 -7.00
NH2 DA2 B . -11.10 5.51 -6.11
NH1 DA2 B . -9.00 4.94 -6.69
C DA2 B . -13.21 6.63 -11.89
O DA2 B . -14.23 6.24 -11.30
OXT DA2 B . -13.22 7.56 -12.70
H2 DA2 B . -11.44 6.23 -13.63
H3 DA2 B . -12.24 4.79 -13.37
HC11 DA2 B . -7.84 3.92 -5.29
HC12 DA2 B . -8.84 5.22 -4.64
HC13 DA2 B . -9.57 3.70 -5.13
HC21 DA2 B . -7.08 4.35 -7.23
HC22 DA2 B . -8.25 4.36 -8.55
HC23 DA2 B . -7.61 5.88 -7.92
H DA2 B . -10.60 4.89 -12.98
HA DA2 B . -12.11 5.04 -11.06
HCB1 DA2 B . -10.52 7.49 -11.83
HCB2 DA2 B . -10.03 6.12 -10.80
HCG1 DA2 B . -12.16 8.07 -10.05
HCG2 DA2 B . -10.46 8.14 -9.55
HCD1 DA2 B . -12.20 5.77 -9.02
HCD2 DA2 B . -11.99 7.11 -7.88
HNE DA2 B . -9.55 5.89 -8.82
HNH2 DA2 B . -12.00 5.91 -6.30
HH1 DA2 B . -10.91 5.14 -5.22
N ALA A 1 19.66 3.98 2.49
CA ALA A 1 18.82 4.21 3.64
C ALA A 1 17.94 3.00 3.85
N SER A 2 17.24 2.96 4.95
CA SER A 2 16.37 1.87 5.25
C SER A 2 15.28 2.34 6.18
N THR A 3 14.10 1.79 6.03
CA THR A 3 12.99 2.11 6.85
C THR A 3 12.40 0.82 7.35
N GLN A 4 12.41 0.63 8.62
CA GLN A 4 11.80 -0.51 9.24
C GLN A 4 10.30 -0.44 9.05
N PRO A 5 9.69 -1.50 8.49
CA PRO A 5 8.27 -1.50 8.20
C PRO A 5 7.42 -1.49 9.48
N THR A 6 6.41 -0.66 9.47
CA THR A 6 5.51 -0.55 10.58
C THR A 6 4.51 -1.72 10.52
N HIS A 7 4.33 -2.24 9.32
CA HIS A 7 3.49 -3.37 9.08
C HIS A 7 4.22 -4.19 8.03
N SER A 8 4.24 -5.48 8.18
CA SER A 8 4.93 -6.34 7.26
C SER A 8 4.06 -6.65 6.03
N TRP A 9 4.47 -6.14 4.91
CA TRP A 9 3.78 -6.31 3.67
C TRP A 9 4.64 -7.08 2.67
N LYS A 10 4.01 -7.79 1.76
CA LYS A 10 4.73 -8.47 0.72
C LYS A 10 4.07 -8.20 -0.62
N VAL A 11 4.82 -8.40 -1.67
CA VAL A 11 4.36 -8.19 -3.03
C VAL A 11 3.25 -9.18 -3.40
N GLY A 12 2.22 -8.69 -4.06
CA GLY A 12 1.13 -9.52 -4.50
C GLY A 12 0.08 -9.69 -3.45
N ASP A 13 0.02 -8.76 -2.52
CA ASP A 13 -0.93 -8.84 -1.43
C ASP A 13 -1.91 -7.74 -1.53
N LYS A 14 -3.06 -7.98 -0.99
CA LYS A 14 -4.08 -7.02 -0.92
C LYS A 14 -4.00 -6.27 0.36
N CYS A 15 -4.14 -5.01 0.23
CA CYS A 15 -4.11 -4.12 1.31
C CYS A 15 -5.05 -3.00 1.00
N MET A 16 -5.23 -2.12 1.89
CA MET A 16 -6.01 -0.98 1.61
C MET A 16 -5.11 0.19 1.69
N ALA A 17 -5.15 1.00 0.71
CA ALA A 17 -4.26 2.10 0.64
C ALA A 17 -5.05 3.36 0.63
N VAL A 18 -4.44 4.37 1.14
CA VAL A 18 -5.03 5.67 1.15
C VAL A 18 -4.71 6.35 -0.16
N TRP A 19 -5.74 6.61 -0.93
CA TRP A 19 -5.61 7.23 -2.22
C TRP A 19 -5.06 8.61 -2.02
N SER A 20 -3.95 8.91 -2.65
CA SER A 20 -3.29 10.20 -2.49
C SER A 20 -4.20 11.34 -2.97
N GLU A 21 -5.11 11.02 -3.87
CA GLU A 21 -5.97 12.02 -4.46
C GLU A 21 -7.13 12.42 -3.56
N ASP A 22 -7.75 11.46 -2.89
CA ASP A 22 -8.88 11.85 -2.04
C ASP A 22 -8.62 11.61 -0.58
N GLY A 23 -7.63 10.81 -0.29
CA GLY A 23 -7.28 10.57 1.10
C GLY A 23 -8.13 9.48 1.75
N GLN A 24 -8.96 8.84 0.97
CA GLN A 24 -9.78 7.74 1.47
C GLN A 24 -9.07 6.42 1.24
N CYS A 25 -9.48 5.39 1.94
CA CYS A 25 -8.84 4.10 1.80
C CYS A 25 -9.59 3.24 0.80
N TYR A 26 -8.84 2.59 -0.05
CA TYR A 26 -9.37 1.73 -1.10
C TYR A 26 -8.53 0.48 -1.17
N GLU A 27 -9.09 -0.59 -1.71
CA GLU A 27 -8.38 -1.84 -1.77
C GLU A 27 -7.34 -1.77 -2.88
N ALA A 28 -6.14 -2.06 -2.54
CA ALA A 28 -5.05 -2.00 -3.48
C ALA A 28 -4.13 -3.18 -3.30
N GLU A 29 -3.50 -3.57 -4.36
CA GLU A 29 -2.60 -4.68 -4.34
C GLU A 29 -1.18 -4.21 -4.55
N ILE A 30 -0.30 -4.71 -3.74
CA ILE A 30 1.12 -4.36 -3.78
C ILE A 30 1.81 -4.97 -4.99
N GLU A 31 2.41 -4.12 -5.76
CA GLU A 31 3.11 -4.49 -6.95
C GLU A 31 4.60 -4.60 -6.67
N GLU A 32 5.09 -3.70 -5.86
CA GLU A 32 6.48 -3.63 -5.55
C GLU A 32 6.63 -2.96 -4.20
N ILE A 33 7.69 -3.29 -3.49
CA ILE A 33 7.95 -2.69 -2.20
C ILE A 33 9.32 -2.06 -2.21
N ASP A 34 9.42 -0.89 -1.66
CA ASP A 34 10.67 -0.21 -1.49
C ASP A 34 10.91 -0.03 -0.02
N GLU A 35 11.66 -0.95 0.52
CA GLU A 35 11.99 -1.00 1.93
C GLU A 35 12.84 0.18 2.39
N GLU A 36 13.54 0.81 1.46
CA GLU A 36 14.37 1.94 1.77
C GLU A 36 13.52 3.10 2.24
N ASN A 37 12.46 3.38 1.53
CA ASN A 37 11.58 4.48 1.88
C ASN A 37 10.42 3.98 2.71
N GLY A 38 10.32 2.66 2.87
CA GLY A 38 9.20 2.06 3.57
C GLY A 38 7.93 2.33 2.80
N THR A 39 8.00 2.18 1.52
CA THR A 39 6.92 2.48 0.64
C THR A 39 6.63 1.30 -0.23
N ALA A 40 5.45 1.22 -0.71
CA ALA A 40 5.09 0.18 -1.62
C ALA A 40 4.28 0.75 -2.75
N ALA A 41 4.53 0.24 -3.91
CA ALA A 41 3.78 0.61 -5.06
C ALA A 41 2.61 -0.29 -5.12
N ILE A 42 1.47 0.29 -5.10
CA ILE A 42 0.26 -0.45 -5.06
C ILE A 42 -0.66 -0.06 -6.19
N THR A 43 -1.51 -0.96 -6.56
CA THR A 43 -2.46 -0.75 -7.59
C THR A 43 -3.87 -0.96 -7.04
N PHE A 44 -4.66 0.07 -7.11
CA PHE A 44 -6.02 0.05 -6.60
C PHE A 44 -6.87 -0.88 -7.42
N ALA A 45 -7.47 -1.82 -6.72
CA ALA A 45 -8.26 -2.86 -7.32
C ALA A 45 -9.49 -2.26 -7.96
N GLY A 46 -9.80 -2.70 -9.15
CA GLY A 46 -10.95 -2.24 -9.83
C GLY A 46 -10.65 -1.04 -10.68
N TYR A 47 -10.12 0.00 -10.06
CA TYR A 47 -9.78 1.23 -10.76
C TYR A 47 -8.57 1.04 -11.65
N GLY A 48 -7.59 0.35 -11.13
CA GLY A 48 -6.39 0.09 -11.88
C GLY A 48 -5.34 1.15 -11.70
N ASN A 49 -5.63 2.14 -10.85
CA ASN A 49 -4.66 3.20 -10.59
C ASN A 49 -3.53 2.68 -9.75
N ALA A 50 -2.41 3.34 -9.78
CA ALA A 50 -1.26 2.87 -9.06
C ALA A 50 -0.46 4.03 -8.54
N GLU A 51 -0.04 3.92 -7.31
CA GLU A 51 0.74 4.95 -6.69
C GLU A 51 1.73 4.33 -5.72
N VAL A 52 2.78 5.05 -5.41
CA VAL A 52 3.73 4.64 -4.41
C VAL A 52 3.28 5.25 -3.09
N THR A 53 2.91 4.44 -2.17
CA THR A 53 2.38 4.88 -0.91
C THR A 53 3.14 4.20 0.23
N PRO A 54 3.43 4.91 1.32
CA PRO A 54 4.17 4.36 2.43
C PRO A 54 3.41 3.22 3.08
N LEU A 55 4.14 2.25 3.58
CA LEU A 55 3.59 1.08 4.27
C LEU A 55 2.69 1.49 5.44
N LEU A 56 2.95 2.69 5.98
CA LEU A 56 2.16 3.23 7.08
C LEU A 56 0.74 3.57 6.62
N ASN A 57 0.55 3.72 5.31
CA ASN A 57 -0.76 4.04 4.75
C ASN A 57 -1.47 2.82 4.31
N LEU A 58 -0.75 1.73 4.24
CA LEU A 58 -1.35 0.48 3.89
C LEU A 58 -2.01 -0.13 5.10
N LYS A 59 -3.25 -0.44 4.96
CA LYS A 59 -4.04 -1.01 5.99
C LYS A 59 -4.41 -2.41 5.58
N PRO A 60 -4.68 -3.32 6.51
CA PRO A 60 -5.11 -4.66 6.18
C PRO A 60 -6.51 -4.63 5.58
N VAL A 61 -6.83 -5.60 4.77
CA VAL A 61 -8.14 -5.65 4.17
C VAL A 61 -9.11 -6.32 5.10
N GLU A 62 -9.84 -5.51 5.80
CA GLU A 62 -10.83 -5.96 6.73
C GLU A 62 -12.13 -6.17 5.99
N GLU A 63 -12.60 -7.40 5.96
CA GLU A 63 -13.85 -7.72 5.25
C GLU A 63 -15.03 -7.57 6.19
N GLY A 64 -14.73 -7.18 7.36
CA GLY A 64 -15.68 -7.02 8.41
C GLY A 64 -15.28 -5.84 9.22
C1 DA2 B . -8.55 4.54 -5.29
C2 DA2 B . -7.70 4.90 -7.60
N DA2 B . -9.07 6.10 -13.17
CA DA2 B . -9.83 7.05 -12.38
CB DA2 B . -10.21 6.44 -11.00
CG DA2 B . -10.83 7.42 -10.01
CD DA2 B . -11.18 6.73 -8.72
NE DA2 B . -10.02 6.06 -8.17
CZ DA2 B . -9.88 5.63 -6.95
NH2 DA2 B . -10.81 5.75 -6.05
NH1 DA2 B . -8.76 5.04 -6.63
C DA2 B . -8.99 8.26 -12.20
O DA2 B . -9.39 9.35 -12.61
OXT DA2 B . -7.85 8.12 -11.74
H2 DA2 B . -8.19 5.88 -12.66
H3 DA2 B . -8.82 6.54 -14.07
HC11 DA2 B . -7.52 4.24 -5.16
HC12 DA2 B . -8.80 5.31 -4.57
HC13 DA2 B . -9.20 3.69 -5.13
HC21 DA2 B . -8.03 4.25 -8.40
HC22 DA2 B . -7.43 5.87 -8.00
HC23 DA2 B . -6.83 4.45 -7.13
H DA2 B . -9.61 5.22 -13.34
HA DA2 B . -10.73 7.32 -12.91
HCB1 DA2 B . -9.30 6.04 -10.56
HCB2 DA2 B . -10.91 5.64 -11.17
HCG1 DA2 B . -11.72 7.85 -10.44
HCG2 DA2 B . -10.11 8.20 -9.79
HCD1 DA2 B . -11.96 6.00 -8.91
HCD2 DA2 B . -11.53 7.47 -8.01
HNE DA2 B . -9.24 5.93 -8.74
HNH2 DA2 B . -11.70 6.18 -6.23
HH1 DA2 B . -10.63 5.39 -5.13
N ALA A 1 16.31 0.41 5.99
CA ALA A 1 17.40 0.82 6.88
C ALA A 1 17.29 2.31 7.18
N SER A 2 17.07 3.10 6.14
CA SER A 2 16.82 4.52 6.29
C SER A 2 15.46 4.65 6.97
N THR A 3 14.55 3.85 6.48
CA THR A 3 13.27 3.65 7.07
C THR A 3 13.18 2.16 7.40
N GLN A 4 12.58 1.82 8.50
CA GLN A 4 12.37 0.46 8.86
C GLN A 4 10.85 0.25 8.82
N PRO A 5 10.37 -0.71 8.02
CA PRO A 5 8.92 -0.96 7.82
C PRO A 5 8.11 -1.06 9.11
N THR A 6 7.00 -0.36 9.12
CA THR A 6 6.13 -0.32 10.27
C THR A 6 5.19 -1.54 10.23
N HIS A 7 5.02 -2.08 9.05
CA HIS A 7 4.18 -3.21 8.82
C HIS A 7 4.91 -4.07 7.81
N SER A 8 4.88 -5.36 7.99
CA SER A 8 5.55 -6.23 7.07
C SER A 8 4.62 -6.57 5.91
N TRP A 9 4.94 -6.04 4.76
CA TRP A 9 4.17 -6.23 3.56
C TRP A 9 4.95 -7.06 2.56
N LYS A 10 4.26 -7.78 1.70
CA LYS A 10 4.91 -8.52 0.65
C LYS A 10 4.22 -8.24 -0.69
N VAL A 11 4.92 -8.51 -1.76
CA VAL A 11 4.41 -8.28 -3.11
C VAL A 11 3.22 -9.20 -3.42
N GLY A 12 2.22 -8.66 -4.09
CA GLY A 12 1.06 -9.45 -4.45
C GLY A 12 0.14 -9.66 -3.28
N ASP A 13 0.10 -8.68 -2.40
CA ASP A 13 -0.75 -8.79 -1.23
C ASP A 13 -1.89 -7.81 -1.37
N LYS A 14 -2.93 -8.05 -0.65
CA LYS A 14 -4.05 -7.17 -0.64
C LYS A 14 -3.91 -6.25 0.51
N CYS A 15 -4.07 -5.02 0.28
CA CYS A 15 -3.99 -4.06 1.32
C CYS A 15 -4.99 -2.98 1.03
N MET A 16 -5.15 -2.09 1.93
CA MET A 16 -5.96 -0.97 1.70
C MET A 16 -5.10 0.23 1.76
N ALA A 17 -5.18 1.05 0.80
CA ALA A 17 -4.34 2.18 0.73
C ALA A 17 -5.15 3.42 0.76
N VAL A 18 -4.58 4.44 1.29
CA VAL A 18 -5.21 5.72 1.33
C VAL A 18 -4.88 6.42 0.04
N TRP A 19 -5.89 6.65 -0.77
CA TRP A 19 -5.73 7.29 -2.04
C TRP A 19 -5.25 8.68 -1.78
N SER A 20 -4.10 9.02 -2.30
CA SER A 20 -3.49 10.31 -2.01
C SER A 20 -4.33 11.45 -2.59
N GLU A 21 -5.21 11.14 -3.51
CA GLU A 21 -6.00 12.16 -4.15
C GLU A 21 -7.26 12.51 -3.36
N ASP A 22 -7.95 11.52 -2.81
CA ASP A 22 -9.20 11.83 -2.06
C ASP A 22 -9.01 11.59 -0.57
N GLY A 23 -7.97 10.87 -0.24
CA GLY A 23 -7.65 10.66 1.16
C GLY A 23 -8.45 9.52 1.78
N GLN A 24 -9.23 8.84 0.99
CA GLN A 24 -10.00 7.72 1.50
C GLN A 24 -9.26 6.42 1.27
N CYS A 25 -9.62 5.40 1.98
CA CYS A 25 -8.96 4.12 1.83
C CYS A 25 -9.70 3.24 0.82
N TYR A 26 -8.92 2.61 -0.03
CA TYR A 26 -9.42 1.74 -1.08
C TYR A 26 -8.57 0.48 -1.14
N GLU A 27 -9.11 -0.58 -1.68
CA GLU A 27 -8.41 -1.84 -1.77
C GLU A 27 -7.36 -1.77 -2.87
N ALA A 28 -6.19 -2.20 -2.56
CA ALA A 28 -5.08 -2.15 -3.48
C ALA A 28 -4.19 -3.36 -3.31
N GLU A 29 -3.44 -3.66 -4.33
CA GLU A 29 -2.53 -4.77 -4.31
C GLU A 29 -1.13 -4.28 -4.55
N ILE A 30 -0.21 -4.76 -3.75
CA ILE A 30 1.20 -4.38 -3.82
C ILE A 30 1.90 -4.96 -5.05
N GLU A 31 2.50 -4.08 -5.80
CA GLU A 31 3.22 -4.39 -7.02
C GLU A 31 4.71 -4.48 -6.77
N GLU A 32 5.21 -3.54 -5.99
CA GLU A 32 6.62 -3.40 -5.73
C GLU A 32 6.77 -2.85 -4.34
N ILE A 33 7.77 -3.27 -3.63
CA ILE A 33 8.03 -2.75 -2.30
C ILE A 33 9.42 -2.16 -2.24
N ASP A 34 9.54 -1.04 -1.58
CA ASP A 34 10.81 -0.43 -1.30
C ASP A 34 10.88 -0.28 0.21
N GLU A 35 11.45 -1.27 0.89
CA GLU A 35 11.53 -1.27 2.35
C GLU A 35 12.42 -0.14 2.87
N GLU A 36 13.33 0.30 2.03
CA GLU A 36 14.30 1.32 2.39
C GLU A 36 13.58 2.62 2.71
N ASN A 37 12.65 2.98 1.85
CA ASN A 37 11.87 4.19 2.06
C ASN A 37 10.57 3.88 2.76
N GLY A 38 10.35 2.59 2.97
CA GLY A 38 9.13 2.13 3.59
C GLY A 38 7.94 2.44 2.72
N THR A 39 8.07 2.21 1.45
CA THR A 39 7.03 2.51 0.51
C THR A 39 6.73 1.32 -0.35
N ALA A 40 5.55 1.26 -0.87
CA ALA A 40 5.19 0.23 -1.78
C ALA A 40 4.34 0.81 -2.88
N ALA A 41 4.51 0.28 -4.06
CA ALA A 41 3.71 0.64 -5.17
C ALA A 41 2.55 -0.28 -5.19
N ILE A 42 1.39 0.26 -5.20
CA ILE A 42 0.19 -0.51 -5.12
C ILE A 42 -0.77 -0.15 -6.22
N THR A 43 -1.58 -1.08 -6.59
CA THR A 43 -2.58 -0.88 -7.62
C THR A 43 -3.97 -1.02 -7.02
N PHE A 44 -4.74 0.02 -7.11
CA PHE A 44 -6.08 0.04 -6.58
C PHE A 44 -7.00 -0.86 -7.38
N ALA A 45 -7.64 -1.74 -6.67
CA ALA A 45 -8.51 -2.75 -7.23
C ALA A 45 -9.68 -2.14 -7.96
N GLY A 46 -9.90 -2.56 -9.19
CA GLY A 46 -11.02 -2.09 -9.95
C GLY A 46 -10.69 -0.86 -10.77
N TYR A 47 -10.04 0.11 -10.16
CA TYR A 47 -9.70 1.34 -10.83
C TYR A 47 -8.48 1.16 -11.72
N GLY A 48 -7.57 0.32 -11.29
CA GLY A 48 -6.38 0.05 -12.06
C GLY A 48 -5.30 1.08 -11.84
N ASN A 49 -5.58 2.06 -10.99
CA ASN A 49 -4.62 3.12 -10.68
C ASN A 49 -3.52 2.57 -9.84
N ALA A 50 -2.36 3.13 -9.98
CA ALA A 50 -1.21 2.64 -9.26
C ALA A 50 -0.37 3.79 -8.76
N GLU A 51 0.00 3.72 -7.50
CA GLU A 51 0.79 4.77 -6.90
C GLU A 51 1.76 4.20 -5.90
N VAL A 52 2.78 4.97 -5.58
CA VAL A 52 3.75 4.60 -4.59
C VAL A 52 3.32 5.26 -3.31
N THR A 53 3.01 4.47 -2.34
CA THR A 53 2.52 4.95 -1.10
C THR A 53 3.29 4.30 0.02
N PRO A 54 3.60 5.04 1.09
CA PRO A 54 4.32 4.51 2.21
C PRO A 54 3.54 3.40 2.89
N LEU A 55 4.25 2.43 3.41
CA LEU A 55 3.66 1.28 4.11
C LEU A 55 2.75 1.72 5.26
N LEU A 56 3.01 2.91 5.79
CA LEU A 56 2.19 3.48 6.85
C LEU A 56 0.77 3.79 6.34
N ASN A 57 0.64 3.97 5.04
CA ASN A 57 -0.64 4.28 4.43
C ASN A 57 -1.35 3.03 4.03
N LEU A 58 -0.64 1.95 4.04
CA LEU A 58 -1.22 0.68 3.75
C LEU A 58 -1.79 0.10 5.03
N LYS A 59 -3.02 -0.25 4.96
CA LYS A 59 -3.73 -0.84 6.05
C LYS A 59 -4.07 -2.26 5.64
N PRO A 60 -4.22 -3.17 6.58
CA PRO A 60 -4.61 -4.53 6.25
C PRO A 60 -6.08 -4.57 5.86
N VAL A 61 -6.43 -5.52 5.02
CA VAL A 61 -7.79 -5.61 4.56
C VAL A 61 -8.68 -6.20 5.63
N GLU A 62 -9.41 -5.34 6.30
CA GLU A 62 -10.36 -5.75 7.29
C GLU A 62 -11.60 -6.34 6.62
N GLU A 63 -11.70 -7.64 6.66
CA GLU A 63 -12.75 -8.36 5.97
C GLU A 63 -13.88 -8.72 6.92
N GLY A 64 -13.78 -8.22 8.10
CA GLY A 64 -14.75 -8.50 9.10
C GLY A 64 -14.86 -7.34 10.03
C1 DA2 B . -8.49 4.60 -5.29
C2 DA2 B . -7.49 5.16 -7.52
N DA2 B . -9.02 6.14 -13.18
CA DA2 B . -9.71 7.13 -12.36
CB DA2 B . -10.02 6.53 -10.98
CG DA2 B . -10.71 7.49 -10.02
CD DA2 B . -11.04 6.80 -8.74
NE DA2 B . -9.87 6.20 -8.16
CZ DA2 B . -9.77 5.69 -6.97
NH2 DA2 B . -10.79 5.68 -6.14
NH1 DA2 B . -8.63 5.18 -6.60
C DA2 B . -8.84 8.35 -12.24
O DA2 B . -9.27 9.43 -12.64
OXT DA2 B . -7.68 8.20 -11.80
H2 DA2 B . -9.57 5.26 -13.30
H3 DA2 B . -8.08 5.95 -12.79
HC11 DA2 B . -9.15 3.75 -5.20
HC12 DA2 B . -7.47 4.28 -5.13
HC13 DA2 B . -8.75 5.34 -4.55
HC21 DA2 B . -7.09 6.16 -7.60
HC22 DA2 B . -6.73 4.49 -7.14
HC23 DA2 B . -7.83 4.82 -8.49
H DA2 B . -8.88 6.57 -14.12
HA DA2 B . -10.63 7.39 -12.85
HCB1 DA2 B . -9.09 6.22 -10.54
HCB2 DA2 B . -10.65 5.67 -11.10
HCG1 DA2 B . -11.60 7.88 -10.47
HCG2 DA2 B . -10.03 8.31 -9.78
HCD1 DA2 B . -11.77 6.04 -8.94
HCD2 DA2 B . -11.45 7.53 -8.04
HNE DA2 B . -9.05 6.18 -8.70
HNH2 DA2 B . -11.69 6.05 -6.36
HH1 DA2 B . -10.64 5.27 -5.24
N ALA A 1 16.51 3.50 4.87
CA ALA A 1 16.69 4.89 5.27
C ALA A 1 16.32 4.99 6.72
N SER A 2 16.46 6.15 7.31
CA SER A 2 16.11 6.34 8.69
C SER A 2 14.59 6.49 8.80
N THR A 3 13.91 5.37 8.89
CA THR A 3 12.49 5.30 9.01
C THR A 3 12.17 3.89 9.47
N GLN A 4 11.21 3.74 10.33
CA GLN A 4 10.90 2.45 10.85
C GLN A 4 9.48 2.04 10.47
N PRO A 5 9.33 0.98 9.66
CA PRO A 5 8.04 0.44 9.26
C PRO A 5 7.20 -0.01 10.47
N THR A 6 5.91 0.11 10.34
CA THR A 6 5.01 -0.25 11.41
C THR A 6 4.21 -1.51 11.04
N HIS A 7 4.23 -1.88 9.78
CA HIS A 7 3.47 -3.01 9.33
C HIS A 7 4.30 -3.75 8.28
N SER A 8 4.24 -5.05 8.31
CA SER A 8 4.97 -5.88 7.38
C SER A 8 4.09 -6.22 6.17
N TRP A 9 4.54 -5.83 5.01
CA TRP A 9 3.82 -6.04 3.77
C TRP A 9 4.66 -6.84 2.79
N LYS A 10 4.00 -7.57 1.92
CA LYS A 10 4.66 -8.33 0.90
C LYS A 10 3.98 -8.11 -0.45
N VAL A 11 4.73 -8.28 -1.50
CA VAL A 11 4.26 -8.14 -2.87
C VAL A 11 3.18 -9.20 -3.18
N GLY A 12 2.16 -8.80 -3.93
CA GLY A 12 1.11 -9.71 -4.32
C GLY A 12 0.07 -9.85 -3.25
N ASP A 13 0.03 -8.89 -2.37
CA ASP A 13 -0.92 -8.90 -1.29
C ASP A 13 -1.85 -7.77 -1.41
N LYS A 14 -3.05 -7.95 -0.90
CA LYS A 14 -3.99 -6.93 -0.88
C LYS A 14 -3.89 -6.15 0.39
N CYS A 15 -4.09 -4.90 0.24
CA CYS A 15 -4.04 -3.98 1.32
C CYS A 15 -4.99 -2.87 0.99
N MET A 16 -5.16 -1.96 1.87
CA MET A 16 -5.94 -0.82 1.59
C MET A 16 -5.06 0.37 1.64
N ALA A 17 -5.14 1.17 0.66
CA ALA A 17 -4.30 2.30 0.56
C ALA A 17 -5.14 3.54 0.55
N VAL A 18 -4.61 4.57 1.07
CA VAL A 18 -5.27 5.84 1.13
C VAL A 18 -5.02 6.56 -0.17
N TRP A 19 -6.08 6.83 -0.88
CA TRP A 19 -5.97 7.52 -2.13
C TRP A 19 -5.50 8.91 -1.86
N SER A 20 -4.39 9.27 -2.41
CA SER A 20 -3.80 10.56 -2.23
C SER A 20 -4.74 11.69 -2.66
N GLU A 21 -5.58 11.38 -3.59
CA GLU A 21 -6.49 12.35 -4.16
C GLU A 21 -7.69 12.64 -3.26
N ASP A 22 -8.27 11.62 -2.66
CA ASP A 22 -9.49 11.86 -1.87
C ASP A 22 -9.25 11.61 -0.39
N GLY A 23 -8.17 10.93 -0.08
CA GLY A 23 -7.84 10.68 1.31
C GLY A 23 -8.58 9.50 1.90
N GLN A 24 -9.36 8.82 1.07
CA GLN A 24 -10.10 7.66 1.53
C GLN A 24 -9.31 6.40 1.26
N CYS A 25 -9.66 5.35 1.94
CA CYS A 25 -8.99 4.09 1.78
C CYS A 25 -9.67 3.25 0.70
N TYR A 26 -8.88 2.65 -0.13
CA TYR A 26 -9.37 1.79 -1.20
C TYR A 26 -8.52 0.54 -1.26
N GLU A 27 -9.07 -0.52 -1.82
CA GLU A 27 -8.40 -1.80 -1.87
C GLU A 27 -7.35 -1.81 -2.99
N ALA A 28 -6.15 -2.09 -2.64
CA ALA A 28 -5.05 -2.07 -3.57
C ALA A 28 -4.14 -3.25 -3.38
N GLU A 29 -3.49 -3.65 -4.44
CA GLU A 29 -2.56 -4.74 -4.40
C GLU A 29 -1.15 -4.22 -4.53
N ILE A 30 -0.30 -4.73 -3.69
CA ILE A 30 1.11 -4.39 -3.70
C ILE A 30 1.83 -5.03 -4.88
N GLU A 31 2.35 -4.17 -5.71
CA GLU A 31 3.06 -4.56 -6.90
C GLU A 31 4.54 -4.66 -6.66
N GLU A 32 5.06 -3.76 -5.88
CA GLU A 32 6.46 -3.66 -5.61
C GLU A 32 6.62 -3.01 -4.26
N ILE A 33 7.66 -3.33 -3.56
CA ILE A 33 7.93 -2.72 -2.28
C ILE A 33 9.31 -2.12 -2.31
N ASP A 34 9.47 -1.00 -1.72
CA ASP A 34 10.75 -0.37 -1.57
C ASP A 34 10.97 -0.21 -0.08
N GLU A 35 11.59 -1.21 0.50
CA GLU A 35 11.85 -1.22 1.94
C GLU A 35 12.83 -0.15 2.35
N GLU A 36 13.62 0.31 1.39
CA GLU A 36 14.60 1.36 1.62
C GLU A 36 13.90 2.63 2.11
N ASN A 37 12.83 3.00 1.45
CA ASN A 37 12.04 4.15 1.85
C ASN A 37 10.89 3.73 2.74
N GLY A 38 10.60 2.45 2.72
CA GLY A 38 9.49 1.91 3.46
C GLY A 38 8.20 2.21 2.76
N THR A 39 8.23 2.15 1.46
CA THR A 39 7.11 2.48 0.64
C THR A 39 6.80 1.32 -0.26
N ALA A 40 5.60 1.26 -0.73
CA ALA A 40 5.23 0.23 -1.63
C ALA A 40 4.41 0.79 -2.77
N ALA A 41 4.55 0.19 -3.91
CA ALA A 41 3.80 0.56 -5.06
C ALA A 41 2.63 -0.34 -5.13
N ILE A 42 1.50 0.25 -5.13
CA ILE A 42 0.28 -0.49 -5.09
C ILE A 42 -0.61 -0.10 -6.24
N THR A 43 -1.44 -1.00 -6.62
CA THR A 43 -2.39 -0.78 -7.67
C THR A 43 -3.79 -1.00 -7.12
N PHE A 44 -4.61 0.03 -7.21
CA PHE A 44 -5.96 -0.01 -6.71
C PHE A 44 -6.80 -0.94 -7.55
N ALA A 45 -7.33 -1.95 -6.89
CA ALA A 45 -8.08 -2.99 -7.54
C ALA A 45 -9.37 -2.44 -8.10
N GLY A 46 -9.63 -2.76 -9.34
CA GLY A 46 -10.82 -2.30 -9.98
C GLY A 46 -10.57 -1.08 -10.81
N TYR A 47 -9.94 -0.08 -10.22
CA TYR A 47 -9.66 1.16 -10.92
C TYR A 47 -8.49 1.00 -11.85
N GLY A 48 -7.45 0.33 -11.38
CA GLY A 48 -6.27 0.13 -12.20
C GLY A 48 -5.24 1.21 -11.98
N ASN A 49 -5.52 2.12 -11.07
CA ASN A 49 -4.56 3.17 -10.75
C ASN A 49 -3.46 2.62 -9.90
N ALA A 50 -2.33 3.23 -9.95
CA ALA A 50 -1.19 2.76 -9.21
C ALA A 50 -0.41 3.91 -8.67
N GLU A 51 0.05 3.80 -7.44
CA GLU A 51 0.83 4.84 -6.83
C GLU A 51 1.77 4.27 -5.78
N VAL A 52 2.78 5.03 -5.40
CA VAL A 52 3.72 4.63 -4.38
C VAL A 52 3.29 5.24 -3.06
N THR A 53 3.03 4.42 -2.11
CA THR A 53 2.53 4.86 -0.83
C THR A 53 3.30 4.16 0.29
N PRO A 54 3.62 4.86 1.37
CA PRO A 54 4.37 4.29 2.47
C PRO A 54 3.59 3.19 3.14
N LEU A 55 4.30 2.20 3.62
CA LEU A 55 3.74 1.05 4.33
C LEU A 55 2.86 1.51 5.51
N LEU A 56 3.15 2.69 6.03
CA LEU A 56 2.40 3.27 7.14
C LEU A 56 0.97 3.65 6.70
N ASN A 57 0.78 3.82 5.41
CA ASN A 57 -0.52 4.20 4.86
C ASN A 57 -1.30 2.99 4.46
N LEU A 58 -0.62 1.89 4.30
CA LEU A 58 -1.26 0.66 3.94
C LEU A 58 -1.95 0.06 5.14
N LYS A 59 -3.20 -0.22 4.98
CA LYS A 59 -4.02 -0.78 6.01
C LYS A 59 -4.42 -2.18 5.56
N PRO A 60 -4.75 -3.09 6.47
CA PRO A 60 -5.20 -4.42 6.08
C PRO A 60 -6.64 -4.38 5.51
N VAL A 61 -6.93 -5.28 4.59
CA VAL A 61 -8.23 -5.33 3.94
C VAL A 61 -9.26 -5.94 4.86
N GLU A 62 -9.98 -5.12 5.53
CA GLU A 62 -10.99 -5.55 6.42
C GLU A 62 -12.33 -5.61 5.71
N GLU A 63 -12.87 -6.79 5.60
CA GLU A 63 -14.13 -6.98 4.92
C GLU A 63 -15.22 -7.27 5.94
N GLY A 64 -14.90 -7.02 7.18
CA GLY A 64 -15.79 -7.24 8.26
C GLY A 64 -15.06 -7.04 9.55
C1 DA2 B . -8.48 4.64 -5.35
C2 DA2 B . -7.53 5.07 -7.61
N DA2 B . -8.94 6.06 -13.32
CA DA2 B . -9.72 7.00 -12.52
CB DA2 B . -10.07 6.38 -11.15
CG DA2 B . -10.73 7.36 -10.20
CD DA2 B . -11.08 6.68 -8.90
NE DA2 B . -9.90 6.09 -8.29
CZ DA2 B . -9.79 5.65 -7.07
NH2 DA2 B . -10.80 5.71 -6.23
NH1 DA2 B . -8.65 5.14 -6.69
C DA2 B . -8.92 8.27 -12.32
O DA2 B . -9.39 9.35 -12.73
OXT DA2 B . -7.80 8.20 -11.77
H2 DA2 B . -8.65 6.54 -14.20
H3 DA2 B . -9.44 5.18 -13.56
HC11 DA2 B . -7.48 4.28 -5.21
HC12 DA2 B . -8.69 5.43 -4.64
HC13 DA2 B . -9.18 3.83 -5.18
HC21 DA2 B . -7.34 6.04 -8.03
HC22 DA2 B . -6.64 4.72 -7.10
HC23 DA2 B . -7.77 4.38 -8.41
H DA2 B . -8.05 5.83 -12.84
HA DA2 B . -10.64 7.22 -13.05
HCB1 DA2 B . -9.16 6.03 -10.71
HCB2 DA2 B . -10.74 5.55 -11.31
HCG1 DA2 B . -11.63 7.76 -10.63
HCG2 DA2 B . -10.05 8.15 -9.96
HCD1 DA2 B . -11.80 5.91 -9.08
HCD2 DA2 B . -11.49 7.42 -8.23
HNE DA2 B . -9.09 6.01 -8.85
HNH2 DA2 B . -11.69 6.09 -6.47
HH1 DA2 B . -10.67 5.34 -5.31
#